data_2HZR
# 
_entry.id   2HZR 
# 
_audit_conform.dict_name       mmcif_pdbx.dic 
_audit_conform.dict_version    5.399 
_audit_conform.dict_location   http://mmcif.pdb.org/dictionaries/ascii/mmcif_pdbx.dic 
# 
loop_
_database_2.database_id 
_database_2.database_code 
_database_2.pdbx_database_accession 
_database_2.pdbx_DOI 
PDB   2HZR         pdb_00002hzr 10.2210/pdb2hzr/pdb 
RCSB  RCSB038956   ?            ?                   
WWPDB D_1000038956 ?            ?                   
# 
loop_
_pdbx_audit_revision_history.ordinal 
_pdbx_audit_revision_history.data_content_type 
_pdbx_audit_revision_history.major_revision 
_pdbx_audit_revision_history.minor_revision 
_pdbx_audit_revision_history.revision_date 
1 'Structure model' 1 0 2007-08-14 
2 'Structure model' 1 1 2011-07-13 
3 'Structure model' 1 2 2021-10-20 
4 'Structure model' 1 3 2024-11-20 
# 
_pdbx_audit_revision_details.ordinal             1 
_pdbx_audit_revision_details.revision_ordinal    1 
_pdbx_audit_revision_details.data_content_type   'Structure model' 
_pdbx_audit_revision_details.provider            repository 
_pdbx_audit_revision_details.type                'Initial release' 
_pdbx_audit_revision_details.description         ? 
_pdbx_audit_revision_details.details             ? 
# 
loop_
_pdbx_audit_revision_group.ordinal 
_pdbx_audit_revision_group.revision_ordinal 
_pdbx_audit_revision_group.data_content_type 
_pdbx_audit_revision_group.group 
1 2 'Structure model' 'Version format compliance' 
2 3 'Structure model' 'Database references'       
3 3 'Structure model' 'Derived calculations'      
4 4 'Structure model' 'Data collection'           
5 4 'Structure model' 'Structure summary'         
# 
loop_
_pdbx_audit_revision_category.ordinal 
_pdbx_audit_revision_category.revision_ordinal 
_pdbx_audit_revision_category.data_content_type 
_pdbx_audit_revision_category.category 
1 3 'Structure model' database_2                
2 3 'Structure model' struct_conn               
3 3 'Structure model' struct_ref_seq_dif        
4 4 'Structure model' chem_comp_atom            
5 4 'Structure model' chem_comp_bond            
6 4 'Structure model' pdbx_entry_details        
7 4 'Structure model' pdbx_modification_feature 
# 
loop_
_pdbx_audit_revision_item.ordinal 
_pdbx_audit_revision_item.revision_ordinal 
_pdbx_audit_revision_item.data_content_type 
_pdbx_audit_revision_item.item 
1 3 'Structure model' '_database_2.pdbx_DOI'                
2 3 'Structure model' '_database_2.pdbx_database_accession' 
3 3 'Structure model' '_struct_conn.pdbx_leaving_atom_flag' 
4 3 'Structure model' '_struct_ref_seq_dif.details'         
# 
_pdbx_database_status.entry_id                        2HZR 
_pdbx_database_status.deposit_site                    RCSB 
_pdbx_database_status.process_site                    RCSB 
_pdbx_database_status.recvd_initial_deposition_date   2006-08-09 
_pdbx_database_status.status_code                     REL 
_pdbx_database_status.status_code_sf                  REL 
_pdbx_database_status.status_code_mr                  ? 
_pdbx_database_status.SG_entry                        ? 
_pdbx_database_status.pdb_format_compatible           Y 
_pdbx_database_status.status_code_cs                  ? 
_pdbx_database_status.status_code_nmr_data            ? 
_pdbx_database_status.methods_development_category    ? 
# 
_pdbx_database_related.db_name        PDB 
_pdbx_database_related.db_id          2HZQ 
_pdbx_database_related.details        . 
_pdbx_database_related.content_type   unspecified 
# 
loop_
_audit_author.name 
_audit_author.pdbx_ordinal 
'Eichinger, A.' 1 
'Skerra, A.'    2 
# 
_citation.id                        primary 
_citation.title                     
'Structural insight into the dual ligand specificity and mode of high density lipoprotein association of apolipoprotein d.' 
_citation.journal_abbrev            J.Biol.Chem. 
_citation.journal_volume            282 
_citation.page_first                31068 
_citation.page_last                 31075 
_citation.year                      2007 
_citation.journal_id_ASTM           JBCHA3 
_citation.country                   US 
_citation.journal_id_ISSN           0021-9258 
_citation.journal_id_CSD            0071 
_citation.book_publisher            ? 
_citation.pdbx_database_id_PubMed   17699160 
_citation.pdbx_database_id_DOI      10.1074/jbc.M703552200 
# 
loop_
_citation_author.citation_id 
_citation_author.name 
_citation_author.ordinal 
_citation_author.identifier_ORCID 
primary 'Eichinger, A.' 1 ? 
primary 'Nasreen, A.'   2 ? 
primary 'Kim, H.J.'     3 ? 
primary 'Skerra, A.'    4 ? 
# 
loop_
_entity.id 
_entity.type 
_entity.src_method 
_entity.pdbx_description 
_entity.formula_weight 
_entity.pdbx_number_of_molecules 
_entity.pdbx_ec 
_entity.pdbx_mutation 
_entity.pdbx_fragment 
_entity.details 
1 polymer man 'Apolipoprotein D' 19988.102 1   ? 'L23P, W99H, C116S, I118S, L120S, P133V, N134A' ? ? 
2 water   nat water              18.015    152 ? ?                                               ? ? 
# 
_entity_name_com.entity_id   1 
_entity_name_com.name        'Apo-D, ApoD' 
# 
_entity_poly.entity_id                      1 
_entity_poly.type                           'polypeptide(L)' 
_entity_poly.nstd_linkage                   no 
_entity_poly.nstd_monomer                   yes 
_entity_poly.pdbx_seq_one_letter_code       
;FHLGKCPNPPVQENFDVNKYPGRWYEIEKIPTTFENGRCIQANYSL(MSE)ENGKIKVLNQELRADGTVNQIEGEATPVN
LTEPAKLEVKFSWF(MSE)PSAPYHILATDYENYALVYSCTSISQSFHVDFAWILARNVALPPETVDSLKNILTSNNIDV
KK(MSE)TVTDQVNCPKLSAHHHHHH
;
_entity_poly.pdbx_seq_one_letter_code_can   
;FHLGKCPNPPVQENFDVNKYPGRWYEIEKIPTTFENGRCIQANYSLMENGKIKVLNQELRADGTVNQIEGEATPVNLTEP
AKLEVKFSWFMPSAPYHILATDYENYALVYSCTSISQSFHVDFAWILARNVALPPETVDSLKNILTSNNIDVKKMTVTDQ
VNCPKLSAHHHHHH
;
_entity_poly.pdbx_strand_id                 A 
_entity_poly.pdbx_target_identifier         ? 
# 
_pdbx_entity_nonpoly.entity_id   2 
_pdbx_entity_nonpoly.name        water 
_pdbx_entity_nonpoly.comp_id     HOH 
# 
loop_
_entity_poly_seq.entity_id 
_entity_poly_seq.num 
_entity_poly_seq.mon_id 
_entity_poly_seq.hetero 
1 1   PHE n 
1 2   HIS n 
1 3   LEU n 
1 4   GLY n 
1 5   LYS n 
1 6   CYS n 
1 7   PRO n 
1 8   ASN n 
1 9   PRO n 
1 10  PRO n 
1 11  VAL n 
1 12  GLN n 
1 13  GLU n 
1 14  ASN n 
1 15  PHE n 
1 16  ASP n 
1 17  VAL n 
1 18  ASN n 
1 19  LYS n 
1 20  TYR n 
1 21  PRO n 
1 22  GLY n 
1 23  ARG n 
1 24  TRP n 
1 25  TYR n 
1 26  GLU n 
1 27  ILE n 
1 28  GLU n 
1 29  LYS n 
1 30  ILE n 
1 31  PRO n 
1 32  THR n 
1 33  THR n 
1 34  PHE n 
1 35  GLU n 
1 36  ASN n 
1 37  GLY n 
1 38  ARG n 
1 39  CYS n 
1 40  ILE n 
1 41  GLN n 
1 42  ALA n 
1 43  ASN n 
1 44  TYR n 
1 45  SER n 
1 46  LEU n 
1 47  MSE n 
1 48  GLU n 
1 49  ASN n 
1 50  GLY n 
1 51  LYS n 
1 52  ILE n 
1 53  LYS n 
1 54  VAL n 
1 55  LEU n 
1 56  ASN n 
1 57  GLN n 
1 58  GLU n 
1 59  LEU n 
1 60  ARG n 
1 61  ALA n 
1 62  ASP n 
1 63  GLY n 
1 64  THR n 
1 65  VAL n 
1 66  ASN n 
1 67  GLN n 
1 68  ILE n 
1 69  GLU n 
1 70  GLY n 
1 71  GLU n 
1 72  ALA n 
1 73  THR n 
1 74  PRO n 
1 75  VAL n 
1 76  ASN n 
1 77  LEU n 
1 78  THR n 
1 79  GLU n 
1 80  PRO n 
1 81  ALA n 
1 82  LYS n 
1 83  LEU n 
1 84  GLU n 
1 85  VAL n 
1 86  LYS n 
1 87  PHE n 
1 88  SER n 
1 89  TRP n 
1 90  PHE n 
1 91  MSE n 
1 92  PRO n 
1 93  SER n 
1 94  ALA n 
1 95  PRO n 
1 96  TYR n 
1 97  HIS n 
1 98  ILE n 
1 99  LEU n 
1 100 ALA n 
1 101 THR n 
1 102 ASP n 
1 103 TYR n 
1 104 GLU n 
1 105 ASN n 
1 106 TYR n 
1 107 ALA n 
1 108 LEU n 
1 109 VAL n 
1 110 TYR n 
1 111 SER n 
1 112 CYS n 
1 113 THR n 
1 114 SER n 
1 115 ILE n 
1 116 SER n 
1 117 GLN n 
1 118 SER n 
1 119 PHE n 
1 120 HIS n 
1 121 VAL n 
1 122 ASP n 
1 123 PHE n 
1 124 ALA n 
1 125 TRP n 
1 126 ILE n 
1 127 LEU n 
1 128 ALA n 
1 129 ARG n 
1 130 ASN n 
1 131 VAL n 
1 132 ALA n 
1 133 LEU n 
1 134 PRO n 
1 135 PRO n 
1 136 GLU n 
1 137 THR n 
1 138 VAL n 
1 139 ASP n 
1 140 SER n 
1 141 LEU n 
1 142 LYS n 
1 143 ASN n 
1 144 ILE n 
1 145 LEU n 
1 146 THR n 
1 147 SER n 
1 148 ASN n 
1 149 ASN n 
1 150 ILE n 
1 151 ASP n 
1 152 VAL n 
1 153 LYS n 
1 154 LYS n 
1 155 MSE n 
1 156 THR n 
1 157 VAL n 
1 158 THR n 
1 159 ASP n 
1 160 GLN n 
1 161 VAL n 
1 162 ASN n 
1 163 CYS n 
1 164 PRO n 
1 165 LYS n 
1 166 LEU n 
1 167 SER n 
1 168 ALA n 
1 169 HIS n 
1 170 HIS n 
1 171 HIS n 
1 172 HIS n 
1 173 HIS n 
1 174 HIS n 
# 
_entity_src_gen.entity_id                          1 
_entity_src_gen.pdbx_src_id                        1 
_entity_src_gen.pdbx_alt_source_flag               sample 
_entity_src_gen.pdbx_seq_type                      ? 
_entity_src_gen.pdbx_beg_seq_num                   ? 
_entity_src_gen.pdbx_end_seq_num                   ? 
_entity_src_gen.gene_src_common_name               human 
_entity_src_gen.gene_src_genus                     Homo 
_entity_src_gen.pdbx_gene_src_gene                 APOD 
_entity_src_gen.gene_src_species                   ? 
_entity_src_gen.gene_src_strain                    ? 
_entity_src_gen.gene_src_tissue                    ? 
_entity_src_gen.gene_src_tissue_fraction           ? 
_entity_src_gen.gene_src_details                   ? 
_entity_src_gen.pdbx_gene_src_fragment             ? 
_entity_src_gen.pdbx_gene_src_scientific_name      'Homo sapiens' 
_entity_src_gen.pdbx_gene_src_ncbi_taxonomy_id     9606 
_entity_src_gen.pdbx_gene_src_variant              ? 
_entity_src_gen.pdbx_gene_src_cell_line            ? 
_entity_src_gen.pdbx_gene_src_atcc                 ? 
_entity_src_gen.pdbx_gene_src_organ                ? 
_entity_src_gen.pdbx_gene_src_organelle            ? 
_entity_src_gen.pdbx_gene_src_cell                 ? 
_entity_src_gen.pdbx_gene_src_cellular_location    ? 
_entity_src_gen.host_org_common_name               ? 
_entity_src_gen.pdbx_host_org_scientific_name      'Escherichia coli' 
_entity_src_gen.pdbx_host_org_ncbi_taxonomy_id     562 
_entity_src_gen.host_org_genus                     Escherichia 
_entity_src_gen.pdbx_host_org_gene                 ? 
_entity_src_gen.pdbx_host_org_organ                ? 
_entity_src_gen.host_org_species                   ? 
_entity_src_gen.pdbx_host_org_tissue               ? 
_entity_src_gen.pdbx_host_org_tissue_fraction      ? 
_entity_src_gen.pdbx_host_org_strain               KS272 
_entity_src_gen.pdbx_host_org_variant              ? 
_entity_src_gen.pdbx_host_org_cell_line            ? 
_entity_src_gen.pdbx_host_org_atcc                 ? 
_entity_src_gen.pdbx_host_org_culture_collection   ? 
_entity_src_gen.pdbx_host_org_cell                 ? 
_entity_src_gen.pdbx_host_org_organelle            ? 
_entity_src_gen.pdbx_host_org_cellular_location    ? 
_entity_src_gen.pdbx_host_org_vector_type          plasmid 
_entity_src_gen.pdbx_host_org_vector               ? 
_entity_src_gen.host_org_details                   ? 
_entity_src_gen.expression_system_id               ? 
_entity_src_gen.plasmid_name                       'pApoD27delta(QA)' 
_entity_src_gen.plasmid_details                    ? 
_entity_src_gen.pdbx_description                   ? 
# 
loop_
_chem_comp.id 
_chem_comp.type 
_chem_comp.mon_nstd_flag 
_chem_comp.name 
_chem_comp.pdbx_synonyms 
_chem_comp.formula 
_chem_comp.formula_weight 
ALA 'L-peptide linking' y ALANINE          ? 'C3 H7 N O2'     89.093  
ARG 'L-peptide linking' y ARGININE         ? 'C6 H15 N4 O2 1' 175.209 
ASN 'L-peptide linking' y ASPARAGINE       ? 'C4 H8 N2 O3'    132.118 
ASP 'L-peptide linking' y 'ASPARTIC ACID'  ? 'C4 H7 N O4'     133.103 
CYS 'L-peptide linking' y CYSTEINE         ? 'C3 H7 N O2 S'   121.158 
GLN 'L-peptide linking' y GLUTAMINE        ? 'C5 H10 N2 O3'   146.144 
GLU 'L-peptide linking' y 'GLUTAMIC ACID'  ? 'C5 H9 N O4'     147.129 
GLY 'peptide linking'   y GLYCINE          ? 'C2 H5 N O2'     75.067  
HIS 'L-peptide linking' y HISTIDINE        ? 'C6 H10 N3 O2 1' 156.162 
HOH non-polymer         . WATER            ? 'H2 O'           18.015  
ILE 'L-peptide linking' y ISOLEUCINE       ? 'C6 H13 N O2'    131.173 
LEU 'L-peptide linking' y LEUCINE          ? 'C6 H13 N O2'    131.173 
LYS 'L-peptide linking' y LYSINE           ? 'C6 H15 N2 O2 1' 147.195 
MET 'L-peptide linking' y METHIONINE       ? 'C5 H11 N O2 S'  149.211 
MSE 'L-peptide linking' n SELENOMETHIONINE ? 'C5 H11 N O2 Se' 196.106 
PHE 'L-peptide linking' y PHENYLALANINE    ? 'C9 H11 N O2'    165.189 
PRO 'L-peptide linking' y PROLINE          ? 'C5 H9 N O2'     115.130 
SER 'L-peptide linking' y SERINE           ? 'C3 H7 N O3'     105.093 
THR 'L-peptide linking' y THREONINE        ? 'C4 H9 N O3'     119.119 
TRP 'L-peptide linking' y TRYPTOPHAN       ? 'C11 H12 N2 O2'  204.225 
TYR 'L-peptide linking' y TYROSINE         ? 'C9 H11 N O3'    181.189 
VAL 'L-peptide linking' y VALINE           ? 'C5 H11 N O2'    117.146 
# 
loop_
_pdbx_poly_seq_scheme.asym_id 
_pdbx_poly_seq_scheme.entity_id 
_pdbx_poly_seq_scheme.seq_id 
_pdbx_poly_seq_scheme.mon_id 
_pdbx_poly_seq_scheme.ndb_seq_num 
_pdbx_poly_seq_scheme.pdb_seq_num 
_pdbx_poly_seq_scheme.auth_seq_num 
_pdbx_poly_seq_scheme.pdb_mon_id 
_pdbx_poly_seq_scheme.auth_mon_id 
_pdbx_poly_seq_scheme.pdb_strand_id 
_pdbx_poly_seq_scheme.pdb_ins_code 
_pdbx_poly_seq_scheme.hetero 
A 1 1   PHE 1   3   3   PHE PHE A . n 
A 1 2   HIS 2   4   4   HIS HIS A . n 
A 1 3   LEU 3   5   5   LEU LEU A . n 
A 1 4   GLY 4   6   6   GLY GLY A . n 
A 1 5   LYS 5   7   7   LYS LYS A . n 
A 1 6   CYS 6   8   8   CYS CYS A . n 
A 1 7   PRO 7   9   9   PRO PRO A . n 
A 1 8   ASN 8   10  10  ASN ASN A . n 
A 1 9   PRO 9   11  11  PRO PRO A . n 
A 1 10  PRO 10  12  12  PRO PRO A . n 
A 1 11  VAL 11  13  13  VAL VAL A . n 
A 1 12  GLN 12  14  14  GLN GLN A . n 
A 1 13  GLU 13  15  15  GLU GLU A . n 
A 1 14  ASN 14  16  16  ASN ASN A . n 
A 1 15  PHE 15  17  17  PHE PHE A . n 
A 1 16  ASP 16  18  18  ASP ASP A . n 
A 1 17  VAL 17  19  19  VAL VAL A . n 
A 1 18  ASN 18  20  20  ASN ASN A . n 
A 1 19  LYS 19  21  21  LYS LYS A . n 
A 1 20  TYR 20  22  22  TYR TYR A . n 
A 1 21  PRO 21  23  23  PRO PRO A . n 
A 1 22  GLY 22  24  24  GLY GLY A . n 
A 1 23  ARG 23  25  25  ARG ARG A . n 
A 1 24  TRP 24  26  26  TRP TRP A . n 
A 1 25  TYR 25  27  27  TYR TYR A . n 
A 1 26  GLU 26  28  28  GLU GLU A . n 
A 1 27  ILE 27  29  29  ILE ILE A . n 
A 1 28  GLU 28  30  30  GLU GLU A . n 
A 1 29  LYS 29  31  31  LYS LYS A . n 
A 1 30  ILE 30  32  32  ILE ILE A . n 
A 1 31  PRO 31  33  33  PRO PRO A . n 
A 1 32  THR 32  34  34  THR THR A . n 
A 1 33  THR 33  35  ?   ?   ?   A . n 
A 1 34  PHE 34  36  ?   ?   ?   A . n 
A 1 35  GLU 35  37  ?   ?   ?   A . n 
A 1 36  ASN 36  38  ?   ?   ?   A . n 
A 1 37  GLY 37  39  39  GLY GLY A . n 
A 1 38  ARG 38  40  40  ARG ARG A . n 
A 1 39  CYS 39  41  41  CYS CYS A . n 
A 1 40  ILE 40  42  42  ILE ILE A . n 
A 1 41  GLN 41  43  43  GLN GLN A . n 
A 1 42  ALA 42  44  44  ALA ALA A . n 
A 1 43  ASN 43  45  45  ASN ASN A . n 
A 1 44  TYR 44  46  46  TYR TYR A . n 
A 1 45  SER 45  47  47  SER SER A . n 
A 1 46  LEU 46  48  48  LEU LEU A . n 
A 1 47  MSE 47  49  49  MSE MSE A . n 
A 1 48  GLU 48  50  50  GLU GLU A . n 
A 1 49  ASN 49  51  ?   ?   ?   A . n 
A 1 50  GLY 50  52  52  GLY GLY A . n 
A 1 51  LYS 51  53  53  LYS LYS A . n 
A 1 52  ILE 52  54  54  ILE ILE A . n 
A 1 53  LYS 53  55  55  LYS LYS A . n 
A 1 54  VAL 54  56  56  VAL VAL A . n 
A 1 55  LEU 55  57  57  LEU LEU A . n 
A 1 56  ASN 56  58  58  ASN ASN A . n 
A 1 57  GLN 57  59  59  GLN GLN A . n 
A 1 58  GLU 58  60  60  GLU GLU A . n 
A 1 59  LEU 59  61  61  LEU LEU A . n 
A 1 60  ARG 60  62  62  ARG ARG A . n 
A 1 61  ALA 61  63  63  ALA ALA A . n 
A 1 62  ASP 62  64  64  ASP ASP A . n 
A 1 63  GLY 63  65  65  GLY GLY A . n 
A 1 64  THR 64  66  66  THR THR A . n 
A 1 65  VAL 65  67  67  VAL VAL A . n 
A 1 66  ASN 66  68  68  ASN ASN A . n 
A 1 67  GLN 67  69  69  GLN GLN A . n 
A 1 68  ILE 68  70  70  ILE ILE A . n 
A 1 69  GLU 69  71  71  GLU GLU A . n 
A 1 70  GLY 70  72  72  GLY GLY A . n 
A 1 71  GLU 71  73  73  GLU GLU A . n 
A 1 72  ALA 72  74  74  ALA ALA A . n 
A 1 73  THR 73  75  75  THR THR A . n 
A 1 74  PRO 74  76  76  PRO PRO A . n 
A 1 75  VAL 75  77  77  VAL VAL A . n 
A 1 76  ASN 76  78  78  ASN ASN A . n 
A 1 77  LEU 77  79  79  LEU LEU A . n 
A 1 78  THR 78  80  80  THR THR A . n 
A 1 79  GLU 79  81  81  GLU GLU A . n 
A 1 80  PRO 80  82  82  PRO PRO A . n 
A 1 81  ALA 81  83  83  ALA ALA A . n 
A 1 82  LYS 82  84  84  LYS LYS A . n 
A 1 83  LEU 83  85  85  LEU LEU A . n 
A 1 84  GLU 84  86  86  GLU GLU A . n 
A 1 85  VAL 85  87  87  VAL VAL A . n 
A 1 86  LYS 86  88  88  LYS LYS A . n 
A 1 87  PHE 87  89  89  PHE PHE A . n 
A 1 88  SER 88  90  90  SER SER A . n 
A 1 89  TRP 89  91  91  TRP TRP A . n 
A 1 90  PHE 90  92  92  PHE PHE A . n 
A 1 91  MSE 91  93  93  MSE MSE A . n 
A 1 92  PRO 92  94  94  PRO PRO A . n 
A 1 93  SER 93  95  95  SER SER A . n 
A 1 94  ALA 94  96  96  ALA ALA A . n 
A 1 95  PRO 95  97  97  PRO PRO A . n 
A 1 96  TYR 96  98  98  TYR TYR A . n 
A 1 97  HIS 97  99  99  HIS HIS A . n 
A 1 98  ILE 98  100 100 ILE ILE A . n 
A 1 99  LEU 99  101 101 LEU LEU A . n 
A 1 100 ALA 100 102 102 ALA ALA A . n 
A 1 101 THR 101 103 103 THR THR A . n 
A 1 102 ASP 102 104 104 ASP ASP A . n 
A 1 103 TYR 103 105 105 TYR TYR A . n 
A 1 104 GLU 104 106 106 GLU GLU A . n 
A 1 105 ASN 105 107 107 ASN ASN A . n 
A 1 106 TYR 106 108 108 TYR TYR A . n 
A 1 107 ALA 107 109 109 ALA ALA A . n 
A 1 108 LEU 108 110 110 LEU LEU A . n 
A 1 109 VAL 109 111 111 VAL VAL A . n 
A 1 110 TYR 110 112 112 TYR TYR A . n 
A 1 111 SER 111 113 113 SER SER A . n 
A 1 112 CYS 112 114 114 CYS CYS A . n 
A 1 113 THR 113 115 115 THR THR A . n 
A 1 114 SER 114 116 116 SER SER A . n 
A 1 115 ILE 115 117 117 ILE ILE A . n 
A 1 116 SER 116 118 118 SER SER A . n 
A 1 117 GLN 117 119 119 GLN GLN A . n 
A 1 118 SER 118 120 120 SER SER A . n 
A 1 119 PHE 119 121 121 PHE PHE A . n 
A 1 120 HIS 120 122 122 HIS HIS A . n 
A 1 121 VAL 121 123 123 VAL VAL A . n 
A 1 122 ASP 122 124 124 ASP ASP A . n 
A 1 123 PHE 123 125 125 PHE PHE A . n 
A 1 124 ALA 124 126 126 ALA ALA A . n 
A 1 125 TRP 125 127 127 TRP TRP A . n 
A 1 126 ILE 126 128 128 ILE ILE A . n 
A 1 127 LEU 127 129 129 LEU LEU A . n 
A 1 128 ALA 128 130 130 ALA ALA A . n 
A 1 129 ARG 129 131 131 ARG ARG A . n 
A 1 130 ASN 130 132 132 ASN ASN A . n 
A 1 131 VAL 131 133 133 VAL VAL A . n 
A 1 132 ALA 132 134 134 ALA ALA A . n 
A 1 133 LEU 133 135 135 LEU LEU A . n 
A 1 134 PRO 134 136 136 PRO PRO A . n 
A 1 135 PRO 135 137 137 PRO PRO A . n 
A 1 136 GLU 136 138 138 GLU GLU A . n 
A 1 137 THR 137 139 139 THR THR A . n 
A 1 138 VAL 138 140 140 VAL VAL A . n 
A 1 139 ASP 139 141 141 ASP ASP A . n 
A 1 140 SER 140 142 142 SER SER A . n 
A 1 141 LEU 141 143 143 LEU LEU A . n 
A 1 142 LYS 142 144 144 LYS LYS A . n 
A 1 143 ASN 143 145 145 ASN ASN A . n 
A 1 144 ILE 144 146 146 ILE ILE A . n 
A 1 145 LEU 145 147 147 LEU LEU A . n 
A 1 146 THR 146 148 148 THR THR A . n 
A 1 147 SER 147 149 149 SER SER A . n 
A 1 148 ASN 148 150 150 ASN ASN A . n 
A 1 149 ASN 149 151 151 ASN ASN A . n 
A 1 150 ILE 150 152 152 ILE ILE A . n 
A 1 151 ASP 151 153 153 ASP ASP A . n 
A 1 152 VAL 152 154 154 VAL VAL A . n 
A 1 153 LYS 153 155 155 LYS LYS A . n 
A 1 154 LYS 154 156 156 LYS LYS A . n 
A 1 155 MSE 155 157 157 MSE MSE A . n 
A 1 156 THR 156 158 158 THR THR A . n 
A 1 157 VAL 157 159 159 VAL VAL A . n 
A 1 158 THR 158 160 160 THR THR A . n 
A 1 159 ASP 159 161 161 ASP ASP A . n 
A 1 160 GLN 160 162 162 GLN GLN A . n 
A 1 161 VAL 161 163 163 VAL VAL A . n 
A 1 162 ASN 162 164 164 ASN ASN A . n 
A 1 163 CYS 163 165 165 CYS CYS A . n 
A 1 164 PRO 164 166 166 PRO PRO A . n 
A 1 165 LYS 165 167 167 LYS LYS A . n 
A 1 166 LEU 166 168 168 LEU LEU A . n 
A 1 167 SER 167 169 ?   ?   ?   A . n 
A 1 168 ALA 168 170 ?   ?   ?   A . n 
A 1 169 HIS 169 171 ?   ?   ?   A . n 
A 1 170 HIS 170 172 ?   ?   ?   A . n 
A 1 171 HIS 171 173 ?   ?   ?   A . n 
A 1 172 HIS 172 174 ?   ?   ?   A . n 
A 1 173 HIS 173 175 ?   ?   ?   A . n 
A 1 174 HIS 174 176 ?   ?   ?   A . n 
# 
loop_
_pdbx_nonpoly_scheme.asym_id 
_pdbx_nonpoly_scheme.entity_id 
_pdbx_nonpoly_scheme.mon_id 
_pdbx_nonpoly_scheme.ndb_seq_num 
_pdbx_nonpoly_scheme.pdb_seq_num 
_pdbx_nonpoly_scheme.auth_seq_num 
_pdbx_nonpoly_scheme.pdb_mon_id 
_pdbx_nonpoly_scheme.auth_mon_id 
_pdbx_nonpoly_scheme.pdb_strand_id 
_pdbx_nonpoly_scheme.pdb_ins_code 
B 2 HOH 1   177 1   HOH HOH A . 
B 2 HOH 2   178 2   HOH HOH A . 
B 2 HOH 3   179 3   HOH HOH A . 
B 2 HOH 4   180 4   HOH HOH A . 
B 2 HOH 5   181 5   HOH HOH A . 
B 2 HOH 6   182 6   HOH HOH A . 
B 2 HOH 7   183 7   HOH HOH A . 
B 2 HOH 8   184 8   HOH HOH A . 
B 2 HOH 9   185 9   HOH HOH A . 
B 2 HOH 10  186 10  HOH HOH A . 
B 2 HOH 11  187 11  HOH HOH A . 
B 2 HOH 12  188 12  HOH HOH A . 
B 2 HOH 13  189 13  HOH HOH A . 
B 2 HOH 14  190 14  HOH HOH A . 
B 2 HOH 15  191 15  HOH HOH A . 
B 2 HOH 16  192 16  HOH HOH A . 
B 2 HOH 17  193 17  HOH HOH A . 
B 2 HOH 18  194 18  HOH HOH A . 
B 2 HOH 19  195 19  HOH HOH A . 
B 2 HOH 20  196 20  HOH HOH A . 
B 2 HOH 21  197 21  HOH HOH A . 
B 2 HOH 22  198 22  HOH HOH A . 
B 2 HOH 23  199 23  HOH HOH A . 
B 2 HOH 24  200 24  HOH HOH A . 
B 2 HOH 25  201 25  HOH HOH A . 
B 2 HOH 26  202 26  HOH HOH A . 
B 2 HOH 27  203 27  HOH HOH A . 
B 2 HOH 28  204 28  HOH HOH A . 
B 2 HOH 29  205 29  HOH HOH A . 
B 2 HOH 30  206 30  HOH HOH A . 
B 2 HOH 31  207 31  HOH HOH A . 
B 2 HOH 32  208 32  HOH HOH A . 
B 2 HOH 33  209 33  HOH HOH A . 
B 2 HOH 34  210 34  HOH HOH A . 
B 2 HOH 35  211 35  HOH HOH A . 
B 2 HOH 36  212 36  HOH HOH A . 
B 2 HOH 37  213 37  HOH HOH A . 
B 2 HOH 38  214 38  HOH HOH A . 
B 2 HOH 39  215 39  HOH HOH A . 
B 2 HOH 40  216 40  HOH HOH A . 
B 2 HOH 41  217 41  HOH HOH A . 
B 2 HOH 42  218 42  HOH HOH A . 
B 2 HOH 43  219 43  HOH HOH A . 
B 2 HOH 44  220 44  HOH HOH A . 
B 2 HOH 45  221 45  HOH HOH A . 
B 2 HOH 46  222 46  HOH HOH A . 
B 2 HOH 47  223 47  HOH HOH A . 
B 2 HOH 48  224 48  HOH HOH A . 
B 2 HOH 49  225 49  HOH HOH A . 
B 2 HOH 50  226 50  HOH HOH A . 
B 2 HOH 51  227 51  HOH HOH A . 
B 2 HOH 52  228 52  HOH HOH A . 
B 2 HOH 53  229 53  HOH HOH A . 
B 2 HOH 54  230 54  HOH HOH A . 
B 2 HOH 55  231 55  HOH HOH A . 
B 2 HOH 56  232 56  HOH HOH A . 
B 2 HOH 57  233 57  HOH HOH A . 
B 2 HOH 58  234 58  HOH HOH A . 
B 2 HOH 59  235 59  HOH HOH A . 
B 2 HOH 60  236 60  HOH HOH A . 
B 2 HOH 61  237 61  HOH HOH A . 
B 2 HOH 62  238 62  HOH HOH A . 
B 2 HOH 63  239 63  HOH HOH A . 
B 2 HOH 64  240 64  HOH HOH A . 
B 2 HOH 65  241 65  HOH HOH A . 
B 2 HOH 66  242 66  HOH HOH A . 
B 2 HOH 67  243 67  HOH HOH A . 
B 2 HOH 68  244 68  HOH HOH A . 
B 2 HOH 69  245 69  HOH HOH A . 
B 2 HOH 70  246 70  HOH HOH A . 
B 2 HOH 71  247 71  HOH HOH A . 
B 2 HOH 72  248 72  HOH HOH A . 
B 2 HOH 73  249 73  HOH HOH A . 
B 2 HOH 74  250 74  HOH HOH A . 
B 2 HOH 75  251 75  HOH HOH A . 
B 2 HOH 76  252 76  HOH HOH A . 
B 2 HOH 77  253 77  HOH HOH A . 
B 2 HOH 78  254 78  HOH HOH A . 
B 2 HOH 79  255 79  HOH HOH A . 
B 2 HOH 80  256 80  HOH HOH A . 
B 2 HOH 81  257 81  HOH HOH A . 
B 2 HOH 82  258 82  HOH HOH A . 
B 2 HOH 83  259 83  HOH HOH A . 
B 2 HOH 84  260 84  HOH HOH A . 
B 2 HOH 85  261 85  HOH HOH A . 
B 2 HOH 86  262 86  HOH HOH A . 
B 2 HOH 87  263 87  HOH HOH A . 
B 2 HOH 88  264 88  HOH HOH A . 
B 2 HOH 89  265 89  HOH HOH A . 
B 2 HOH 90  266 90  HOH HOH A . 
B 2 HOH 91  267 91  HOH HOH A . 
B 2 HOH 92  268 92  HOH HOH A . 
B 2 HOH 93  269 93  HOH HOH A . 
B 2 HOH 94  270 94  HOH HOH A . 
B 2 HOH 95  271 95  HOH HOH A . 
B 2 HOH 96  272 96  HOH HOH A . 
B 2 HOH 97  273 97  HOH HOH A . 
B 2 HOH 98  274 98  HOH HOH A . 
B 2 HOH 99  275 99  HOH HOH A . 
B 2 HOH 100 276 100 HOH HOH A . 
B 2 HOH 101 277 101 HOH HOH A . 
B 2 HOH 102 278 102 HOH HOH A . 
B 2 HOH 103 279 103 HOH HOH A . 
B 2 HOH 104 280 104 HOH HOH A . 
B 2 HOH 105 281 105 HOH HOH A . 
B 2 HOH 106 282 106 HOH HOH A . 
B 2 HOH 107 283 107 HOH HOH A . 
B 2 HOH 108 284 108 HOH HOH A . 
B 2 HOH 109 285 109 HOH HOH A . 
B 2 HOH 110 286 110 HOH HOH A . 
B 2 HOH 111 287 111 HOH HOH A . 
B 2 HOH 112 288 112 HOH HOH A . 
B 2 HOH 113 289 113 HOH HOH A . 
B 2 HOH 114 290 114 HOH HOH A . 
B 2 HOH 115 291 115 HOH HOH A . 
B 2 HOH 116 292 116 HOH HOH A . 
B 2 HOH 117 293 117 HOH HOH A . 
B 2 HOH 118 294 118 HOH HOH A . 
B 2 HOH 119 295 119 HOH HOH A . 
B 2 HOH 120 296 120 HOH HOH A . 
B 2 HOH 121 297 121 HOH HOH A . 
B 2 HOH 122 298 122 HOH HOH A . 
B 2 HOH 123 299 123 HOH HOH A . 
B 2 HOH 124 300 124 HOH HOH A . 
B 2 HOH 125 301 125 HOH HOH A . 
B 2 HOH 126 302 126 HOH HOH A . 
B 2 HOH 127 303 127 HOH HOH A . 
B 2 HOH 128 304 128 HOH HOH A . 
B 2 HOH 129 305 129 HOH HOH A . 
B 2 HOH 130 306 130 HOH HOH A . 
B 2 HOH 131 307 131 HOH HOH A . 
B 2 HOH 132 308 132 HOH HOH A . 
B 2 HOH 133 309 133 HOH HOH A . 
B 2 HOH 134 310 134 HOH HOH A . 
B 2 HOH 135 311 135 HOH HOH A . 
B 2 HOH 136 312 136 HOH HOH A . 
B 2 HOH 137 313 137 HOH HOH A . 
B 2 HOH 138 314 138 HOH HOH A . 
B 2 HOH 139 315 139 HOH HOH A . 
B 2 HOH 140 316 140 HOH HOH A . 
B 2 HOH 141 317 141 HOH HOH A . 
B 2 HOH 142 318 142 HOH HOH A . 
B 2 HOH 143 319 143 HOH HOH A . 
B 2 HOH 144 320 144 HOH HOH A . 
B 2 HOH 145 321 145 HOH HOH A . 
B 2 HOH 146 322 146 HOH HOH A . 
B 2 HOH 147 323 147 HOH HOH A . 
B 2 HOH 148 324 148 HOH HOH A . 
B 2 HOH 149 325 149 HOH HOH A . 
B 2 HOH 150 326 150 HOH HOH A . 
B 2 HOH 151 327 151 HOH HOH A . 
B 2 HOH 152 328 152 HOH HOH A . 
# 
loop_
_software.name 
_software.version 
_software.date 
_software.type 
_software.contact_author 
_software.contact_author_email 
_software.classification 
_software.location 
_software.language 
_software.citation_id 
_software.pdbx_ordinal 
SCALA       .       ?                other   'Phil Evans'      pre@mrc-lmb.cam.ac.uk           'data scaling'    
http://www.ccp4.ac.uk/dist/html/INDEX.html Fortran_77 ? 1 
SHARP       .       ?                package 'de La Fortelle'  sharp-develop@globalphasing.com phasing           
http://babinet.globalphasing.com/sharp/    ?          ? 2 
REFMAC      .       ?                program 'Murshudov, G.N.' ccp4@dl.ac.uk                   refinement        
http://www.ccp4.ac.uk/main.html            Fortran_77 ? 3 
PDB_EXTRACT 2.000   'April. 3, 2006' package PDB               sw-help@rcsb.rutgers.edu        'data extraction' 
http://pdb.rutgers.edu/software/           C++        ? 4 
ADSC        Quantum ?                ?       ?                 ?                               'data collection' ? ?          ? 5 
MOSFLM      .       ?                ?       ?                 ?                               'data reduction'  ? ?          ? 6 
# 
_cell.length_a           49.247 
_cell.length_b           49.247 
_cell.length_c           143.486 
_cell.angle_alpha        90.000 
_cell.angle_beta         90.000 
_cell.angle_gamma        90.000 
_cell.entry_id           2HZR 
_cell.pdbx_unique_axis   ? 
_cell.Z_PDB              8 
_cell.length_a_esd       ? 
_cell.length_b_esd       ? 
_cell.length_c_esd       ? 
_cell.angle_alpha_esd    ? 
_cell.angle_beta_esd     ? 
_cell.angle_gamma_esd    ? 
# 
_symmetry.space_group_name_H-M             'P 43 21 2' 
_symmetry.entry_id                         2HZR 
_symmetry.Int_Tables_number                96 
_symmetry.pdbx_full_space_group_name_H-M   ? 
_symmetry.cell_setting                     ? 
_symmetry.space_group_name_Hall            ? 
# 
_exptl.crystals_number   1 
_exptl.entry_id          2HZR 
_exptl.method            'X-RAY DIFFRACTION' 
# 
_exptl_crystal.id                    1 
_exptl_crystal.density_meas          ? 
_exptl_crystal.density_Matthews      2.15 
_exptl_crystal.density_percent_sol   43.5 
_exptl_crystal.description           ? 
_exptl_crystal.F_000                 ? 
_exptl_crystal.preparation           ? 
# 
_exptl_crystal_grow.crystal_id      1 
_exptl_crystal_grow.method          'VAPOR DIFFUSION, HANGING DROP' 
_exptl_crystal_grow.pH              7.5 
_exptl_crystal_grow.temp            293 
_exptl_crystal_grow.pdbx_details    
'1.1 M lithium sulfate, 0.1 M ammonium formate, 0.075 M Hepes/NaOH, pH 7.5, VAPOR DIFFUSION, HANGING DROP, temperature 293K' 
_exptl_crystal_grow.temp_details    ? 
_exptl_crystal_grow.pdbx_pH_range   . 
# 
loop_
_diffrn.id 
_diffrn.ambient_temp 
_diffrn.ambient_temp_details 
_diffrn.crystal_id 
1 100 ? 1 
2 ?   ? 1 
3 ?   ? 1 
# 
_diffrn_detector.diffrn_id              1 
_diffrn_detector.detector               CCD 
_diffrn_detector.type                   'ADSC QUANTUM 4' 
_diffrn_detector.pdbx_collection_date   2005-07-11 
_diffrn_detector.details                mirrors 
# 
_diffrn_radiation.diffrn_id                        1 
_diffrn_radiation.pdbx_diffrn_protocol             MAD 
_diffrn_radiation.monochromator                    'Si 111 DOUBLE CRYSTAL' 
_diffrn_radiation.wavelength_id                    1 
_diffrn_radiation.pdbx_monochromatic_or_laue_m_l   M 
_diffrn_radiation.pdbx_scattering_type             x-ray 
# 
loop_
_diffrn_radiation_wavelength.id 
_diffrn_radiation_wavelength.wavelength 
_diffrn_radiation_wavelength.wt 
1 0.97940 1.0 
2 0.97969 1.0 
3 0.96863 1.0 
# 
_diffrn_source.diffrn_id                   1 
_diffrn_source.source                      SYNCHROTRON 
_diffrn_source.type                        'ESRF BEAMLINE ID14-4' 
_diffrn_source.pdbx_wavelength_list        0.97940,0.97969,0.96863 
_diffrn_source.pdbx_wavelength             ? 
_diffrn_source.pdbx_synchrotron_site       ESRF 
_diffrn_source.pdbx_synchrotron_beamline   ID14-4 
# 
_reflns.entry_id                     2HZR 
_reflns.d_resolution_high            1.800 
_reflns.d_resolution_low             46.580 
_reflns.number_obs                   17002 
_reflns.pdbx_Rmerge_I_obs            0.067 
_reflns.pdbx_netI_over_sigmaI        6.400 
_reflns.pdbx_Rsym_value              0.067 
_reflns.pdbx_redundancy              15.000 
_reflns.percent_possible_obs         99.100 
_reflns.observed_criterion_sigma_F   0 
_reflns.observed_criterion_sigma_I   3.000 
_reflns.number_all                   17219 
_reflns.B_iso_Wilson_estimate        ? 
_reflns.R_free_details               ? 
_reflns.limit_h_max                  ? 
_reflns.limit_h_min                  ? 
_reflns.limit_k_max                  ? 
_reflns.limit_k_min                  ? 
_reflns.limit_l_max                  ? 
_reflns.limit_l_min                  ? 
_reflns.observed_criterion_F_max     ? 
_reflns.observed_criterion_F_min     ? 
_reflns.pdbx_chi_squared             ? 
_reflns.pdbx_scaling_rejects         ? 
_reflns.pdbx_diffrn_id               1 
_reflns.pdbx_ordinal                 1 
# 
loop_
_reflns_shell.d_res_high 
_reflns_shell.d_res_low 
_reflns_shell.number_measured_obs 
_reflns_shell.number_measured_all 
_reflns_shell.number_unique_obs 
_reflns_shell.Rmerge_I_obs 
_reflns_shell.meanI_over_sigI_obs 
_reflns_shell.pdbx_Rsym_value 
_reflns_shell.pdbx_chi_squared 
_reflns_shell.pdbx_redundancy 
_reflns_shell.percent_possible_obs 
_reflns_shell.number_unique_all 
_reflns_shell.percent_possible_all 
_reflns_shell.pdbx_diffrn_id 
_reflns_shell.pdbx_ordinal 
1.80 1.90  ? 35742 ? 0.285 2.2  0.285 ? 14.70 ? 2437 98.70 ? 1  
1.90 2.01  ? 35080 ? 0.19  3.0  0.19  ? 15.60 ? 2252 98.90 ? 2  
2.01 2.15  ? 33540 ? 0.119 6.0  0.119 ? 15.40 ? 2172 99.10 ? 3  
2.15 2.32  ? 31360 ? 0.094 7.3  0.094 ? 15.40 ? 2035 99.20 ? 4  
2.32 2.55  ? 28515 ? 0.079 8.7  0.079 ? 15.30 ? 1861 99.40 ? 5  
2.55 2.85  ? 26036 ? 0.068 4.3  0.068 ? 15.20 ? 1715 99.50 ? 6  
2.85 3.29  ? 23208 ? 0.059 10.3 0.059 ? 14.90 ? 1555 99.60 ? 7  
3.29 4.02  ? 19068 ? 0.052 11.0 0.052 ? 14.50 ? 1312 99.80 ? 8  
4.02 5.69  ? 14608 ? 0.05  11.7 0.05  ? 13.80 ? 1061 99.80 ? 9  
5.69 49.27 ? 7194  ? 0.051 12.0 0.051 ? 12.00 ? 602  95.20 ? 10 
# 
_refine.entry_id                                 2HZR 
_refine.ls_d_res_high                            1.800 
_refine.ls_d_res_low                             30.000 
_refine.pdbx_ls_sigma_F                          0.000 
_refine.ls_percent_reflns_obs                    98.700 
_refine.ls_number_reflns_obs                     16987 
_refine.pdbx_ls_cross_valid_method               THROUGHOUT 
_refine.pdbx_R_Free_selection_details            RANDOM 
_refine.details                                  'HYDROGENS HAVE BEEN ADDED IN THE RIDING POSITIONS' 
_refine.ls_R_factor_all                          0.205 
_refine.ls_R_factor_R_work                       0.202 
_refine.ls_R_factor_R_free                       0.25 
_refine.ls_percent_reflns_R_free                 5.100 
_refine.ls_number_reflns_R_free                  864 
_refine.B_iso_mean                               22.818 
_refine.aniso_B[1][1]                            0.780 
_refine.aniso_B[2][2]                            0.780 
_refine.aniso_B[3][3]                            -1.550 
_refine.aniso_B[1][2]                            0.000 
_refine.aniso_B[1][3]                            0.000 
_refine.aniso_B[2][3]                            0.000 
_refine.correlation_coeff_Fo_to_Fc               0.947 
_refine.correlation_coeff_Fo_to_Fc_free          0.924 
_refine.pdbx_overall_ESU_R                       0.138 
_refine.pdbx_overall_ESU_R_Free                  0.137 
_refine.overall_SU_ML                            0.085 
_refine.overall_SU_B                             2.640 
_refine.solvent_model_details                    MASK 
_refine.pdbx_solvent_vdw_probe_radii             1.200 
_refine.pdbx_solvent_ion_probe_radii             0.800 
_refine.pdbx_solvent_shrinkage_radii             0.800 
_refine.pdbx_method_to_determine_struct          MAD 
_refine.pdbx_stereochemistry_target_values       'Engh & Huber' 
_refine.pdbx_ls_sigma_I                          ? 
_refine.ls_number_reflns_all                     17219 
_refine.ls_R_factor_obs                          0.205 
_refine.ls_redundancy_reflns_obs                 ? 
_refine.pdbx_data_cutoff_high_absF               ? 
_refine.pdbx_data_cutoff_low_absF                ? 
_refine.ls_number_parameters                     ? 
_refine.ls_number_restraints                     ? 
_refine.ls_R_factor_R_free_error                 ? 
_refine.ls_R_factor_R_free_error_details         ? 
_refine.pdbx_starting_model                      ? 
_refine.pdbx_stereochem_target_val_spec_case     ? 
_refine.solvent_model_param_bsol                 ? 
_refine.solvent_model_param_ksol                 ? 
_refine.occupancy_max                            ? 
_refine.occupancy_min                            ? 
_refine.pdbx_isotropic_thermal_model             ? 
_refine.B_iso_min                                ? 
_refine.B_iso_max                                ? 
_refine.overall_SU_R_Cruickshank_DPI             ? 
_refine.overall_SU_R_free                        ? 
_refine.pdbx_data_cutoff_high_rms_absF           ? 
_refine.ls_wR_factor_R_free                      ? 
_refine.ls_wR_factor_R_work                      ? 
_refine.overall_FOM_free_R_set                   ? 
_refine.overall_FOM_work_R_set                   ? 
_refine.pdbx_refine_id                           'X-RAY DIFFRACTION' 
_refine.pdbx_diffrn_id                           1 
_refine.pdbx_TLS_residual_ADP_flag               ? 
_refine.pdbx_overall_phase_error                 ? 
_refine.pdbx_overall_SU_R_free_Cruickshank_DPI   ? 
_refine.pdbx_overall_SU_R_Blow_DPI               ? 
_refine.pdbx_overall_SU_R_free_Blow_DPI          ? 
# 
_refine_hist.pdbx_refine_id                   'X-RAY DIFFRACTION' 
_refine_hist.cycle_id                         LAST 
_refine_hist.pdbx_number_atoms_protein        1283 
_refine_hist.pdbx_number_atoms_nucleic_acid   0 
_refine_hist.pdbx_number_atoms_ligand         0 
_refine_hist.number_atoms_solvent             152 
_refine_hist.number_atoms_total               1435 
_refine_hist.d_res_high                       1.800 
_refine_hist.d_res_low                        30.000 
# 
loop_
_refine_ls_restr.type 
_refine_ls_restr.number 
_refine_ls_restr.dev_ideal 
_refine_ls_restr.dev_ideal_target 
_refine_ls_restr.weight 
_refine_ls_restr.pdbx_refine_id 
_refine_ls_restr.pdbx_restraint_function 
r_bond_refined_d         1316 0.014  0.022  ? 'X-RAY DIFFRACTION' ? 
r_angle_refined_deg      1793 1.431  1.941  ? 'X-RAY DIFFRACTION' ? 
r_dihedral_angle_1_deg   158  6.130  5.000  ? 'X-RAY DIFFRACTION' ? 
r_dihedral_angle_2_deg   60   40.702 25.500 ? 'X-RAY DIFFRACTION' ? 
r_dihedral_angle_3_deg   220  12.398 15.000 ? 'X-RAY DIFFRACTION' ? 
r_dihedral_angle_4_deg   4    20.116 15.000 ? 'X-RAY DIFFRACTION' ? 
r_chiral_restr           201  0.104  0.200  ? 'X-RAY DIFFRACTION' ? 
r_gen_planes_refined     998  0.006  0.020  ? 'X-RAY DIFFRACTION' ? 
r_nbd_refined            561  0.209  0.200  ? 'X-RAY DIFFRACTION' ? 
r_nbtor_refined          908  0.308  0.200  ? 'X-RAY DIFFRACTION' ? 
r_xyhbond_nbd_refined    118  0.159  0.200  ? 'X-RAY DIFFRACTION' ? 
r_symmetry_vdw_refined   38   0.209  0.200  ? 'X-RAY DIFFRACTION' ? 
r_symmetry_hbond_refined 11   0.167  0.200  ? 'X-RAY DIFFRACTION' ? 
r_mcbond_it              834  1.185  1.500  ? 'X-RAY DIFFRACTION' ? 
r_mcangle_it             1322 1.806  2.000  ? 'X-RAY DIFFRACTION' ? 
r_scbond_it              556  2.987  3.000  ? 'X-RAY DIFFRACTION' ? 
r_scangle_it             471  4.474  4.500  ? 'X-RAY DIFFRACTION' ? 
# 
_refine_ls_shell.d_res_high                       1.800 
_refine_ls_shell.d_res_low                        1.847 
_refine_ls_shell.pdbx_total_number_of_bins_used   20 
_refine_ls_shell.percent_reflns_obs               98.150 
_refine_ls_shell.number_reflns_R_work             1157 
_refine_ls_shell.R_factor_all                     ? 
_refine_ls_shell.R_factor_R_work                  0.215 
_refine_ls_shell.R_factor_R_free                  0.282 
_refine_ls_shell.percent_reflns_R_free            ? 
_refine_ls_shell.number_reflns_R_free             65 
_refine_ls_shell.R_factor_R_free_error            ? 
_refine_ls_shell.number_reflns_all                ? 
_refine_ls_shell.number_reflns_obs                1222 
_refine_ls_shell.redundancy_reflns_obs            ? 
_refine_ls_shell.pdbx_refine_id                   'X-RAY DIFFRACTION' 
# 
_struct.entry_id                  2HZR 
_struct.title                     'Crystal structure of human apolipoprotein D (ApoD)' 
_struct.pdbx_model_details        ? 
_struct.pdbx_CASP_flag            ? 
_struct.pdbx_model_type_details   ? 
# 
_struct_keywords.entry_id        2HZR 
_struct_keywords.text            'lipocalin, beta barrel, bilin-binding protein, TRANSPORT PROTEIN' 
_struct_keywords.pdbx_keywords   'TRANSPORT PROTEIN' 
# 
loop_
_struct_asym.id 
_struct_asym.pdbx_blank_PDB_chainid_flag 
_struct_asym.pdbx_modified 
_struct_asym.entity_id 
_struct_asym.details 
A N N 1 ? 
B N N 2 ? 
# 
_struct_ref.id                         1 
_struct_ref.db_name                    UNP 
_struct_ref.db_code                    APOD_HUMAN 
_struct_ref.pdbx_db_accession          P05090 
_struct_ref.entity_id                  1 
_struct_ref.pdbx_seq_one_letter_code   
;FHLGKCPNPPVQENFDVNKYLGRWYEIEKIPTTFENGRCIQANYSLMENGKIKVLNQELRADGTVNQIEGEATPVNLTEP
AKLEVKFSWFMPSAPYWILATDYENYALVYSCTCIIQLFHVDFAWILARNPNLPPETVDSLKNILTSNNIDVKKMTVTDQ
VNCPKLS
;
_struct_ref.pdbx_align_begin           23 
_struct_ref.pdbx_db_isoform            ? 
# 
_struct_ref_seq.align_id                      1 
_struct_ref_seq.ref_id                        1 
_struct_ref_seq.pdbx_PDB_id_code              2HZR 
_struct_ref_seq.pdbx_strand_id                A 
_struct_ref_seq.seq_align_beg                 1 
_struct_ref_seq.pdbx_seq_align_beg_ins_code   ? 
_struct_ref_seq.seq_align_end                 167 
_struct_ref_seq.pdbx_seq_align_end_ins_code   ? 
_struct_ref_seq.pdbx_db_accession             P05090 
_struct_ref_seq.db_align_beg                  23 
_struct_ref_seq.pdbx_db_align_beg_ins_code    ? 
_struct_ref_seq.db_align_end                  189 
_struct_ref_seq.pdbx_db_align_end_ins_code    ? 
_struct_ref_seq.pdbx_auth_seq_align_beg       3 
_struct_ref_seq.pdbx_auth_seq_align_end       169 
# 
loop_
_struct_ref_seq_dif.align_id 
_struct_ref_seq_dif.pdbx_pdb_id_code 
_struct_ref_seq_dif.mon_id 
_struct_ref_seq_dif.pdbx_pdb_strand_id 
_struct_ref_seq_dif.seq_num 
_struct_ref_seq_dif.pdbx_pdb_ins_code 
_struct_ref_seq_dif.pdbx_seq_db_name 
_struct_ref_seq_dif.pdbx_seq_db_accession_code 
_struct_ref_seq_dif.db_mon_id 
_struct_ref_seq_dif.pdbx_seq_db_seq_num 
_struct_ref_seq_dif.details 
_struct_ref_seq_dif.pdbx_auth_seq_num 
_struct_ref_seq_dif.pdbx_ordinal 
1 2HZR PRO A 21  ? UNP P05090 LEU 43  'engineered mutation' 23  1  
1 2HZR MSE A 47  ? UNP P05090 MET 69  'modified residue'    49  2  
1 2HZR MSE A 91  ? UNP P05090 MET 113 'modified residue'    93  3  
1 2HZR HIS A 97  ? UNP P05090 TRP 119 'engineered mutation' 99  4  
1 2HZR SER A 114 ? UNP P05090 CYS 136 'engineered mutation' 116 5  
1 2HZR SER A 116 ? UNP P05090 ILE 138 'engineered mutation' 118 6  
1 2HZR SER A 118 ? UNP P05090 LEU 140 'engineered mutation' 120 7  
1 2HZR VAL A 131 ? UNP P05090 PRO 153 'engineered mutation' 133 8  
1 2HZR ALA A 132 ? UNP P05090 ASN 154 'engineered mutation' 134 9  
1 2HZR MSE A 155 ? UNP P05090 MET 177 'modified residue'    157 10 
1 2HZR ALA A 168 ? UNP P05090 ?   ?   'expression tag'      170 11 
1 2HZR HIS A 169 ? UNP P05090 ?   ?   'expression tag'      171 12 
1 2HZR HIS A 170 ? UNP P05090 ?   ?   'expression tag'      172 13 
1 2HZR HIS A 171 ? UNP P05090 ?   ?   'expression tag'      173 14 
1 2HZR HIS A 172 ? UNP P05090 ?   ?   'expression tag'      174 15 
1 2HZR HIS A 173 ? UNP P05090 ?   ?   'expression tag'      175 16 
1 2HZR HIS A 174 ? UNP P05090 ?   ?   'expression tag'      176 17 
# 
_pdbx_struct_assembly.id                   1 
_pdbx_struct_assembly.details              author_defined_assembly 
_pdbx_struct_assembly.method_details       ? 
_pdbx_struct_assembly.oligomeric_details   monomeric 
_pdbx_struct_assembly.oligomeric_count     1 
# 
_pdbx_struct_assembly_gen.assembly_id       1 
_pdbx_struct_assembly_gen.oper_expression   1 
_pdbx_struct_assembly_gen.asym_id_list      A,B 
# 
_pdbx_struct_oper_list.id                   1 
_pdbx_struct_oper_list.type                 'identity operation' 
_pdbx_struct_oper_list.name                 1_555 
_pdbx_struct_oper_list.symmetry_operation   x,y,z 
_pdbx_struct_oper_list.matrix[1][1]         1.0000000000 
_pdbx_struct_oper_list.matrix[1][2]         0.0000000000 
_pdbx_struct_oper_list.matrix[1][3]         0.0000000000 
_pdbx_struct_oper_list.vector[1]            0.0000000000 
_pdbx_struct_oper_list.matrix[2][1]         0.0000000000 
_pdbx_struct_oper_list.matrix[2][2]         1.0000000000 
_pdbx_struct_oper_list.matrix[2][3]         0.0000000000 
_pdbx_struct_oper_list.vector[2]            0.0000000000 
_pdbx_struct_oper_list.matrix[3][1]         0.0000000000 
_pdbx_struct_oper_list.matrix[3][2]         0.0000000000 
_pdbx_struct_oper_list.matrix[3][3]         1.0000000000 
_pdbx_struct_oper_list.vector[3]            0.0000000000 
# 
loop_
_struct_conf.conf_type_id 
_struct_conf.id 
_struct_conf.pdbx_PDB_helix_id 
_struct_conf.beg_label_comp_id 
_struct_conf.beg_label_asym_id 
_struct_conf.beg_label_seq_id 
_struct_conf.pdbx_beg_PDB_ins_code 
_struct_conf.end_label_comp_id 
_struct_conf.end_label_asym_id 
_struct_conf.end_label_seq_id 
_struct_conf.pdbx_end_PDB_ins_code 
_struct_conf.beg_auth_comp_id 
_struct_conf.beg_auth_asym_id 
_struct_conf.beg_auth_seq_id 
_struct_conf.end_auth_comp_id 
_struct_conf.end_auth_asym_id 
_struct_conf.end_auth_seq_id 
_struct_conf.pdbx_PDB_helix_class 
_struct_conf.details 
_struct_conf.pdbx_PDB_helix_length 
HELX_P HELX_P1 1 ASP A 16  ? TYR A 20  ? ASP A 18  TYR A 22  5 ? 5  
HELX_P HELX_P2 2 PRO A 134 ? SER A 147 ? PRO A 136 SER A 149 1 ? 14 
# 
_struct_conf_type.id          HELX_P 
_struct_conf_type.criteria    ? 
_struct_conf_type.reference   ? 
# 
loop_
_struct_conn.id 
_struct_conn.conn_type_id 
_struct_conn.pdbx_leaving_atom_flag 
_struct_conn.pdbx_PDB_id 
_struct_conn.ptnr1_label_asym_id 
_struct_conn.ptnr1_label_comp_id 
_struct_conn.ptnr1_label_seq_id 
_struct_conn.ptnr1_label_atom_id 
_struct_conn.pdbx_ptnr1_label_alt_id 
_struct_conn.pdbx_ptnr1_PDB_ins_code 
_struct_conn.pdbx_ptnr1_standard_comp_id 
_struct_conn.ptnr1_symmetry 
_struct_conn.ptnr2_label_asym_id 
_struct_conn.ptnr2_label_comp_id 
_struct_conn.ptnr2_label_seq_id 
_struct_conn.ptnr2_label_atom_id 
_struct_conn.pdbx_ptnr2_label_alt_id 
_struct_conn.pdbx_ptnr2_PDB_ins_code 
_struct_conn.ptnr1_auth_asym_id 
_struct_conn.ptnr1_auth_comp_id 
_struct_conn.ptnr1_auth_seq_id 
_struct_conn.ptnr2_auth_asym_id 
_struct_conn.ptnr2_auth_comp_id 
_struct_conn.ptnr2_auth_seq_id 
_struct_conn.ptnr2_symmetry 
_struct_conn.pdbx_ptnr3_label_atom_id 
_struct_conn.pdbx_ptnr3_label_seq_id 
_struct_conn.pdbx_ptnr3_label_comp_id 
_struct_conn.pdbx_ptnr3_label_asym_id 
_struct_conn.pdbx_ptnr3_label_alt_id 
_struct_conn.pdbx_ptnr3_PDB_ins_code 
_struct_conn.details 
_struct_conn.pdbx_dist_value 
_struct_conn.pdbx_value_order 
_struct_conn.pdbx_role 
disulf1 disulf ?    ? A CYS 6   SG ? ? ? 1_555 A CYS 112 SG ? ? A CYS 8   A CYS 114 1_555 ? ? ? ? ? ? ? 2.432 ? ? 
disulf2 disulf ?    ? A CYS 39  SG ? ? ? 1_555 A CYS 163 SG ? ? A CYS 41  A CYS 165 1_555 ? ? ? ? ? ? ? 2.018 ? ? 
covale1 covale both ? A LEU 46  C  ? ? ? 1_555 A MSE 47  N  ? ? A LEU 48  A MSE 49  1_555 ? ? ? ? ? ? ? 1.321 ? ? 
covale2 covale both ? A MSE 47  C  ? ? ? 1_555 A GLU 48  N  ? ? A MSE 49  A GLU 50  1_555 ? ? ? ? ? ? ? 1.321 ? ? 
covale3 covale both ? A PHE 90  C  ? ? ? 1_555 A MSE 91  N  ? ? A PHE 92  A MSE 93  1_555 ? ? ? ? ? ? ? 1.329 ? ? 
covale4 covale both ? A MSE 91  C  ? ? ? 1_555 A PRO 92  N  ? ? A MSE 93  A PRO 94  1_555 ? ? ? ? ? ? ? 1.337 ? ? 
covale5 covale both ? A LYS 154 C  ? ? ? 1_555 A MSE 155 N  ? ? A LYS 156 A MSE 157 1_555 ? ? ? ? ? ? ? 1.327 ? ? 
covale6 covale both ? A MSE 155 C  ? ? ? 1_555 A THR 156 N  ? ? A MSE 157 A THR 158 1_555 ? ? ? ? ? ? ? 1.324 ? ? 
# 
loop_
_struct_conn_type.id 
_struct_conn_type.criteria 
_struct_conn_type.reference 
disulf ? ? 
covale ? ? 
# 
loop_
_pdbx_modification_feature.ordinal 
_pdbx_modification_feature.label_comp_id 
_pdbx_modification_feature.label_asym_id 
_pdbx_modification_feature.label_seq_id 
_pdbx_modification_feature.label_alt_id 
_pdbx_modification_feature.modified_residue_label_comp_id 
_pdbx_modification_feature.modified_residue_label_asym_id 
_pdbx_modification_feature.modified_residue_label_seq_id 
_pdbx_modification_feature.modified_residue_label_alt_id 
_pdbx_modification_feature.auth_comp_id 
_pdbx_modification_feature.auth_asym_id 
_pdbx_modification_feature.auth_seq_id 
_pdbx_modification_feature.PDB_ins_code 
_pdbx_modification_feature.symmetry 
_pdbx_modification_feature.modified_residue_auth_comp_id 
_pdbx_modification_feature.modified_residue_auth_asym_id 
_pdbx_modification_feature.modified_residue_auth_seq_id 
_pdbx_modification_feature.modified_residue_PDB_ins_code 
_pdbx_modification_feature.modified_residue_symmetry 
_pdbx_modification_feature.comp_id_linking_atom 
_pdbx_modification_feature.modified_residue_id_linking_atom 
_pdbx_modification_feature.modified_residue_id 
_pdbx_modification_feature.ref_pcm_id 
_pdbx_modification_feature.ref_comp_id 
_pdbx_modification_feature.type 
_pdbx_modification_feature.category 
1 MSE A 47  ? .   . .   . MSE A 49  ? 1_555 .   . .   . .     .  .  MET 1 MSE Selenomethionine 'Named protein modification' 
2 MSE A 91  ? .   . .   . MSE A 93  ? 1_555 .   . .   . .     .  .  MET 1 MSE Selenomethionine 'Named protein modification' 
3 MSE A 155 ? .   . .   . MSE A 157 ? 1_555 .   . .   . .     .  .  MET 1 MSE Selenomethionine 'Named protein modification' 
4 CYS A 6   ? CYS A 112 ? CYS A 8   ? 1_555 CYS A 114 ? 1_555 SG SG .   . .   None             'Disulfide bridge'           
5 CYS A 39  ? CYS A 163 ? CYS A 41  ? 1_555 CYS A 165 ? 1_555 SG SG .   . .   None             'Disulfide bridge'           
# 
loop_
_struct_sheet.id 
_struct_sheet.type 
_struct_sheet.number_strands 
_struct_sheet.details 
A ? 4  ? 
B ? 10 ? 
# 
loop_
_struct_sheet_order.sheet_id 
_struct_sheet_order.range_id_1 
_struct_sheet_order.range_id_2 
_struct_sheet_order.offset 
_struct_sheet_order.sense 
A 1 2  ? anti-parallel 
A 2 3  ? anti-parallel 
A 3 4  ? anti-parallel 
B 1 2  ? anti-parallel 
B 2 3  ? anti-parallel 
B 3 4  ? anti-parallel 
B 4 5  ? anti-parallel 
B 5 6  ? anti-parallel 
B 6 7  ? anti-parallel 
B 7 8  ? anti-parallel 
B 8 9  ? anti-parallel 
B 9 10 ? anti-parallel 
# 
loop_
_struct_sheet_range.sheet_id 
_struct_sheet_range.id 
_struct_sheet_range.beg_label_comp_id 
_struct_sheet_range.beg_label_asym_id 
_struct_sheet_range.beg_label_seq_id 
_struct_sheet_range.pdbx_beg_PDB_ins_code 
_struct_sheet_range.end_label_comp_id 
_struct_sheet_range.end_label_asym_id 
_struct_sheet_range.end_label_seq_id 
_struct_sheet_range.pdbx_end_PDB_ins_code 
_struct_sheet_range.beg_auth_comp_id 
_struct_sheet_range.beg_auth_asym_id 
_struct_sheet_range.beg_auth_seq_id 
_struct_sheet_range.end_auth_comp_id 
_struct_sheet_range.end_auth_asym_id 
_struct_sheet_range.end_auth_seq_id 
A 1  HIS A 2   ? LEU A 3   ? HIS A 4   LEU A 5   
A 2  PHE A 119 ? ALA A 128 ? PHE A 121 ALA A 130 
A 3  GLY A 22  ? LYS A 29  ? GLY A 24  LYS A 31  
A 4  THR A 156 ? VAL A 157 ? THR A 158 VAL A 159 
B 1  HIS A 2   ? LEU A 3   ? HIS A 4   LEU A 5   
B 2  PHE A 119 ? ALA A 128 ? PHE A 121 ALA A 130 
B 3  TYR A 106 ? SER A 114 ? TYR A 108 SER A 116 
B 4  ALA A 94  ? THR A 101 ? ALA A 96  THR A 103 
B 5  LYS A 82  ? LYS A 86  ? LYS A 84  LYS A 88  
B 6  VAL A 65  ? PRO A 74  ? VAL A 67  PRO A 76  
B 7  ILE A 52  ? LEU A 59  ? ILE A 54  LEU A 61  
B 8  ARG A 38  ? LEU A 46  ? ARG A 40  LEU A 48  
B 9  GLY A 22  ? LYS A 29  ? GLY A 24  LYS A 31  
B 10 THR A 156 ? VAL A 157 ? THR A 158 VAL A 159 
# 
loop_
_pdbx_struct_sheet_hbond.sheet_id 
_pdbx_struct_sheet_hbond.range_id_1 
_pdbx_struct_sheet_hbond.range_id_2 
_pdbx_struct_sheet_hbond.range_1_label_atom_id 
_pdbx_struct_sheet_hbond.range_1_label_comp_id 
_pdbx_struct_sheet_hbond.range_1_label_asym_id 
_pdbx_struct_sheet_hbond.range_1_label_seq_id 
_pdbx_struct_sheet_hbond.range_1_PDB_ins_code 
_pdbx_struct_sheet_hbond.range_1_auth_atom_id 
_pdbx_struct_sheet_hbond.range_1_auth_comp_id 
_pdbx_struct_sheet_hbond.range_1_auth_asym_id 
_pdbx_struct_sheet_hbond.range_1_auth_seq_id 
_pdbx_struct_sheet_hbond.range_2_label_atom_id 
_pdbx_struct_sheet_hbond.range_2_label_comp_id 
_pdbx_struct_sheet_hbond.range_2_label_asym_id 
_pdbx_struct_sheet_hbond.range_2_label_seq_id 
_pdbx_struct_sheet_hbond.range_2_PDB_ins_code 
_pdbx_struct_sheet_hbond.range_2_auth_atom_id 
_pdbx_struct_sheet_hbond.range_2_auth_comp_id 
_pdbx_struct_sheet_hbond.range_2_auth_asym_id 
_pdbx_struct_sheet_hbond.range_2_auth_seq_id 
A 1 2  N HIS A 2   ? N HIS A 4   O HIS A 120 ? O HIS A 122 
A 2 3  O ALA A 128 ? O ALA A 130 N TYR A 25  ? N TYR A 27  
A 3 4  N LYS A 29  ? N LYS A 31  O THR A 156 ? O THR A 158 
B 1 2  N HIS A 2   ? N HIS A 4   O HIS A 120 ? O HIS A 122 
B 2 3  O LEU A 127 ? O LEU A 129 N ALA A 107 ? N ALA A 109 
B 3 4  O LEU A 108 ? O LEU A 110 N ALA A 100 ? N ALA A 102 
B 4 5  O TYR A 96  ? O TYR A 98  N LEU A 83  ? N LEU A 85  
B 5 6  O GLU A 84  ? O GLU A 86  N THR A 73  ? N THR A 75  
B 6 7  O ALA A 72  ? O ALA A 74  N ILE A 52  ? N ILE A 54  
B 7 8  O LYS A 53  ? O LYS A 55  N SER A 45  ? N SER A 47  
B 8 9  O ALA A 42  ? O ALA A 44  N TRP A 24  ? N TRP A 26  
B 9 10 N LYS A 29  ? N LYS A 31  O THR A 156 ? O THR A 158 
# 
_pdbx_entry_details.entry_id                   2HZR 
_pdbx_entry_details.compound_details           ? 
_pdbx_entry_details.source_details             ? 
_pdbx_entry_details.nonpolymer_details         ? 
_pdbx_entry_details.sequence_details           ? 
_pdbx_entry_details.has_ligand_of_interest     ? 
_pdbx_entry_details.has_protein_modification   Y 
# 
_pdbx_validate_close_contact.id               1 
_pdbx_validate_close_contact.PDB_model_num    1 
_pdbx_validate_close_contact.auth_atom_id_1   O 
_pdbx_validate_close_contact.auth_asym_id_1   A 
_pdbx_validate_close_contact.auth_comp_id_1   HOH 
_pdbx_validate_close_contact.auth_seq_id_1    321 
_pdbx_validate_close_contact.PDB_ins_code_1   ? 
_pdbx_validate_close_contact.label_alt_id_1   ? 
_pdbx_validate_close_contact.auth_atom_id_2   O 
_pdbx_validate_close_contact.auth_asym_id_2   A 
_pdbx_validate_close_contact.auth_comp_id_2   HOH 
_pdbx_validate_close_contact.auth_seq_id_2    328 
_pdbx_validate_close_contact.PDB_ins_code_2   ? 
_pdbx_validate_close_contact.label_alt_id_2   ? 
_pdbx_validate_close_contact.dist             2.19 
# 
loop_
_pdbx_validate_torsion.id 
_pdbx_validate_torsion.PDB_model_num 
_pdbx_validate_torsion.auth_comp_id 
_pdbx_validate_torsion.auth_asym_id 
_pdbx_validate_torsion.auth_seq_id 
_pdbx_validate_torsion.PDB_ins_code 
_pdbx_validate_torsion.label_alt_id 
_pdbx_validate_torsion.phi 
_pdbx_validate_torsion.psi 
1 1 MSE A 49  ? ? -105.45 -121.98 
2 1 TYR A 105 ? ? 54.31   -15.18  
3 1 ASN A 107 ? ? -133.38 -49.66  
4 1 SER A 118 ? ? 69.67   173.95  
# 
loop_
_pdbx_struct_mod_residue.id 
_pdbx_struct_mod_residue.label_asym_id 
_pdbx_struct_mod_residue.label_comp_id 
_pdbx_struct_mod_residue.label_seq_id 
_pdbx_struct_mod_residue.auth_asym_id 
_pdbx_struct_mod_residue.auth_comp_id 
_pdbx_struct_mod_residue.auth_seq_id 
_pdbx_struct_mod_residue.PDB_ins_code 
_pdbx_struct_mod_residue.parent_comp_id 
_pdbx_struct_mod_residue.details 
1 A MSE 47  A MSE 49  ? MET SELENOMETHIONINE 
2 A MSE 91  A MSE 93  ? MET SELENOMETHIONINE 
3 A MSE 155 A MSE 157 ? MET SELENOMETHIONINE 
# 
loop_
_diffrn_reflns.diffrn_id 
_diffrn_reflns.pdbx_d_res_high 
_diffrn_reflns.pdbx_d_res_low 
_diffrn_reflns.pdbx_number_obs 
_diffrn_reflns.pdbx_Rmerge_I_obs 
_diffrn_reflns.pdbx_Rsym_value 
_diffrn_reflns.pdbx_chi_squared 
_diffrn_reflns.av_sigmaI_over_netI 
_diffrn_reflns.pdbx_redundancy 
_diffrn_reflns.pdbx_percent_possible_obs 
_diffrn_reflns.number 
_diffrn_reflns.pdbx_observed_criterion 
_diffrn_reflns.limit_h_max 
_diffrn_reflns.limit_h_min 
_diffrn_reflns.limit_k_max 
_diffrn_reflns.limit_k_min 
_diffrn_reflns.limit_l_max 
_diffrn_reflns.limit_l_min 
1 1.800 46.580 17002 0.067 0.067 ? 6.40 15.00 99.10 254351 ? ? ? ? ? ? ? 
2 2.000 46.727 12649 0.060 0.060 ? 8.10 13.40 99.40 169962 ? ? ? ? ? ? ? 
3 2.300 46.742 8486  0.073 0.073 ? 7.90 13.20 99.60 112336 ? ? ? ? ? ? ? 
# 
loop_
_pdbx_diffrn_reflns_shell.diffrn_id 
_pdbx_diffrn_reflns_shell.d_res_high 
_pdbx_diffrn_reflns_shell.d_res_low 
_pdbx_diffrn_reflns_shell.number_obs 
_pdbx_diffrn_reflns_shell.rejects 
_pdbx_diffrn_reflns_shell.Rmerge_I_obs 
_pdbx_diffrn_reflns_shell.Rsym_value 
_pdbx_diffrn_reflns_shell.chi_squared 
_pdbx_diffrn_reflns_shell.redundancy 
_pdbx_diffrn_reflns_shell.percent_possible_obs 
1 5.69 49.27 ? ? 0.051 0.051 ? 12.00 95.20 
1 4.02 5.69  ? ? 0.050 0.050 ? 13.80 99.80 
1 3.29 4.02  ? ? 0.052 0.052 ? 14.50 99.80 
1 2.85 3.29  ? ? 0.059 0.059 ? 14.90 99.60 
1 2.55 2.85  ? ? 0.068 0.068 ? 15.20 99.50 
1 2.32 2.55  ? ? 0.079 0.079 ? 15.30 99.40 
1 2.15 2.32  ? ? 0.094 0.094 ? 15.40 99.20 
1 2.01 2.15  ? ? 0.119 0.119 ? 15.40 99.10 
1 1.90 2.01  ? ? 0.190 0.190 ? 15.60 98.90 
1 1.80 1.90  ? ? 0.285 0.285 ? 14.70 98.70 
2 6.32 49.39 ? ? 0.038 0.038 ? 10.40 94.40 
2 4.47 6.32  ? ? 0.040 0.040 ? 12.40 99.80 
2 3.65 4.47  ? ? 0.043 0.043 ? 12.90 99.90 
2 3.16 3.65  ? ? 0.046 0.046 ? 13.30 99.90 
2 2.83 3.16  ? ? 0.058 0.058 ? 13.50 99.70 
2 2.58 2.83  ? ? 0.075 0.075 ? 13.60 99.60 
2 2.39 2.58  ? ? 0.104 0.104 ? 13.70 99.50 
2 2.24 2.39  ? ? 0.136 0.136 ? 13.80 99.40 
2 2.11 2.24  ? ? 0.168 0.168 ? 13.90 99.20 
2 2.00 2.11  ? ? 0.228 0.228 ? 13.90 99.20 
3 7.27 49.39 ? ? 0.046 0.046 ? 10.20 97.70 
3 5.14 7.27  ? ? 0.042 0.042 ? 12.10 99.70 
3 4.20 5.14  ? ? 0.042 0.042 ? 12.60 99.90 
3 3.64 4.20  ? ? 0.048 0.048 ? 13.10 99.90 
3 3.25 3.64  ? ? 0.059 0.059 ? 13.30 99.70 
3 2.97 3.25  ? ? 0.088 0.088 ? 13.50 99.60 
3 2.75 2.97  ? ? 0.119 0.119 ? 13.60 99.60 
3 2.57 2.75  ? ? 0.195 0.195 ? 13.60 99.60 
3 2.42 2.57  ? ? 0.291 0.291 ? 13.70 99.30 
3 2.30 2.42  ? ? 0.360 0.360 ? 13.80 99.50 
# 
loop_
_pdbx_phasing_MAD_set.id 
_pdbx_phasing_MAD_set.d_res_low 
_pdbx_phasing_MAD_set.d_res_high 
_pdbx_phasing_MAD_set.reflns_acentric 
_pdbx_phasing_MAD_set.reflns_centric 
_pdbx_phasing_MAD_set.R_cullis_acentric 
_pdbx_phasing_MAD_set.R_cullis_centric 
ISO_1 29.00 1.80 13911 2889 0.000 0.000 
ISO_2 29.00 1.80 10086 2233 0.217 0.193 
ISO_3 29.00 1.80 6515  1746 0.350 0.375 
ANO_1 29.00 1.80 13891 0    0.714 0.000 
ANO_2 29.00 1.80 10084 0    0.925 0.000 
ANO_3 29.00 1.80 6516  0    0.964 0.000 
# 
loop_
_pdbx_phasing_MAD_set_shell.id 
_pdbx_phasing_MAD_set_shell.d_res_low 
_pdbx_phasing_MAD_set_shell.d_res_high 
_pdbx_phasing_MAD_set_shell.reflns_acentric 
_pdbx_phasing_MAD_set_shell.reflns_centric 
_pdbx_phasing_MAD_set_shell.R_cullis_acentric 
_pdbx_phasing_MAD_set_shell.R_cullis_centric 
ISO_1 29.00 7.77 112  118 0.000 0.000 
ISO_1 7.77  5.60 248  141 0.000 0.000 
ISO_1 5.60  4.60 327  140 0.000 0.000 
ISO_1 4.60  3.99 411  147 0.000 0.000 
ISO_1 3.99  3.58 480  146 0.000 0.000 
ISO_1 3.58  3.27 525  153 0.000 0.000 
ISO_1 3.27  3.03 578  140 0.000 0.000 
ISO_1 3.03  2.84 642  151 0.000 0.000 
ISO_1 2.84  2.68 669  139 0.000 0.000 
ISO_1 2.68  2.54 722  152 0.000 0.000 
ISO_1 2.54  2.42 768  152 0.000 0.000 
ISO_1 2.42  2.32 781  136 0.000 0.000 
ISO_1 2.32  2.23 832  151 0.000 0.000 
ISO_1 2.23  2.15 876  146 0.000 0.000 
ISO_1 2.15  2.08 904  144 0.000 0.000 
ISO_1 2.08  2.01 949  156 0.000 0.000 
ISO_1 2.01  1.95 973  138 0.000 0.000 
ISO_1 1.95  1.90 990  141 0.000 0.000 
ISO_1 1.90  1.85 1056 148 0.000 0.000 
ISO_1 1.85  1.80 1068 150 0.000 0.000 
ANO_1 29.00 7.77 111  0   0.611 0.000 
ANO_1 7.77  5.60 248  0   0.577 0.000 
ANO_1 5.60  4.60 327  0   0.611 0.000 
ANO_1 4.60  3.99 411  0   0.652 0.000 
ANO_1 3.99  3.58 480  0   0.635 0.000 
ANO_1 3.58  3.27 525  0   0.662 0.000 
ANO_1 3.27  3.03 578  0   0.679 0.000 
ANO_1 3.03  2.84 642  0   0.652 0.000 
ANO_1 2.84  2.68 669  0   0.665 0.000 
ANO_1 2.68  2.54 722  0   0.679 0.000 
ANO_1 2.54  2.42 767  0   0.699 0.000 
ANO_1 2.42  2.32 780  0   0.728 0.000 
ANO_1 2.32  2.23 832  0   0.756 0.000 
ANO_1 2.23  2.15 875  0   0.779 0.000 
ANO_1 2.15  2.08 903  0   0.811 0.000 
ANO_1 2.08  2.01 948  0   0.843 0.000 
ANO_1 2.01  1.95 973  0   0.861 0.000 
ANO_1 1.95  1.90 987  0   0.903 0.000 
ANO_1 1.90  1.85 1055 0   0.954 0.000 
ANO_1 1.85  1.80 1058 0   0.969 0.000 
ISO_2 29.00 7.77 111  115 0.154 0.155 
ISO_2 7.77  5.60 248  140 0.075 0.081 
ISO_2 5.60  4.60 327  136 0.092 0.082 
ISO_2 4.60  3.99 411  140 0.092 0.097 
ISO_2 3.99  3.58 480  139 0.086 0.093 
ISO_2 3.58  3.27 525  146 0.087 0.114 
ISO_2 3.27  3.03 578  132 0.100 0.092 
ISO_2 3.03  2.84 642  143 0.118 0.140 
ISO_2 2.84  2.68 669  133 0.157 0.175 
ISO_2 2.68  2.54 722  142 0.190 0.244 
ISO_2 2.54  2.42 768  145 0.230 0.277 
ISO_2 2.42  2.32 781  128 0.262 0.292 
ISO_2 2.32  2.23 832  141 0.330 0.419 
ISO_2 2.23  2.15 876  137 0.379 0.448 
ISO_2 2.15  2.08 904  135 0.421 0.490 
ISO_2 2.08  2.01 949  147 0.515 0.551 
ISO_2 2.01  1.95 263  34  0.530 0.526 
ISO_2 1.95  1.90 0    0   0.000 0.000 
ISO_2 1.90  1.85 0    0   0.000 0.000 
ISO_2 1.85  1.80 0    0   0.000 0.000 
ANO_2 29.00 7.77 109  0   0.559 0.000 
ANO_2 7.77  5.60 248  0   0.519 0.000 
ANO_2 5.60  4.60 327  0   0.697 0.000 
ANO_2 4.60  3.99 411  0   0.771 0.000 
ANO_2 3.99  3.58 480  0   0.795 0.000 
ANO_2 3.58  3.27 525  0   0.818 0.000 
ANO_2 3.27  3.03 578  0   0.876 0.000 
ANO_2 3.03  2.84 642  0   0.860 0.000 
ANO_2 2.84  2.68 669  0   0.872 0.000 
ANO_2 2.68  2.54 722  0   0.917 0.000 
ANO_2 2.54  2.42 767  0   0.963 0.000 
ANO_2 2.42  2.32 782  0   0.950 0.000 
ANO_2 2.32  2.23 832  0   0.972 0.000 
ANO_2 2.23  2.15 877  0   0.975 0.000 
ANO_2 2.15  2.08 904  0   0.986 0.000 
ANO_2 2.08  2.01 948  0   0.986 0.000 
ANO_2 2.01  1.95 263  0   0.986 0.000 
ANO_2 1.95  1.90 0    0   0.000 0.000 
ANO_2 1.90  1.85 0    0   0.000 0.000 
ANO_2 1.85  1.80 0    0   0.000 0.000 
ISO_3 29.00 7.77 112  117 0.454 0.601 
ISO_3 7.77  5.60 248  140 0.294 0.312 
ISO_3 5.60  4.60 327  139 0.254 0.265 
ISO_3 4.60  3.99 411  144 0.229 0.244 
ISO_3 3.99  3.58 480  145 0.240 0.239 
ISO_3 3.58  3.27 525  151 0.245 0.265 
ISO_3 3.27  3.03 578  138 0.262 0.255 
ISO_3 3.03  2.84 642  149 0.314 0.316 
ISO_3 2.84  2.68 669  137 0.383 0.426 
ISO_3 2.68  2.54 722  150 0.458 0.482 
ISO_3 2.54  2.42 768  151 0.536 0.587 
ISO_3 2.42  2.32 780  134 0.583 0.647 
ISO_3 2.32  2.23 253  51  0.649 0.741 
ISO_3 2.23  2.15 0    0   0.000 0.000 
ISO_3 2.15  2.08 0    0   0.000 0.000 
ISO_3 2.08  2.01 0    0   0.000 0.000 
ISO_3 2.01  1.95 0    0   0.000 0.000 
ISO_3 1.95  1.90 0    0   0.000 0.000 
ISO_3 1.90  1.85 0    0   0.000 0.000 
ISO_3 1.85  1.80 0    0   0.000 0.000 
ANO_3 29.00 7.77 114  0   0.813 0.000 
ANO_3 7.77  5.60 248  0   0.788 0.000 
ANO_3 5.60  4.60 327  0   0.825 0.000 
ANO_3 4.60  3.99 411  0   0.866 0.000 
ANO_3 3.99  3.58 480  0   0.896 0.000 
ANO_3 3.58  3.27 525  0   0.916 0.000 
ANO_3 3.27  3.03 578  0   0.955 0.000 
ANO_3 3.03  2.84 642  0   0.959 0.000 
ANO_3 2.84  2.68 669  0   0.978 0.000 
ANO_3 2.68  2.54 722  0   0.988 0.000 
ANO_3 2.54  2.42 767  0   0.992 0.000 
ANO_3 2.42  2.32 780  0   0.993 0.000 
ANO_3 2.32  2.23 253  0   0.999 0.000 
ANO_3 2.23  2.15 0    0   0.000 0.000 
ANO_3 2.15  2.08 0    0   0.000 0.000 
ANO_3 2.08  2.01 0    0   0.000 0.000 
ANO_3 2.01  1.95 0    0   0.000 0.000 
ANO_3 1.95  1.90 0    0   0.000 0.000 
ANO_3 1.90  1.85 0    0   0.000 0.000 
ANO_3 1.85  1.80 0    0   0.000 0.000 
# 
loop_
_pdbx_phasing_MAD_set_site.id 
_pdbx_phasing_MAD_set_site.atom_type_symbol 
_pdbx_phasing_MAD_set_site.Cartn_x 
_pdbx_phasing_MAD_set_site.Cartn_y 
_pdbx_phasing_MAD_set_site.Cartn_z 
_pdbx_phasing_MAD_set_site.occupancy 
_pdbx_phasing_MAD_set_site.b_iso 
1 SE -48.243 0.911   23.316 1.11 20.43 
2 SE -43.702 -15.622 29.708 0.29 4.97  
3 SE -31.183 -16.782 36.702 0.68 30.53 
# 
_phasing.method   MAD 
# 
loop_
_pdbx_unobs_or_zero_occ_residues.id 
_pdbx_unobs_or_zero_occ_residues.PDB_model_num 
_pdbx_unobs_or_zero_occ_residues.polymer_flag 
_pdbx_unobs_or_zero_occ_residues.occupancy_flag 
_pdbx_unobs_or_zero_occ_residues.auth_asym_id 
_pdbx_unobs_or_zero_occ_residues.auth_comp_id 
_pdbx_unobs_or_zero_occ_residues.auth_seq_id 
_pdbx_unobs_or_zero_occ_residues.PDB_ins_code 
_pdbx_unobs_or_zero_occ_residues.label_asym_id 
_pdbx_unobs_or_zero_occ_residues.label_comp_id 
_pdbx_unobs_or_zero_occ_residues.label_seq_id 
1  1 Y 1 A THR 35  ? A THR 33  
2  1 Y 1 A PHE 36  ? A PHE 34  
3  1 Y 1 A GLU 37  ? A GLU 35  
4  1 Y 1 A ASN 38  ? A ASN 36  
5  1 Y 1 A ASN 51  ? A ASN 49  
6  1 Y 1 A SER 169 ? A SER 167 
7  1 Y 1 A ALA 170 ? A ALA 168 
8  1 Y 1 A HIS 171 ? A HIS 169 
9  1 Y 1 A HIS 172 ? A HIS 170 
10 1 Y 1 A HIS 173 ? A HIS 171 
11 1 Y 1 A HIS 174 ? A HIS 172 
12 1 Y 1 A HIS 175 ? A HIS 173 
13 1 Y 1 A HIS 176 ? A HIS 174 
# 
loop_
_chem_comp_atom.comp_id 
_chem_comp_atom.atom_id 
_chem_comp_atom.type_symbol 
_chem_comp_atom.pdbx_aromatic_flag 
_chem_comp_atom.pdbx_stereo_config 
_chem_comp_atom.pdbx_ordinal 
ALA N    N  N N 1   
ALA CA   C  N S 2   
ALA C    C  N N 3   
ALA O    O  N N 4   
ALA CB   C  N N 5   
ALA OXT  O  N N 6   
ALA H    H  N N 7   
ALA H2   H  N N 8   
ALA HA   H  N N 9   
ALA HB1  H  N N 10  
ALA HB2  H  N N 11  
ALA HB3  H  N N 12  
ALA HXT  H  N N 13  
ARG N    N  N N 14  
ARG CA   C  N S 15  
ARG C    C  N N 16  
ARG O    O  N N 17  
ARG CB   C  N N 18  
ARG CG   C  N N 19  
ARG CD   C  N N 20  
ARG NE   N  N N 21  
ARG CZ   C  N N 22  
ARG NH1  N  N N 23  
ARG NH2  N  N N 24  
ARG OXT  O  N N 25  
ARG H    H  N N 26  
ARG H2   H  N N 27  
ARG HA   H  N N 28  
ARG HB2  H  N N 29  
ARG HB3  H  N N 30  
ARG HG2  H  N N 31  
ARG HG3  H  N N 32  
ARG HD2  H  N N 33  
ARG HD3  H  N N 34  
ARG HE   H  N N 35  
ARG HH11 H  N N 36  
ARG HH12 H  N N 37  
ARG HH21 H  N N 38  
ARG HH22 H  N N 39  
ARG HXT  H  N N 40  
ASN N    N  N N 41  
ASN CA   C  N S 42  
ASN C    C  N N 43  
ASN O    O  N N 44  
ASN CB   C  N N 45  
ASN CG   C  N N 46  
ASN OD1  O  N N 47  
ASN ND2  N  N N 48  
ASN OXT  O  N N 49  
ASN H    H  N N 50  
ASN H2   H  N N 51  
ASN HA   H  N N 52  
ASN HB2  H  N N 53  
ASN HB3  H  N N 54  
ASN HD21 H  N N 55  
ASN HD22 H  N N 56  
ASN HXT  H  N N 57  
ASP N    N  N N 58  
ASP CA   C  N S 59  
ASP C    C  N N 60  
ASP O    O  N N 61  
ASP CB   C  N N 62  
ASP CG   C  N N 63  
ASP OD1  O  N N 64  
ASP OD2  O  N N 65  
ASP OXT  O  N N 66  
ASP H    H  N N 67  
ASP H2   H  N N 68  
ASP HA   H  N N 69  
ASP HB2  H  N N 70  
ASP HB3  H  N N 71  
ASP HD2  H  N N 72  
ASP HXT  H  N N 73  
CYS N    N  N N 74  
CYS CA   C  N R 75  
CYS C    C  N N 76  
CYS O    O  N N 77  
CYS CB   C  N N 78  
CYS SG   S  N N 79  
CYS OXT  O  N N 80  
CYS H    H  N N 81  
CYS H2   H  N N 82  
CYS HA   H  N N 83  
CYS HB2  H  N N 84  
CYS HB3  H  N N 85  
CYS HG   H  N N 86  
CYS HXT  H  N N 87  
GLN N    N  N N 88  
GLN CA   C  N S 89  
GLN C    C  N N 90  
GLN O    O  N N 91  
GLN CB   C  N N 92  
GLN CG   C  N N 93  
GLN CD   C  N N 94  
GLN OE1  O  N N 95  
GLN NE2  N  N N 96  
GLN OXT  O  N N 97  
GLN H    H  N N 98  
GLN H2   H  N N 99  
GLN HA   H  N N 100 
GLN HB2  H  N N 101 
GLN HB3  H  N N 102 
GLN HG2  H  N N 103 
GLN HG3  H  N N 104 
GLN HE21 H  N N 105 
GLN HE22 H  N N 106 
GLN HXT  H  N N 107 
GLU N    N  N N 108 
GLU CA   C  N S 109 
GLU C    C  N N 110 
GLU O    O  N N 111 
GLU CB   C  N N 112 
GLU CG   C  N N 113 
GLU CD   C  N N 114 
GLU OE1  O  N N 115 
GLU OE2  O  N N 116 
GLU OXT  O  N N 117 
GLU H    H  N N 118 
GLU H2   H  N N 119 
GLU HA   H  N N 120 
GLU HB2  H  N N 121 
GLU HB3  H  N N 122 
GLU HG2  H  N N 123 
GLU HG3  H  N N 124 
GLU HE2  H  N N 125 
GLU HXT  H  N N 126 
GLY N    N  N N 127 
GLY CA   C  N N 128 
GLY C    C  N N 129 
GLY O    O  N N 130 
GLY OXT  O  N N 131 
GLY H    H  N N 132 
GLY H2   H  N N 133 
GLY HA2  H  N N 134 
GLY HA3  H  N N 135 
GLY HXT  H  N N 136 
HIS N    N  N N 137 
HIS CA   C  N S 138 
HIS C    C  N N 139 
HIS O    O  N N 140 
HIS CB   C  N N 141 
HIS CG   C  Y N 142 
HIS ND1  N  Y N 143 
HIS CD2  C  Y N 144 
HIS CE1  C  Y N 145 
HIS NE2  N  Y N 146 
HIS OXT  O  N N 147 
HIS H    H  N N 148 
HIS H2   H  N N 149 
HIS HA   H  N N 150 
HIS HB2  H  N N 151 
HIS HB3  H  N N 152 
HIS HD1  H  N N 153 
HIS HD2  H  N N 154 
HIS HE1  H  N N 155 
HIS HE2  H  N N 156 
HIS HXT  H  N N 157 
HOH O    O  N N 158 
HOH H1   H  N N 159 
HOH H2   H  N N 160 
ILE N    N  N N 161 
ILE CA   C  N S 162 
ILE C    C  N N 163 
ILE O    O  N N 164 
ILE CB   C  N S 165 
ILE CG1  C  N N 166 
ILE CG2  C  N N 167 
ILE CD1  C  N N 168 
ILE OXT  O  N N 169 
ILE H    H  N N 170 
ILE H2   H  N N 171 
ILE HA   H  N N 172 
ILE HB   H  N N 173 
ILE HG12 H  N N 174 
ILE HG13 H  N N 175 
ILE HG21 H  N N 176 
ILE HG22 H  N N 177 
ILE HG23 H  N N 178 
ILE HD11 H  N N 179 
ILE HD12 H  N N 180 
ILE HD13 H  N N 181 
ILE HXT  H  N N 182 
LEU N    N  N N 183 
LEU CA   C  N S 184 
LEU C    C  N N 185 
LEU O    O  N N 186 
LEU CB   C  N N 187 
LEU CG   C  N N 188 
LEU CD1  C  N N 189 
LEU CD2  C  N N 190 
LEU OXT  O  N N 191 
LEU H    H  N N 192 
LEU H2   H  N N 193 
LEU HA   H  N N 194 
LEU HB2  H  N N 195 
LEU HB3  H  N N 196 
LEU HG   H  N N 197 
LEU HD11 H  N N 198 
LEU HD12 H  N N 199 
LEU HD13 H  N N 200 
LEU HD21 H  N N 201 
LEU HD22 H  N N 202 
LEU HD23 H  N N 203 
LEU HXT  H  N N 204 
LYS N    N  N N 205 
LYS CA   C  N S 206 
LYS C    C  N N 207 
LYS O    O  N N 208 
LYS CB   C  N N 209 
LYS CG   C  N N 210 
LYS CD   C  N N 211 
LYS CE   C  N N 212 
LYS NZ   N  N N 213 
LYS OXT  O  N N 214 
LYS H    H  N N 215 
LYS H2   H  N N 216 
LYS HA   H  N N 217 
LYS HB2  H  N N 218 
LYS HB3  H  N N 219 
LYS HG2  H  N N 220 
LYS HG3  H  N N 221 
LYS HD2  H  N N 222 
LYS HD3  H  N N 223 
LYS HE2  H  N N 224 
LYS HE3  H  N N 225 
LYS HZ1  H  N N 226 
LYS HZ2  H  N N 227 
LYS HZ3  H  N N 228 
LYS HXT  H  N N 229 
MET N    N  N N 230 
MET CA   C  N S 231 
MET C    C  N N 232 
MET O    O  N N 233 
MET CB   C  N N 234 
MET CG   C  N N 235 
MET SD   S  N N 236 
MET CE   C  N N 237 
MET OXT  O  N N 238 
MET H    H  N N 239 
MET H2   H  N N 240 
MET HA   H  N N 241 
MET HB2  H  N N 242 
MET HB3  H  N N 243 
MET HG2  H  N N 244 
MET HG3  H  N N 245 
MET HE1  H  N N 246 
MET HE2  H  N N 247 
MET HE3  H  N N 248 
MET HXT  H  N N 249 
MSE N    N  N N 250 
MSE CA   C  N S 251 
MSE C    C  N N 252 
MSE O    O  N N 253 
MSE OXT  O  N N 254 
MSE CB   C  N N 255 
MSE CG   C  N N 256 
MSE SE   SE N N 257 
MSE CE   C  N N 258 
MSE H    H  N N 259 
MSE H2   H  N N 260 
MSE HA   H  N N 261 
MSE HXT  H  N N 262 
MSE HB2  H  N N 263 
MSE HB3  H  N N 264 
MSE HG2  H  N N 265 
MSE HG3  H  N N 266 
MSE HE1  H  N N 267 
MSE HE2  H  N N 268 
MSE HE3  H  N N 269 
PHE N    N  N N 270 
PHE CA   C  N S 271 
PHE C    C  N N 272 
PHE O    O  N N 273 
PHE CB   C  N N 274 
PHE CG   C  Y N 275 
PHE CD1  C  Y N 276 
PHE CD2  C  Y N 277 
PHE CE1  C  Y N 278 
PHE CE2  C  Y N 279 
PHE CZ   C  Y N 280 
PHE OXT  O  N N 281 
PHE H    H  N N 282 
PHE H2   H  N N 283 
PHE HA   H  N N 284 
PHE HB2  H  N N 285 
PHE HB3  H  N N 286 
PHE HD1  H  N N 287 
PHE HD2  H  N N 288 
PHE HE1  H  N N 289 
PHE HE2  H  N N 290 
PHE HZ   H  N N 291 
PHE HXT  H  N N 292 
PRO N    N  N N 293 
PRO CA   C  N S 294 
PRO C    C  N N 295 
PRO O    O  N N 296 
PRO CB   C  N N 297 
PRO CG   C  N N 298 
PRO CD   C  N N 299 
PRO OXT  O  N N 300 
PRO H    H  N N 301 
PRO HA   H  N N 302 
PRO HB2  H  N N 303 
PRO HB3  H  N N 304 
PRO HG2  H  N N 305 
PRO HG3  H  N N 306 
PRO HD2  H  N N 307 
PRO HD3  H  N N 308 
PRO HXT  H  N N 309 
SER N    N  N N 310 
SER CA   C  N S 311 
SER C    C  N N 312 
SER O    O  N N 313 
SER CB   C  N N 314 
SER OG   O  N N 315 
SER OXT  O  N N 316 
SER H    H  N N 317 
SER H2   H  N N 318 
SER HA   H  N N 319 
SER HB2  H  N N 320 
SER HB3  H  N N 321 
SER HG   H  N N 322 
SER HXT  H  N N 323 
THR N    N  N N 324 
THR CA   C  N S 325 
THR C    C  N N 326 
THR O    O  N N 327 
THR CB   C  N R 328 
THR OG1  O  N N 329 
THR CG2  C  N N 330 
THR OXT  O  N N 331 
THR H    H  N N 332 
THR H2   H  N N 333 
THR HA   H  N N 334 
THR HB   H  N N 335 
THR HG1  H  N N 336 
THR HG21 H  N N 337 
THR HG22 H  N N 338 
THR HG23 H  N N 339 
THR HXT  H  N N 340 
TRP N    N  N N 341 
TRP CA   C  N S 342 
TRP C    C  N N 343 
TRP O    O  N N 344 
TRP CB   C  N N 345 
TRP CG   C  Y N 346 
TRP CD1  C  Y N 347 
TRP CD2  C  Y N 348 
TRP NE1  N  Y N 349 
TRP CE2  C  Y N 350 
TRP CE3  C  Y N 351 
TRP CZ2  C  Y N 352 
TRP CZ3  C  Y N 353 
TRP CH2  C  Y N 354 
TRP OXT  O  N N 355 
TRP H    H  N N 356 
TRP H2   H  N N 357 
TRP HA   H  N N 358 
TRP HB2  H  N N 359 
TRP HB3  H  N N 360 
TRP HD1  H  N N 361 
TRP HE1  H  N N 362 
TRP HE3  H  N N 363 
TRP HZ2  H  N N 364 
TRP HZ3  H  N N 365 
TRP HH2  H  N N 366 
TRP HXT  H  N N 367 
TYR N    N  N N 368 
TYR CA   C  N S 369 
TYR C    C  N N 370 
TYR O    O  N N 371 
TYR CB   C  N N 372 
TYR CG   C  Y N 373 
TYR CD1  C  Y N 374 
TYR CD2  C  Y N 375 
TYR CE1  C  Y N 376 
TYR CE2  C  Y N 377 
TYR CZ   C  Y N 378 
TYR OH   O  N N 379 
TYR OXT  O  N N 380 
TYR H    H  N N 381 
TYR H2   H  N N 382 
TYR HA   H  N N 383 
TYR HB2  H  N N 384 
TYR HB3  H  N N 385 
TYR HD1  H  N N 386 
TYR HD2  H  N N 387 
TYR HE1  H  N N 388 
TYR HE2  H  N N 389 
TYR HH   H  N N 390 
TYR HXT  H  N N 391 
VAL N    N  N N 392 
VAL CA   C  N S 393 
VAL C    C  N N 394 
VAL O    O  N N 395 
VAL CB   C  N N 396 
VAL CG1  C  N N 397 
VAL CG2  C  N N 398 
VAL OXT  O  N N 399 
VAL H    H  N N 400 
VAL H2   H  N N 401 
VAL HA   H  N N 402 
VAL HB   H  N N 403 
VAL HG11 H  N N 404 
VAL HG12 H  N N 405 
VAL HG13 H  N N 406 
VAL HG21 H  N N 407 
VAL HG22 H  N N 408 
VAL HG23 H  N N 409 
VAL HXT  H  N N 410 
# 
loop_
_chem_comp_bond.comp_id 
_chem_comp_bond.atom_id_1 
_chem_comp_bond.atom_id_2 
_chem_comp_bond.value_order 
_chem_comp_bond.pdbx_aromatic_flag 
_chem_comp_bond.pdbx_stereo_config 
_chem_comp_bond.pdbx_ordinal 
ALA N   CA   sing N N 1   
ALA N   H    sing N N 2   
ALA N   H2   sing N N 3   
ALA CA  C    sing N N 4   
ALA CA  CB   sing N N 5   
ALA CA  HA   sing N N 6   
ALA C   O    doub N N 7   
ALA C   OXT  sing N N 8   
ALA CB  HB1  sing N N 9   
ALA CB  HB2  sing N N 10  
ALA CB  HB3  sing N N 11  
ALA OXT HXT  sing N N 12  
ARG N   CA   sing N N 13  
ARG N   H    sing N N 14  
ARG N   H2   sing N N 15  
ARG CA  C    sing N N 16  
ARG CA  CB   sing N N 17  
ARG CA  HA   sing N N 18  
ARG C   O    doub N N 19  
ARG C   OXT  sing N N 20  
ARG CB  CG   sing N N 21  
ARG CB  HB2  sing N N 22  
ARG CB  HB3  sing N N 23  
ARG CG  CD   sing N N 24  
ARG CG  HG2  sing N N 25  
ARG CG  HG3  sing N N 26  
ARG CD  NE   sing N N 27  
ARG CD  HD2  sing N N 28  
ARG CD  HD3  sing N N 29  
ARG NE  CZ   sing N N 30  
ARG NE  HE   sing N N 31  
ARG CZ  NH1  sing N N 32  
ARG CZ  NH2  doub N N 33  
ARG NH1 HH11 sing N N 34  
ARG NH1 HH12 sing N N 35  
ARG NH2 HH21 sing N N 36  
ARG NH2 HH22 sing N N 37  
ARG OXT HXT  sing N N 38  
ASN N   CA   sing N N 39  
ASN N   H    sing N N 40  
ASN N   H2   sing N N 41  
ASN CA  C    sing N N 42  
ASN CA  CB   sing N N 43  
ASN CA  HA   sing N N 44  
ASN C   O    doub N N 45  
ASN C   OXT  sing N N 46  
ASN CB  CG   sing N N 47  
ASN CB  HB2  sing N N 48  
ASN CB  HB3  sing N N 49  
ASN CG  OD1  doub N N 50  
ASN CG  ND2  sing N N 51  
ASN ND2 HD21 sing N N 52  
ASN ND2 HD22 sing N N 53  
ASN OXT HXT  sing N N 54  
ASP N   CA   sing N N 55  
ASP N   H    sing N N 56  
ASP N   H2   sing N N 57  
ASP CA  C    sing N N 58  
ASP CA  CB   sing N N 59  
ASP CA  HA   sing N N 60  
ASP C   O    doub N N 61  
ASP C   OXT  sing N N 62  
ASP CB  CG   sing N N 63  
ASP CB  HB2  sing N N 64  
ASP CB  HB3  sing N N 65  
ASP CG  OD1  doub N N 66  
ASP CG  OD2  sing N N 67  
ASP OD2 HD2  sing N N 68  
ASP OXT HXT  sing N N 69  
CYS N   CA   sing N N 70  
CYS N   H    sing N N 71  
CYS N   H2   sing N N 72  
CYS CA  C    sing N N 73  
CYS CA  CB   sing N N 74  
CYS CA  HA   sing N N 75  
CYS C   O    doub N N 76  
CYS C   OXT  sing N N 77  
CYS CB  SG   sing N N 78  
CYS CB  HB2  sing N N 79  
CYS CB  HB3  sing N N 80  
CYS SG  HG   sing N N 81  
CYS OXT HXT  sing N N 82  
GLN N   CA   sing N N 83  
GLN N   H    sing N N 84  
GLN N   H2   sing N N 85  
GLN CA  C    sing N N 86  
GLN CA  CB   sing N N 87  
GLN CA  HA   sing N N 88  
GLN C   O    doub N N 89  
GLN C   OXT  sing N N 90  
GLN CB  CG   sing N N 91  
GLN CB  HB2  sing N N 92  
GLN CB  HB3  sing N N 93  
GLN CG  CD   sing N N 94  
GLN CG  HG2  sing N N 95  
GLN CG  HG3  sing N N 96  
GLN CD  OE1  doub N N 97  
GLN CD  NE2  sing N N 98  
GLN NE2 HE21 sing N N 99  
GLN NE2 HE22 sing N N 100 
GLN OXT HXT  sing N N 101 
GLU N   CA   sing N N 102 
GLU N   H    sing N N 103 
GLU N   H2   sing N N 104 
GLU CA  C    sing N N 105 
GLU CA  CB   sing N N 106 
GLU CA  HA   sing N N 107 
GLU C   O    doub N N 108 
GLU C   OXT  sing N N 109 
GLU CB  CG   sing N N 110 
GLU CB  HB2  sing N N 111 
GLU CB  HB3  sing N N 112 
GLU CG  CD   sing N N 113 
GLU CG  HG2  sing N N 114 
GLU CG  HG3  sing N N 115 
GLU CD  OE1  doub N N 116 
GLU CD  OE2  sing N N 117 
GLU OE2 HE2  sing N N 118 
GLU OXT HXT  sing N N 119 
GLY N   CA   sing N N 120 
GLY N   H    sing N N 121 
GLY N   H2   sing N N 122 
GLY CA  C    sing N N 123 
GLY CA  HA2  sing N N 124 
GLY CA  HA3  sing N N 125 
GLY C   O    doub N N 126 
GLY C   OXT  sing N N 127 
GLY OXT HXT  sing N N 128 
HIS N   CA   sing N N 129 
HIS N   H    sing N N 130 
HIS N   H2   sing N N 131 
HIS CA  C    sing N N 132 
HIS CA  CB   sing N N 133 
HIS CA  HA   sing N N 134 
HIS C   O    doub N N 135 
HIS C   OXT  sing N N 136 
HIS CB  CG   sing N N 137 
HIS CB  HB2  sing N N 138 
HIS CB  HB3  sing N N 139 
HIS CG  ND1  sing Y N 140 
HIS CG  CD2  doub Y N 141 
HIS ND1 CE1  doub Y N 142 
HIS ND1 HD1  sing N N 143 
HIS CD2 NE2  sing Y N 144 
HIS CD2 HD2  sing N N 145 
HIS CE1 NE2  sing Y N 146 
HIS CE1 HE1  sing N N 147 
HIS NE2 HE2  sing N N 148 
HIS OXT HXT  sing N N 149 
HOH O   H1   sing N N 150 
HOH O   H2   sing N N 151 
ILE N   CA   sing N N 152 
ILE N   H    sing N N 153 
ILE N   H2   sing N N 154 
ILE CA  C    sing N N 155 
ILE CA  CB   sing N N 156 
ILE CA  HA   sing N N 157 
ILE C   O    doub N N 158 
ILE C   OXT  sing N N 159 
ILE CB  CG1  sing N N 160 
ILE CB  CG2  sing N N 161 
ILE CB  HB   sing N N 162 
ILE CG1 CD1  sing N N 163 
ILE CG1 HG12 sing N N 164 
ILE CG1 HG13 sing N N 165 
ILE CG2 HG21 sing N N 166 
ILE CG2 HG22 sing N N 167 
ILE CG2 HG23 sing N N 168 
ILE CD1 HD11 sing N N 169 
ILE CD1 HD12 sing N N 170 
ILE CD1 HD13 sing N N 171 
ILE OXT HXT  sing N N 172 
LEU N   CA   sing N N 173 
LEU N   H    sing N N 174 
LEU N   H2   sing N N 175 
LEU CA  C    sing N N 176 
LEU CA  CB   sing N N 177 
LEU CA  HA   sing N N 178 
LEU C   O    doub N N 179 
LEU C   OXT  sing N N 180 
LEU CB  CG   sing N N 181 
LEU CB  HB2  sing N N 182 
LEU CB  HB3  sing N N 183 
LEU CG  CD1  sing N N 184 
LEU CG  CD2  sing N N 185 
LEU CG  HG   sing N N 186 
LEU CD1 HD11 sing N N 187 
LEU CD1 HD12 sing N N 188 
LEU CD1 HD13 sing N N 189 
LEU CD2 HD21 sing N N 190 
LEU CD2 HD22 sing N N 191 
LEU CD2 HD23 sing N N 192 
LEU OXT HXT  sing N N 193 
LYS N   CA   sing N N 194 
LYS N   H    sing N N 195 
LYS N   H2   sing N N 196 
LYS CA  C    sing N N 197 
LYS CA  CB   sing N N 198 
LYS CA  HA   sing N N 199 
LYS C   O    doub N N 200 
LYS C   OXT  sing N N 201 
LYS CB  CG   sing N N 202 
LYS CB  HB2  sing N N 203 
LYS CB  HB3  sing N N 204 
LYS CG  CD   sing N N 205 
LYS CG  HG2  sing N N 206 
LYS CG  HG3  sing N N 207 
LYS CD  CE   sing N N 208 
LYS CD  HD2  sing N N 209 
LYS CD  HD3  sing N N 210 
LYS CE  NZ   sing N N 211 
LYS CE  HE2  sing N N 212 
LYS CE  HE3  sing N N 213 
LYS NZ  HZ1  sing N N 214 
LYS NZ  HZ2  sing N N 215 
LYS NZ  HZ3  sing N N 216 
LYS OXT HXT  sing N N 217 
MET N   CA   sing N N 218 
MET N   H    sing N N 219 
MET N   H2   sing N N 220 
MET CA  C    sing N N 221 
MET CA  CB   sing N N 222 
MET CA  HA   sing N N 223 
MET C   O    doub N N 224 
MET C   OXT  sing N N 225 
MET CB  CG   sing N N 226 
MET CB  HB2  sing N N 227 
MET CB  HB3  sing N N 228 
MET CG  SD   sing N N 229 
MET CG  HG2  sing N N 230 
MET CG  HG3  sing N N 231 
MET SD  CE   sing N N 232 
MET CE  HE1  sing N N 233 
MET CE  HE2  sing N N 234 
MET CE  HE3  sing N N 235 
MET OXT HXT  sing N N 236 
MSE N   CA   sing N N 237 
MSE N   H    sing N N 238 
MSE N   H2   sing N N 239 
MSE CA  C    sing N N 240 
MSE CA  CB   sing N N 241 
MSE CA  HA   sing N N 242 
MSE C   O    doub N N 243 
MSE C   OXT  sing N N 244 
MSE OXT HXT  sing N N 245 
MSE CB  CG   sing N N 246 
MSE CB  HB2  sing N N 247 
MSE CB  HB3  sing N N 248 
MSE CG  SE   sing N N 249 
MSE CG  HG2  sing N N 250 
MSE CG  HG3  sing N N 251 
MSE SE  CE   sing N N 252 
MSE CE  HE1  sing N N 253 
MSE CE  HE2  sing N N 254 
MSE CE  HE3  sing N N 255 
PHE N   CA   sing N N 256 
PHE N   H    sing N N 257 
PHE N   H2   sing N N 258 
PHE CA  C    sing N N 259 
PHE CA  CB   sing N N 260 
PHE CA  HA   sing N N 261 
PHE C   O    doub N N 262 
PHE C   OXT  sing N N 263 
PHE CB  CG   sing N N 264 
PHE CB  HB2  sing N N 265 
PHE CB  HB3  sing N N 266 
PHE CG  CD1  doub Y N 267 
PHE CG  CD2  sing Y N 268 
PHE CD1 CE1  sing Y N 269 
PHE CD1 HD1  sing N N 270 
PHE CD2 CE2  doub Y N 271 
PHE CD2 HD2  sing N N 272 
PHE CE1 CZ   doub Y N 273 
PHE CE1 HE1  sing N N 274 
PHE CE2 CZ   sing Y N 275 
PHE CE2 HE2  sing N N 276 
PHE CZ  HZ   sing N N 277 
PHE OXT HXT  sing N N 278 
PRO N   CA   sing N N 279 
PRO N   CD   sing N N 280 
PRO N   H    sing N N 281 
PRO CA  C    sing N N 282 
PRO CA  CB   sing N N 283 
PRO CA  HA   sing N N 284 
PRO C   O    doub N N 285 
PRO C   OXT  sing N N 286 
PRO CB  CG   sing N N 287 
PRO CB  HB2  sing N N 288 
PRO CB  HB3  sing N N 289 
PRO CG  CD   sing N N 290 
PRO CG  HG2  sing N N 291 
PRO CG  HG3  sing N N 292 
PRO CD  HD2  sing N N 293 
PRO CD  HD3  sing N N 294 
PRO OXT HXT  sing N N 295 
SER N   CA   sing N N 296 
SER N   H    sing N N 297 
SER N   H2   sing N N 298 
SER CA  C    sing N N 299 
SER CA  CB   sing N N 300 
SER CA  HA   sing N N 301 
SER C   O    doub N N 302 
SER C   OXT  sing N N 303 
SER CB  OG   sing N N 304 
SER CB  HB2  sing N N 305 
SER CB  HB3  sing N N 306 
SER OG  HG   sing N N 307 
SER OXT HXT  sing N N 308 
THR N   CA   sing N N 309 
THR N   H    sing N N 310 
THR N   H2   sing N N 311 
THR CA  C    sing N N 312 
THR CA  CB   sing N N 313 
THR CA  HA   sing N N 314 
THR C   O    doub N N 315 
THR C   OXT  sing N N 316 
THR CB  OG1  sing N N 317 
THR CB  CG2  sing N N 318 
THR CB  HB   sing N N 319 
THR OG1 HG1  sing N N 320 
THR CG2 HG21 sing N N 321 
THR CG2 HG22 sing N N 322 
THR CG2 HG23 sing N N 323 
THR OXT HXT  sing N N 324 
TRP N   CA   sing N N 325 
TRP N   H    sing N N 326 
TRP N   H2   sing N N 327 
TRP CA  C    sing N N 328 
TRP CA  CB   sing N N 329 
TRP CA  HA   sing N N 330 
TRP C   O    doub N N 331 
TRP C   OXT  sing N N 332 
TRP CB  CG   sing N N 333 
TRP CB  HB2  sing N N 334 
TRP CB  HB3  sing N N 335 
TRP CG  CD1  doub Y N 336 
TRP CG  CD2  sing Y N 337 
TRP CD1 NE1  sing Y N 338 
TRP CD1 HD1  sing N N 339 
TRP CD2 CE2  doub Y N 340 
TRP CD2 CE3  sing Y N 341 
TRP NE1 CE2  sing Y N 342 
TRP NE1 HE1  sing N N 343 
TRP CE2 CZ2  sing Y N 344 
TRP CE3 CZ3  doub Y N 345 
TRP CE3 HE3  sing N N 346 
TRP CZ2 CH2  doub Y N 347 
TRP CZ2 HZ2  sing N N 348 
TRP CZ3 CH2  sing Y N 349 
TRP CZ3 HZ3  sing N N 350 
TRP CH2 HH2  sing N N 351 
TRP OXT HXT  sing N N 352 
TYR N   CA   sing N N 353 
TYR N   H    sing N N 354 
TYR N   H2   sing N N 355 
TYR CA  C    sing N N 356 
TYR CA  CB   sing N N 357 
TYR CA  HA   sing N N 358 
TYR C   O    doub N N 359 
TYR C   OXT  sing N N 360 
TYR CB  CG   sing N N 361 
TYR CB  HB2  sing N N 362 
TYR CB  HB3  sing N N 363 
TYR CG  CD1  doub Y N 364 
TYR CG  CD2  sing Y N 365 
TYR CD1 CE1  sing Y N 366 
TYR CD1 HD1  sing N N 367 
TYR CD2 CE2  doub Y N 368 
TYR CD2 HD2  sing N N 369 
TYR CE1 CZ   doub Y N 370 
TYR CE1 HE1  sing N N 371 
TYR CE2 CZ   sing Y N 372 
TYR CE2 HE2  sing N N 373 
TYR CZ  OH   sing N N 374 
TYR OH  HH   sing N N 375 
TYR OXT HXT  sing N N 376 
VAL N   CA   sing N N 377 
VAL N   H    sing N N 378 
VAL N   H2   sing N N 379 
VAL CA  C    sing N N 380 
VAL CA  CB   sing N N 381 
VAL CA  HA   sing N N 382 
VAL C   O    doub N N 383 
VAL C   OXT  sing N N 384 
VAL CB  CG1  sing N N 385 
VAL CB  CG2  sing N N 386 
VAL CB  HB   sing N N 387 
VAL CG1 HG11 sing N N 388 
VAL CG1 HG12 sing N N 389 
VAL CG1 HG13 sing N N 390 
VAL CG2 HG21 sing N N 391 
VAL CG2 HG22 sing N N 392 
VAL CG2 HG23 sing N N 393 
VAL OXT HXT  sing N N 394 
# 
_atom_sites.entry_id                    2HZR 
_atom_sites.fract_transf_matrix[1][1]   -0.01309203 
_atom_sites.fract_transf_matrix[1][2]   0.00938083 
_atom_sites.fract_transf_matrix[1][3]   0.01236658 
_atom_sites.fract_transf_matrix[2][1]   -0.00414739 
_atom_sites.fract_transf_matrix[2][2]   0.01347575 
_atom_sites.fract_transf_matrix[2][3]   -0.01461290 
_atom_sites.fract_transf_matrix[3][1]   -0.00513345 
_atom_sites.fract_transf_matrix[3][2]   -0.00410030 
_atom_sites.fract_transf_matrix[3][3]   -0.00232426 
_atom_sites.fract_transf_vector[1]      0.015871 
_atom_sites.fract_transf_vector[2]      0.542416 
_atom_sites.fract_transf_vector[3]      0.380153 
# 
loop_
_atom_type.symbol 
C  
N  
O  
S  
SE 
# 
loop_
_atom_site.group_PDB 
_atom_site.id 
_atom_site.type_symbol 
_atom_site.label_atom_id 
_atom_site.label_alt_id 
_atom_site.label_comp_id 
_atom_site.label_asym_id 
_atom_site.label_entity_id 
_atom_site.label_seq_id 
_atom_site.pdbx_PDB_ins_code 
_atom_site.Cartn_x 
_atom_site.Cartn_y 
_atom_site.Cartn_z 
_atom_site.occupancy 
_atom_site.B_iso_or_equiv 
_atom_site.pdbx_formal_charge 
_atom_site.auth_seq_id 
_atom_site.auth_comp_id 
_atom_site.auth_asym_id 
_atom_site.auth_atom_id 
_atom_site.pdbx_PDB_model_num 
ATOM   1    N  N   . PHE A 1 1   ? 4.512   16.246  3.934   1.00 20.14 ? 3   PHE A N   1 
ATOM   2    C  CA  . PHE A 1 1   ? 5.104   17.333  3.092   1.00 19.32 ? 3   PHE A CA  1 
ATOM   3    C  C   . PHE A 1 1   ? 6.586   17.446  3.419   1.00 18.74 ? 3   PHE A C   1 
ATOM   4    O  O   . PHE A 1 1   ? 6.953   17.705  4.575   1.00 19.42 ? 3   PHE A O   1 
ATOM   5    C  CB  . PHE A 1 1   ? 4.404   18.660  3.383   1.00 19.69 ? 3   PHE A CB  1 
ATOM   6    C  CG  . PHE A 1 1   ? 4.912   19.799  2.556   1.00 19.36 ? 3   PHE A CG  1 
ATOM   7    C  CD1 . PHE A 1 1   ? 4.709   19.819  1.175   1.00 18.22 ? 3   PHE A CD1 1 
ATOM   8    C  CD2 . PHE A 1 1   ? 5.586   20.860  3.151   1.00 22.37 ? 3   PHE A CD2 1 
ATOM   9    C  CE1 . PHE A 1 1   ? 5.155   20.876  0.392   1.00 21.26 ? 3   PHE A CE1 1 
ATOM   10   C  CE2 . PHE A 1 1   ? 6.047   21.920  2.379   1.00 22.68 ? 3   PHE A CE2 1 
ATOM   11   C  CZ  . PHE A 1 1   ? 5.838   21.926  1.002   1.00 22.16 ? 3   PHE A CZ  1 
ATOM   12   N  N   . HIS A 1 2   ? 7.429   17.275  2.401   1.00 17.82 ? 4   HIS A N   1 
ATOM   13   C  CA  . HIS A 1 2   ? 8.859   17.108  2.597   1.00 18.07 ? 4   HIS A CA  1 
ATOM   14   C  C   . HIS A 1 2   ? 9.695   17.818  1.557   1.00 17.26 ? 4   HIS A C   1 
ATOM   15   O  O   . HIS A 1 2   ? 9.294   17.957  0.401   1.00 17.72 ? 4   HIS A O   1 
ATOM   16   C  CB  . HIS A 1 2   ? 9.233   15.623  2.517   1.00 18.28 ? 4   HIS A CB  1 
ATOM   17   C  CG  . HIS A 1 2   ? 8.370   14.733  3.341   1.00 19.86 ? 4   HIS A CG  1 
ATOM   18   N  ND1 . HIS A 1 2   ? 8.461   14.667  4.713   1.00 20.28 ? 4   HIS A ND1 1 
ATOM   19   C  CD2 . HIS A 1 2   ? 7.423   13.833  2.977   1.00 21.31 ? 4   HIS A CD2 1 
ATOM   20   C  CE1 . HIS A 1 2   ? 7.583   13.789  5.165   1.00 22.82 ? 4   HIS A CE1 1 
ATOM   21   N  NE2 . HIS A 1 2   ? 6.946   13.265  4.129   1.00 22.18 ? 4   HIS A NE2 1 
ATOM   22   N  N   . LEU A 1 3   ? 10.899  18.194  1.951   1.00 17.53 ? 5   LEU A N   1 
ATOM   23   C  CA  . LEU A 1 3   ? 11.813  18.830  1.037   1.00 16.97 ? 5   LEU A CA  1 
ATOM   24   C  C   . LEU A 1 3   ? 12.371  17.850  0.016   1.00 17.52 ? 5   LEU A C   1 
ATOM   25   O  O   . LEU A 1 3   ? 12.718  16.723  0.340   1.00 17.10 ? 5   LEU A O   1 
ATOM   26   C  CB  . LEU A 1 3   ? 12.969  19.479  1.832   1.00 16.74 ? 5   LEU A CB  1 
ATOM   27   C  CG  . LEU A 1 3   ? 13.952  20.405  1.119   1.00 17.84 ? 5   LEU A CG  1 
ATOM   28   C  CD1 . LEU A 1 3   ? 13.176  21.561  0.472   1.00 19.20 ? 5   LEU A CD1 1 
ATOM   29   C  CD2 . LEU A 1 3   ? 14.958  20.906  2.154   1.00 16.27 ? 5   LEU A CD2 1 
ATOM   30   N  N   . GLY A 1 4   ? 12.468  18.289  -1.231  1.00 18.11 ? 6   GLY A N   1 
ATOM   31   C  CA  . GLY A 1 4   ? 13.201  17.522  -2.220  1.00 18.19 ? 6   GLY A CA  1 
ATOM   32   C  C   . GLY A 1 4   ? 12.375  16.701  -3.191  1.00 18.68 ? 6   GLY A C   1 
ATOM   33   O  O   . GLY A 1 4   ? 11.138  16.695  -3.135  1.00 18.65 ? 6   GLY A O   1 
ATOM   34   N  N   . LYS A 1 5   ? 13.075  15.996  -4.076  1.00 19.56 ? 7   LYS A N   1 
ATOM   35   C  CA  . LYS A 1 5   ? 12.446  15.061  -5.004  1.00 19.67 ? 7   LYS A CA  1 
ATOM   36   C  C   . LYS A 1 5   ? 11.959  13.803  -4.251  1.00 19.00 ? 7   LYS A C   1 
ATOM   37   O  O   . LYS A 1 5   ? 12.383  13.514  -3.115  1.00 17.60 ? 7   LYS A O   1 
ATOM   38   C  CB  . LYS A 1 5   ? 13.414  14.653  -6.115  1.00 20.59 ? 7   LYS A CB  1 
ATOM   39   C  CG  . LYS A 1 5   ? 14.544  13.758  -5.669  1.00 23.71 ? 7   LYS A CG  1 
ATOM   40   C  CD  . LYS A 1 5   ? 15.615  13.626  -6.743  1.00 30.25 ? 7   LYS A CD  1 
ATOM   41   C  CE  . LYS A 1 5   ? 16.649  12.587  -6.320  1.00 32.63 ? 7   LYS A CE  1 
ATOM   42   N  NZ  . LYS A 1 5   ? 17.861  12.584  -7.196  1.00 37.37 ? 7   LYS A NZ  1 
ATOM   43   N  N   . CYS A 1 6   ? 11.056  13.070  -4.895  1.00 18.96 ? 8   CYS A N   1 
ATOM   44   C  CA  . CYS A 1 6   ? 10.521  11.850  -4.299  1.00 19.66 ? 8   CYS A CA  1 
ATOM   45   C  C   . CYS A 1 6   ? 11.632  10.848  -4.106  1.00 18.79 ? 8   CYS A C   1 
ATOM   46   O  O   . CYS A 1 6   ? 12.423  10.650  -5.032  1.00 18.93 ? 8   CYS A O   1 
ATOM   47   C  CB  . CYS A 1 6   ? 9.527   11.210  -5.253  1.00 19.24 ? 8   CYS A CB  1 
ATOM   48   S  SG  . CYS A 1 6   ? 7.903   11.996  -5.198  1.00 25.01 ? 8   CYS A SG  1 
ATOM   49   N  N   . PRO A 1 7   ? 11.659  10.197  -2.946  1.00 18.72 ? 9   PRO A N   1 
ATOM   50   C  CA  . PRO A 1 7   ? 12.515  9.033   -2.745  1.00 18.99 ? 9   PRO A CA  1 
ATOM   51   C  C   . PRO A 1 7   ? 12.167  7.986   -3.787  1.00 20.18 ? 9   PRO A C   1 
ATOM   52   O  O   . PRO A 1 7   ? 11.012  7.908   -4.253  1.00 19.34 ? 9   PRO A O   1 
ATOM   53   C  CB  . PRO A 1 7   ? 12.129  8.561   -1.339  1.00 18.44 ? 9   PRO A CB  1 
ATOM   54   C  CG  . PRO A 1 7   ? 11.680  9.808   -0.657  1.00 18.82 ? 9   PRO A CG  1 
ATOM   55   C  CD  . PRO A 1 7   ? 10.874  10.501  -1.745  1.00 18.29 ? 9   PRO A CD  1 
ATOM   56   N  N   . ASN A 1 8   ? 13.158  7.191   -4.162  1.00 21.32 ? 10  ASN A N   1 
ATOM   57   C  CA  . ASN A 1 8   ? 12.956  6.150   -5.148  1.00 22.89 ? 10  ASN A CA  1 
ATOM   58   C  C   . ASN A 1 8   ? 13.583  4.874   -4.579  1.00 22.39 ? 10  ASN A C   1 
ATOM   59   O  O   . ASN A 1 8   ? 14.641  4.412   -5.035  1.00 22.86 ? 10  ASN A O   1 
ATOM   60   C  CB  . ASN A 1 8   ? 13.533  6.548   -6.515  1.00 24.62 ? 10  ASN A CB  1 
ATOM   61   C  CG  . ASN A 1 8   ? 13.152  5.556   -7.642  1.00 28.38 ? 10  ASN A CG  1 
ATOM   62   O  OD1 . ASN A 1 8   ? 12.040  4.996   -7.676  1.00 33.97 ? 10  ASN A OD1 1 
ATOM   63   N  ND2 . ASN A 1 8   ? 14.072  5.351   -8.565  1.00 34.86 ? 10  ASN A ND2 1 
ATOM   64   N  N   . PRO A 1 9   ? 12.941  4.300   -3.567  1.00 21.33 ? 11  PRO A N   1 
ATOM   65   C  CA  . PRO A 1 9   ? 13.455  3.070   -2.988  1.00 20.66 ? 11  PRO A CA  1 
ATOM   66   C  C   . PRO A 1 9   ? 13.374  1.947   -3.997  1.00 20.78 ? 11  PRO A C   1 
ATOM   67   O  O   . PRO A 1 9   ? 12.510  1.966   -4.868  1.00 19.83 ? 11  PRO A O   1 
ATOM   68   C  CB  . PRO A 1 9   ? 12.517  2.792   -1.808  1.00 20.78 ? 11  PRO A CB  1 
ATOM   69   C  CG  . PRO A 1 9   ? 11.281  3.543   -2.123  1.00 20.72 ? 11  PRO A CG  1 
ATOM   70   C  CD  . PRO A 1 9   ? 11.727  4.778   -2.887  1.00 20.98 ? 11  PRO A CD  1 
ATOM   71   N  N   . PRO A 1 10  ? 14.273  0.970   -3.883  1.00 21.37 ? 12  PRO A N   1 
ATOM   72   C  CA  . PRO A 1 10  ? 14.177  -0.205  -4.717  1.00 21.68 ? 12  PRO A CA  1 
ATOM   73   C  C   . PRO A 1 10  ? 12.878  -0.950  -4.408  1.00 21.55 ? 12  PRO A C   1 
ATOM   74   O  O   . PRO A 1 10  ? 12.357  -0.884  -3.291  1.00 20.92 ? 12  PRO A O   1 
ATOM   75   C  CB  . PRO A 1 10  ? 15.393  -1.041  -4.310  1.00 22.47 ? 12  PRO A CB  1 
ATOM   76   C  CG  . PRO A 1 10  ? 15.799  -0.530  -2.986  1.00 23.29 ? 12  PRO A CG  1 
ATOM   77   C  CD  . PRO A 1 10  ? 15.418  0.917   -2.955  1.00 22.05 ? 12  PRO A CD  1 
ATOM   78   N  N   . VAL A 1 11  ? 12.372  -1.639  -5.415  1.00 21.17 ? 13  VAL A N   1 
ATOM   79   C  CA  . VAL A 1 11  ? 11.107  -2.369  -5.282  1.00 20.96 ? 13  VAL A CA  1 
ATOM   80   C  C   . VAL A 1 11  ? 11.400  -3.853  -5.211  1.00 21.16 ? 13  VAL A C   1 
ATOM   81   O  O   . VAL A 1 11  ? 12.544  -4.269  -5.422  1.00 21.76 ? 13  VAL A O   1 
ATOM   82   C  CB  . VAL A 1 11  ? 10.130  -2.030  -6.402  1.00 20.13 ? 13  VAL A CB  1 
ATOM   83   C  CG1 . VAL A 1 11  ? 9.712   -0.524  -6.311  1.00 22.17 ? 13  VAL A CG1 1 
ATOM   84   C  CG2 . VAL A 1 11  ? 10.699  -2.412  -7.825  1.00 21.20 ? 13  VAL A CG2 1 
ATOM   85   N  N   . GLN A 1 12  ? 10.379  -4.636  -4.895  1.00 20.40 ? 14  GLN A N   1 
ATOM   86   C  CA  . GLN A 1 12  ? 10.512  -6.084  -4.725  1.00 20.62 ? 14  GLN A CA  1 
ATOM   87   C  C   . GLN A 1 12  ? 11.112  -6.735  -5.971  1.00 20.78 ? 14  GLN A C   1 
ATOM   88   O  O   . GLN A 1 12  ? 10.606  -6.574  -7.098  1.00 19.62 ? 14  GLN A O   1 
ATOM   89   C  CB  . GLN A 1 12  ? 9.147   -6.707  -4.417  1.00 21.15 ? 14  GLN A CB  1 
ATOM   90   C  CG  . GLN A 1 12  ? 9.162   -8.268  -4.309  1.00 21.62 ? 14  GLN A CG  1 
ATOM   91   C  CD  . GLN A 1 12  ? 10.032  -8.765  -3.191  1.00 22.15 ? 14  GLN A CD  1 
ATOM   92   O  OE1 . GLN A 1 12  ? 9.902   -8.336  -2.048  1.00 21.51 ? 14  GLN A OE1 1 
ATOM   93   N  NE2 . GLN A 1 12  ? 10.911  -9.736  -3.505  1.00 25.68 ? 14  GLN A NE2 1 
ATOM   94   N  N   . GLU A 1 13  ? 12.193  -7.474  -5.746  1.00 23.53 ? 15  GLU A N   1 
ATOM   95   C  CA  . GLU A 1 13  ? 12.904  -8.151  -6.832  1.00 25.80 ? 15  GLU A CA  1 
ATOM   96   C  C   . GLU A 1 13  ? 12.118  -9.364  -7.282  1.00 25.14 ? 15  GLU A C   1 
ATOM   97   O  O   . GLU A 1 13  ? 11.525  -10.062 -6.457  1.00 25.09 ? 15  GLU A O   1 
ATOM   98   C  CB  . GLU A 1 13  ? 14.275  -8.627  -6.342  1.00 25.78 ? 15  GLU A CB  1 
ATOM   99   C  CG  . GLU A 1 13  ? 15.270  -7.520  -6.052  1.00 29.65 ? 15  GLU A CG  1 
ATOM   100  C  CD  . GLU A 1 13  ? 16.636  -8.067  -5.646  1.00 31.28 ? 15  GLU A CD  1 
ATOM   101  O  OE1 . GLU A 1 13  ? 17.061  -9.118  -6.206  1.00 37.87 ? 15  GLU A OE1 1 
ATOM   102  O  OE2 . GLU A 1 13  ? 17.266  -7.454  -4.758  1.00 37.99 ? 15  GLU A OE2 1 
ATOM   103  N  N   . ASN A 1 14  ? 12.156  -9.631  -8.587  1.00 25.42 ? 16  ASN A N   1 
ATOM   104  C  CA  . ASN A 1 14  ? 11.487  -10.797 -9.158  1.00 25.96 ? 16  ASN A CA  1 
ATOM   105  C  C   . ASN A 1 14  ? 10.020  -10.842 -8.741  1.00 25.07 ? 16  ASN A C   1 
ATOM   106  O  O   . ASN A 1 14  ? 9.511   -11.914 -8.425  1.00 24.95 ? 16  ASN A O   1 
ATOM   107  C  CB  . ASN A 1 14  ? 12.190  -12.099 -8.728  1.00 26.81 ? 16  ASN A CB  1 
ATOM   108  C  CG  . ASN A 1 14  ? 13.655  -12.128 -9.103  1.00 29.10 ? 16  ASN A CG  1 
ATOM   109  O  OD1 . ASN A 1 14  ? 14.500  -12.458 -8.285  1.00 33.30 ? 16  ASN A OD1 1 
ATOM   110  N  ND2 . ASN A 1 14  ? 13.960  -11.761 -10.326 1.00 31.28 ? 16  ASN A ND2 1 
ATOM   111  N  N   . PHE A 1 15  ? 9.367   -9.671  -8.728  1.00 23.59 ? 17  PHE A N   1 
ATOM   112  C  CA  . PHE A 1 15  ? 7.979   -9.575  -8.274  1.00 22.72 ? 17  PHE A CA  1 
ATOM   113  C  C   . PHE A 1 15  ? 7.041   -10.363 -9.187  1.00 22.79 ? 17  PHE A C   1 
ATOM   114  O  O   . PHE A 1 15  ? 6.961   -10.079 -10.390 1.00 22.80 ? 17  PHE A O   1 
ATOM   115  C  CB  . PHE A 1 15  ? 7.494   -8.124  -8.225  1.00 21.82 ? 17  PHE A CB  1 
ATOM   116  C  CG  . PHE A 1 15  ? 6.014   -7.996  -7.907  1.00 20.31 ? 17  PHE A CG  1 
ATOM   117  C  CD1 . PHE A 1 15  ? 5.529   -8.344  -6.645  1.00 18.90 ? 17  PHE A CD1 1 
ATOM   118  C  CD2 . PHE A 1 15  ? 5.116   -7.531  -8.865  1.00 19.58 ? 17  PHE A CD2 1 
ATOM   119  C  CE1 . PHE A 1 15  ? 4.154   -8.241  -6.363  1.00 17.12 ? 17  PHE A CE1 1 
ATOM   120  C  CE2 . PHE A 1 15  ? 3.753   -7.416  -8.585  1.00 18.87 ? 17  PHE A CE2 1 
ATOM   121  C  CZ  . PHE A 1 15  ? 3.286   -7.767  -7.327  1.00 16.70 ? 17  PHE A CZ  1 
ATOM   122  N  N   . ASP A 1 16  ? 6.304   -11.294 -8.574  1.00 22.78 ? 18  ASP A N   1 
ATOM   123  C  CA  . ASP A 1 16  ? 5.351   -12.145 -9.275  1.00 22.29 ? 18  ASP A CA  1 
ATOM   124  C  C   . ASP A 1 16  ? 3.899   -11.760 -8.982  1.00 21.60 ? 18  ASP A C   1 
ATOM   125  O  O   . ASP A 1 16  ? 3.338   -12.133 -7.943  1.00 20.59 ? 18  ASP A O   1 
ATOM   126  C  CB  . ASP A 1 16  ? 5.592   -13.619 -8.932  1.00 23.09 ? 18  ASP A CB  1 
ATOM   127  C  CG  . ASP A 1 16  ? 4.751   -14.552 -9.786  1.00 25.98 ? 18  ASP A CG  1 
ATOM   128  O  OD1 . ASP A 1 16  ? 3.897   -14.075 -10.566 1.00 26.23 ? 18  ASP A OD1 1 
ATOM   129  O  OD2 . ASP A 1 16  ? 4.886   -15.789 -9.738  1.00 30.84 ? 18  ASP A OD2 1 
ATOM   130  N  N   . VAL A 1 17  ? 3.301   -11.028 -9.919  1.00 21.20 ? 19  VAL A N   1 
ATOM   131  C  CA  . VAL A 1 17  ? 1.959   -10.469 -9.719  1.00 21.62 ? 19  VAL A CA  1 
ATOM   132  C  C   . VAL A 1 17  ? 0.937   -11.577 -9.501  1.00 21.71 ? 19  VAL A C   1 
ATOM   133  O  O   . VAL A 1 17  ? -0.082  -11.372 -8.849  1.00 21.01 ? 19  VAL A O   1 
ATOM   134  C  CB  . VAL A 1 17  ? 1.541   -9.532  -10.891 1.00 22.22 ? 19  VAL A CB  1 
ATOM   135  C  CG1 . VAL A 1 17  ? 1.220   -10.316 -12.184 1.00 23.54 ? 19  VAL A CG1 1 
ATOM   136  C  CG2 . VAL A 1 17  ? 0.377   -8.664  -10.489 1.00 23.03 ? 19  VAL A CG2 1 
ATOM   137  N  N   . ASN A 1 18  ? 1.225   -12.769 -10.044 1.00 21.62 ? 20  ASN A N   1 
ATOM   138  C  CA  . ASN A 1 18  ? 0.278   -13.883 -9.924  1.00 22.24 ? 20  ASN A CA  1 
ATOM   139  C  C   . ASN A 1 18  ? 0.105   -14.387 -8.503  1.00 21.09 ? 20  ASN A C   1 
ATOM   140  O  O   . ASN A 1 18  ? -0.899  -15.042 -8.200  1.00 20.16 ? 20  ASN A O   1 
ATOM   141  C  CB  . ASN A 1 18  ? 0.663   -15.017 -10.863 1.00 23.10 ? 20  ASN A CB  1 
ATOM   142  C  CG  . ASN A 1 18  ? 0.571   -14.605 -12.306 1.00 25.46 ? 20  ASN A CG  1 
ATOM   143  O  OD1 . ASN A 1 18  ? -0.513  -14.392 -12.827 1.00 30.28 ? 20  ASN A OD1 1 
ATOM   144  N  ND2 . ASN A 1 18  ? 1.721   -14.422 -12.948 1.00 30.80 ? 20  ASN A ND2 1 
ATOM   145  N  N   . LYS A 1 19  ? 1.088   -14.090 -7.637  1.00 19.81 ? 21  LYS A N   1 
ATOM   146  C  CA  . LYS A 1 19  ? 1.043   -14.509 -6.233  1.00 18.77 ? 21  LYS A CA  1 
ATOM   147  C  C   . LYS A 1 19  ? 0.543   -13.406 -5.287  1.00 18.02 ? 21  LYS A C   1 
ATOM   148  O  O   . LYS A 1 19  ? 0.321   -13.648 -4.085  1.00 16.90 ? 21  LYS A O   1 
ATOM   149  C  CB  . LYS A 1 19  ? 2.412   -15.011 -5.776  1.00 19.93 ? 21  LYS A CB  1 
ATOM   150  C  CG  . LYS A 1 19  ? 2.834   -16.324 -6.450  1.00 21.59 ? 21  LYS A CG  1 
ATOM   151  C  CD  . LYS A 1 19  ? 4.221   -16.704 -5.953  1.00 26.63 ? 21  LYS A CD  1 
ATOM   152  C  CE  . LYS A 1 19  ? 4.793   -17.872 -6.775  1.00 30.36 ? 21  LYS A CE  1 
ATOM   153  N  NZ  . LYS A 1 19  ? 6.166   -18.196 -6.266  1.00 34.90 ? 21  LYS A NZ  1 
ATOM   154  N  N   . TYR A 1 20  ? 0.331   -12.221 -5.850  1.00 17.59 ? 22  TYR A N   1 
ATOM   155  C  CA  . TYR A 1 20  ? -0.104  -11.040 -5.068  1.00 17.07 ? 22  TYR A CA  1 
ATOM   156  C  C   . TYR A 1 20  ? -1.627  -10.860 -4.837  1.00 17.56 ? 22  TYR A C   1 
ATOM   157  O  O   . TYR A 1 20  ? -1.991  -10.079 -3.944  1.00 17.35 ? 22  TYR A O   1 
ATOM   158  C  CB  . TYR A 1 20  ? 0.469   -9.761  -5.710  1.00 16.07 ? 22  TYR A CB  1 
ATOM   159  C  CG  . TYR A 1 20  ? 0.485   -8.538  -4.825  1.00 13.36 ? 22  TYR A CG  1 
ATOM   160  C  CD1 . TYR A 1 20  ? 1.327   -8.480  -3.700  1.00 14.34 ? 22  TYR A CD1 1 
ATOM   161  C  CD2 . TYR A 1 20  ? -0.306  -7.422  -5.132  1.00 14.56 ? 22  TYR A CD2 1 
ATOM   162  C  CE1 . TYR A 1 20  ? 1.358   -7.357  -2.865  1.00 12.56 ? 22  TYR A CE1 1 
ATOM   163  C  CE2 . TYR A 1 20  ? -0.279  -6.272  -4.292  1.00 13.94 ? 22  TYR A CE2 1 
ATOM   164  C  CZ  . TYR A 1 20  ? 0.555   -6.263  -3.183  1.00 14.01 ? 22  TYR A CZ  1 
ATOM   165  O  OH  . TYR A 1 20  ? 0.579   -5.148  -2.363  1.00 14.22 ? 22  TYR A OH  1 
ATOM   166  N  N   . PRO A 1 21  ? -2.525  -11.530 -5.584  1.00 17.77 ? 23  PRO A N   1 
ATOM   167  C  CA  . PRO A 1 21  ? -3.938  -11.160 -5.504  1.00 17.58 ? 23  PRO A CA  1 
ATOM   168  C  C   . PRO A 1 21  ? -4.599  -11.731 -4.274  1.00 16.35 ? 23  PRO A C   1 
ATOM   169  O  O   . PRO A 1 21  ? -3.978  -12.509 -3.539  1.00 17.99 ? 23  PRO A O   1 
ATOM   170  C  CB  . PRO A 1 21  ? -4.544  -11.796 -6.768  1.00 18.31 ? 23  PRO A CB  1 
ATOM   171  C  CG  . PRO A 1 21  ? -3.777  -13.063 -6.914  1.00 20.08 ? 23  PRO A CG  1 
ATOM   172  C  CD  . PRO A 1 21  ? -2.327  -12.632 -6.550  1.00 18.40 ? 23  PRO A CD  1 
ATOM   173  N  N   . GLY A 1 22  ? -5.864  -11.398 -4.111  1.00 16.44 ? 24  GLY A N   1 
ATOM   174  C  CA  . GLY A 1 22  ? -6.640  -11.864 -2.965  1.00 16.47 ? 24  GLY A CA  1 
ATOM   175  C  C   . GLY A 1 22  ? -6.712  -10.776 -1.904  1.00 15.86 ? 24  GLY A C   1 
ATOM   176  O  O   . GLY A 1 22  ? -6.582  -9.593  -2.208  1.00 14.94 ? 24  GLY A O   1 
ATOM   177  N  N   . ARG A 1 23  ? -6.941  -11.177 -0.664  1.00 15.36 ? 25  ARG A N   1 
ATOM   178  C  CA  . ARG A 1 23  ? -7.240  -10.197 0.372   1.00 15.86 ? 25  ARG A CA  1 
ATOM   179  C  C   . ARG A 1 23  ? -5.995  -9.847  1.191   1.00 14.85 ? 25  ARG A C   1 
ATOM   180  O  O   . ARG A 1 23  ? -5.239  -10.723 1.589   1.00 14.31 ? 25  ARG A O   1 
ATOM   181  C  CB  . ARG A 1 23  ? -8.351  -10.720 1.292   1.00 15.53 ? 25  ARG A CB  1 
ATOM   182  C  CG  . ARG A 1 23  ? -8.727  -9.726  2.417   1.00 18.66 ? 25  ARG A CG  1 
ATOM   183  C  CD  . ARG A 1 23  ? -9.724  -10.314 3.398   1.00 21.75 ? 25  ARG A CD  1 
ATOM   184  N  NE  . ARG A 1 23  ? -9.153  -11.530 3.981   1.00 29.39 ? 25  ARG A NE  1 
ATOM   185  C  CZ  . ARG A 1 23  ? -9.846  -12.572 4.425   1.00 32.68 ? 25  ARG A CZ  1 
ATOM   186  N  NH1 . ARG A 1 23  ? -11.179 -12.594 4.363   1.00 32.85 ? 25  ARG A NH1 1 
ATOM   187  N  NH2 . ARG A 1 23  ? -9.201  -13.609 4.943   1.00 36.41 ? 25  ARG A NH2 1 
ATOM   188  N  N   . TRP A 1 24  ? -5.822  -8.555  1.460   1.00 13.67 ? 26  TRP A N   1 
ATOM   189  C  CA  . TRP A 1 24  ? -4.759  -8.057  2.329   1.00 13.51 ? 26  TRP A CA  1 
ATOM   190  C  C   . TRP A 1 24  ? -5.408  -7.127  3.337   1.00 13.89 ? 26  TRP A C   1 
ATOM   191  O  O   . TRP A 1 24  ? -6.318  -6.350  2.974   1.00 16.82 ? 26  TRP A O   1 
ATOM   192  C  CB  . TRP A 1 24  ? -3.771  -7.235  1.495   1.00 13.78 ? 26  TRP A CB  1 
ATOM   193  C  CG  . TRP A 1 24  ? -2.918  -8.020  0.567   1.00 13.64 ? 26  TRP A CG  1 
ATOM   194  C  CD1 . TRP A 1 24  ? -3.126  -8.239  -0.773  1.00 15.32 ? 26  TRP A CD1 1 
ATOM   195  C  CD2 . TRP A 1 24  ? -1.665  -8.617  0.878   1.00 14.04 ? 26  TRP A CD2 1 
ATOM   196  N  NE1 . TRP A 1 24  ? -2.090  -8.977  -1.299  1.00 15.05 ? 26  TRP A NE1 1 
ATOM   197  C  CE2 . TRP A 1 24  ? -1.172  -9.214  -0.311  1.00 13.88 ? 26  TRP A CE2 1 
ATOM   198  C  CE3 . TRP A 1 24  ? -0.912  -8.718  2.049   1.00 13.65 ? 26  TRP A CE3 1 
ATOM   199  C  CZ2 . TRP A 1 24  ? 0.049   -9.907  -0.361  1.00 14.53 ? 26  TRP A CZ2 1 
ATOM   200  C  CZ3 . TRP A 1 24  ? 0.297   -9.439  2.015   1.00 14.08 ? 26  TRP A CZ3 1 
ATOM   201  C  CH2 . TRP A 1 24  ? 0.760   -10.017 0.818   1.00 15.14 ? 26  TRP A CH2 1 
ATOM   202  N  N   . TYR A 1 25  ? -4.975  -7.199  4.588   1.00 12.87 ? 27  TYR A N   1 
ATOM   203  C  CA  . TYR A 1 25  ? -5.415  -6.309  5.630   1.00 13.12 ? 27  TYR A CA  1 
ATOM   204  C  C   . TYR A 1 25  ? -4.393  -5.224  5.867   1.00 13.08 ? 27  TYR A C   1 
ATOM   205  O  O   . TYR A 1 25  ? -3.196  -5.473  5.790   1.00 12.64 ? 27  TYR A O   1 
ATOM   206  C  CB  . TYR A 1 25  ? -5.595  -7.056  6.946   1.00 14.03 ? 27  TYR A CB  1 
ATOM   207  C  CG  . TYR A 1 25  ? -6.674  -8.084  6.901   1.00 15.46 ? 27  TYR A CG  1 
ATOM   208  C  CD1 . TYR A 1 25  ? -6.383  -9.417  6.637   1.00 17.46 ? 27  TYR A CD1 1 
ATOM   209  C  CD2 . TYR A 1 25  ? -7.997  -7.721  7.192   1.00 15.98 ? 27  TYR A CD2 1 
ATOM   210  C  CE1 . TYR A 1 25  ? -7.396  -10.375 6.586   1.00 19.09 ? 27  TYR A CE1 1 
ATOM   211  C  CE2 . TYR A 1 25  ? -9.003  -8.649  7.152   1.00 16.69 ? 27  TYR A CE2 1 
ATOM   212  C  CZ  . TYR A 1 25  ? -8.700  -9.973  6.878   1.00 20.15 ? 27  TYR A CZ  1 
ATOM   213  O  OH  . TYR A 1 25  ? -9.737  -10.886 6.879   1.00 22.43 ? 27  TYR A OH  1 
ATOM   214  N  N   . GLU A 1 26  ? -4.865  -4.009  6.123   1.00 13.00 ? 28  GLU A N   1 
ATOM   215  C  CA  . GLU A 1 26  ? -3.955  -2.929  6.389   1.00 12.68 ? 28  GLU A CA  1 
ATOM   216  C  C   . GLU A 1 26  ? -3.519  -2.967  7.846   1.00 13.28 ? 28  GLU A C   1 
ATOM   217  O  O   . GLU A 1 26  ? -4.351  -2.846  8.765   1.00 15.09 ? 28  GLU A O   1 
ATOM   218  C  CB  . GLU A 1 26  ? -4.608  -1.582  6.084   1.00 13.70 ? 28  GLU A CB  1 
ATOM   219  C  CG  . GLU A 1 26  ? -3.661  -0.399  6.260   1.00 15.13 ? 28  GLU A CG  1 
ATOM   220  C  CD  . GLU A 1 26  ? -4.448  0.880   6.205   1.00 19.16 ? 28  GLU A CD  1 
ATOM   221  O  OE1 . GLU A 1 26  ? -4.855  1.408   7.280   1.00 18.80 ? 28  GLU A OE1 1 
ATOM   222  O  OE2 . GLU A 1 26  ? -4.746  1.285   5.072   1.00 17.94 ? 28  GLU A OE2 1 
ATOM   223  N  N   . ILE A 1 27  ? -2.219  -3.081  8.052   1.00 12.86 ? 29  ILE A N   1 
ATOM   224  C  CA  . ILE A 1 27  ? -1.686  -3.164  9.419   1.00 13.59 ? 29  ILE A CA  1 
ATOM   225  C  C   . ILE A 1 27  ? -1.270  -1.810  9.984   1.00 14.71 ? 29  ILE A C   1 
ATOM   226  O  O   . ILE A 1 27  ? -1.615  -1.452  11.130  1.00 14.22 ? 29  ILE A O   1 
ATOM   227  C  CB  . ILE A 1 27  ? -0.522  -4.142  9.513   1.00 13.96 ? 29  ILE A CB  1 
ATOM   228  C  CG1 . ILE A 1 27  ? -0.915  -5.554  9.012   1.00 14.65 ? 29  ILE A CG1 1 
ATOM   229  C  CG2 . ILE A 1 27  ? 0.001   -4.199  11.018  1.00 13.07 ? 29  ILE A CG2 1 
ATOM   230  C  CD1 . ILE A 1 27  ? -2.195  -6.161  9.649   1.00 19.21 ? 29  ILE A CD1 1 
ATOM   231  N  N   . GLU A 1 28  ? -0.487  -1.065  9.200   1.00 14.27 ? 30  GLU A N   1 
ATOM   232  C  CA  . GLU A 1 28  ? -0.106  0.296   9.580   1.00 14.26 ? 30  GLU A CA  1 
ATOM   233  C  C   . GLU A 1 28  ? -0.022  1.127   8.336   1.00 14.87 ? 30  GLU A C   1 
ATOM   234  O  O   . GLU A 1 28  ? 0.148   0.574   7.239   1.00 12.75 ? 30  GLU A O   1 
ATOM   235  C  CB  . GLU A 1 28  ? 1.271   0.326   10.260  1.00 16.51 ? 30  GLU A CB  1 
ATOM   236  C  CG  . GLU A 1 28  ? 1.380   -0.497  11.530  1.00 19.31 ? 30  GLU A CG  1 
ATOM   237  C  CD  . GLU A 1 28  ? 2.458   0.011   12.483  1.00 25.54 ? 30  GLU A CD  1 
ATOM   238  O  OE1 . GLU A 1 28  ? 2.844   1.198   12.404  1.00 27.42 ? 30  GLU A OE1 1 
ATOM   239  O  OE2 . GLU A 1 28  ? 2.901   -0.795  13.318  1.00 27.57 ? 30  GLU A OE2 1 
ATOM   240  N  N   . LYS A 1 29  ? -0.162  2.443   8.493   1.00 14.91 ? 31  LYS A N   1 
ATOM   241  C  CA  . LYS A 1 29  ? 0.017   3.327   7.337   1.00 16.12 ? 31  LYS A CA  1 
ATOM   242  C  C   . LYS A 1 29  ? 0.415   4.717   7.752   1.00 16.50 ? 31  LYS A C   1 
ATOM   243  O  O   . LYS A 1 29  ? 0.238   5.104   8.914   1.00 15.45 ? 31  LYS A O   1 
ATOM   244  C  CB  . LYS A 1 29  ? -1.281  3.422   6.537   1.00 16.18 ? 31  LYS A CB  1 
ATOM   245  C  CG  . LYS A 1 29  ? -2.425  4.107   7.290   1.00 18.12 ? 31  LYS A CG  1 
ATOM   246  C  CD  . LYS A 1 29  ? -3.594  4.403   6.352   1.00 20.08 ? 31  LYS A CD  1 
ATOM   247  C  CE  . LYS A 1 29  ? -4.759  5.019   7.123   1.00 24.30 ? 31  LYS A CE  1 
ATOM   248  N  NZ  . LYS A 1 29  ? -5.398  4.069   8.105   1.00 23.27 ? 31  LYS A NZ  1 
ATOM   249  N  N   . ILE A 1 30  ? 0.918   5.481   6.771   1.00 17.56 ? 32  ILE A N   1 
ATOM   250  C  CA  . ILE A 1 30  ? 1.006   6.938   6.923   1.00 19.47 ? 32  ILE A CA  1 
ATOM   251  C  C   . ILE A 1 30  ? -0.404  7.493   6.693   1.00 21.40 ? 32  ILE A C   1 
ATOM   252  O  O   . ILE A 1 30  ? -0.979  7.286   5.629   1.00 21.26 ? 32  ILE A O   1 
ATOM   253  C  CB  . ILE A 1 30  ? 2.055   7.563   5.940   1.00 18.66 ? 32  ILE A CB  1 
ATOM   254  C  CG1 . ILE A 1 30  ? 3.446   6.965   6.201   1.00 18.11 ? 32  ILE A CG1 1 
ATOM   255  C  CG2 . ILE A 1 30  ? 2.022   9.116   6.073   1.00 19.31 ? 32  ILE A CG2 1 
ATOM   256  C  CD1 . ILE A 1 30  ? 4.532   7.356   5.186   1.00 20.86 ? 32  ILE A CD1 1 
ATOM   257  N  N   . PRO A 1 31  ? -0.987  8.168   7.683   1.00 24.45 ? 33  PRO A N   1 
ATOM   258  C  CA  . PRO A 1 31  ? -2.399  8.553   7.592   1.00 27.61 ? 33  PRO A CA  1 
ATOM   259  C  C   . PRO A 1 31  ? -2.620  9.514   6.417   1.00 30.69 ? 33  PRO A C   1 
ATOM   260  O  O   . PRO A 1 31  ? -1.854  10.466  6.240   1.00 31.66 ? 33  PRO A O   1 
ATOM   261  C  CB  . PRO A 1 31  ? -2.706  9.205   8.960   1.00 27.95 ? 33  PRO A CB  1 
ATOM   262  C  CG  . PRO A 1 31  ? -1.526  8.992   9.823   1.00 25.52 ? 33  PRO A CG  1 
ATOM   263  C  CD  . PRO A 1 31  ? -0.357  8.606   8.945   1.00 25.33 ? 33  PRO A CD  1 
ATOM   264  N  N   . THR A 1 32  ? -3.617  9.189   5.598   1.00 33.44 ? 34  THR A N   1 
ATOM   265  C  CA  . THR A 1 32  ? -3.947  9.877   4.348   1.00 35.77 ? 34  THR A CA  1 
ATOM   266  C  C   . THR A 1 32  ? -4.966  10.982  4.634   1.00 36.59 ? 34  THR A C   1 
ATOM   267  O  O   . THR A 1 32  ? -4.612  12.159  4.683   1.00 37.80 ? 34  THR A O   1 
ATOM   268  C  CB  . THR A 1 32  ? -4.514  8.836   3.307   1.00 36.14 ? 34  THR A CB  1 
ATOM   269  O  OG1 . THR A 1 32  ? -3.491  8.425   2.372   1.00 37.82 ? 34  THR A OG1 1 
ATOM   270  C  CG2 . THR A 1 32  ? -5.590  9.461   2.410   1.00 37.69 ? 34  THR A CG2 1 
ATOM   271  N  N   . GLY A 1 37  ? -11.430 4.929   9.550   1.00 25.33 ? 39  GLY A N   1 
ATOM   272  C  CA  . GLY A 1 37  ? -11.854 3.549   9.274   1.00 23.63 ? 39  GLY A CA  1 
ATOM   273  C  C   . GLY A 1 37  ? -11.084 2.504   10.070  1.00 23.16 ? 39  GLY A C   1 
ATOM   274  O  O   . GLY A 1 37  ? -9.906  2.711   10.429  1.00 24.10 ? 39  GLY A O   1 
ATOM   275  N  N   . ARG A 1 38  ? -11.754 1.390   10.348  1.00 20.87 ? 40  ARG A N   1 
ATOM   276  C  CA  . ARG A 1 38  ? -11.148 0.235   11.007  1.00 19.97 ? 40  ARG A CA  1 
ATOM   277  C  C   . ARG A 1 38  ? -11.409 -0.978  10.122  1.00 17.83 ? 40  ARG A C   1 
ATOM   278  O  O   . ARG A 1 38  ? -12.220 -0.888  9.184   1.00 17.27 ? 40  ARG A O   1 
ATOM   279  C  CB  . ARG A 1 38  ? -11.762 0.042   12.415  1.00 19.93 ? 40  ARG A CB  1 
ATOM   280  C  CG  . ARG A 1 38  ? -13.274 0.016   12.409  1.00 21.87 ? 40  ARG A CG  1 
ATOM   281  C  CD  . ARG A 1 38  ? -13.964 -0.586  13.658  1.00 23.22 ? 40  ARG A CD  1 
ATOM   282  N  NE  . ARG A 1 38  ? -15.371 -0.196  13.564  1.00 28.47 ? 40  ARG A NE  1 
ATOM   283  C  CZ  . ARG A 1 38  ? -16.349 -0.578  14.368  1.00 28.99 ? 40  ARG A CZ  1 
ATOM   284  N  NH1 . ARG A 1 38  ? -16.115 -1.404  15.384  1.00 27.06 ? 40  ARG A NH1 1 
ATOM   285  N  NH2 . ARG A 1 38  ? -17.575 -0.119  14.131  1.00 28.13 ? 40  ARG A NH2 1 
ATOM   286  N  N   . CYS A 1 39  ? -10.730 -2.099  10.386  1.00 17.00 ? 41  CYS A N   1 
ATOM   287  C  CA  . CYS A 1 39  ? -10.985 -3.353  9.680   1.00 17.40 ? 41  CYS A CA  1 
ATOM   288  C  C   . CYS A 1 39  ? -10.704 -3.168  8.182   1.00 16.36 ? 41  CYS A C   1 
ATOM   289  O  O   . CYS A 1 39  ? -11.383 -3.751  7.324   1.00 16.35 ? 41  CYS A O   1 
ATOM   290  C  CB  . CYS A 1 39  ? -12.434 -3.790  9.874   1.00 18.09 ? 41  CYS A CB  1 
ATOM   291  S  SG  . CYS A 1 39  ? -12.992 -3.604  11.586  1.00 21.74 ? 41  CYS A SG  1 
ATOM   292  N  N   . ILE A 1 40  ? -9.715  -2.317  7.895   1.00 16.56 ? 42  ILE A N   1 
ATOM   293  C  CA  . ILE A 1 40  ? -9.375  -1.900  6.538   1.00 15.77 ? 42  ILE A CA  1 
ATOM   294  C  C   . ILE A 1 40  ? -8.753  -3.065  5.768   1.00 15.12 ? 42  ILE A C   1 
ATOM   295  O  O   . ILE A 1 40  ? -7.806  -3.690  6.225   1.00 13.77 ? 42  ILE A O   1 
ATOM   296  C  CB  . ILE A 1 40  ? -8.406  -0.708  6.559   1.00 16.56 ? 42  ILE A CB  1 
ATOM   297  C  CG1 . ILE A 1 40  ? -9.010  0.470   7.361   1.00 15.18 ? 42  ILE A CG1 1 
ATOM   298  C  CG2 . ILE A 1 40  ? -8.061  -0.297  5.108   1.00 16.12 ? 42  ILE A CG2 1 
ATOM   299  C  CD1 . ILE A 1 40  ? -8.149  1.724   7.474   1.00 17.86 ? 42  ILE A CD1 1 
ATOM   300  N  N   . GLN A 1 41  ? -9.281  -3.322  4.573   1.00 15.04 ? 43  GLN A N   1 
ATOM   301  C  CA  . GLN A 1 41  ? -8.788  -4.435  3.769   1.00 16.06 ? 43  GLN A CA  1 
ATOM   302  C  C   . GLN A 1 41  ? -8.760  -4.029  2.303   1.00 15.09 ? 43  GLN A C   1 
ATOM   303  O  O   . GLN A 1 41  ? -9.482  -3.114  1.891   1.00 15.19 ? 43  GLN A O   1 
ATOM   304  C  CB  . GLN A 1 41  ? -9.625  -5.705  3.950   1.00 16.10 ? 43  GLN A CB  1 
ATOM   305  C  CG  . GLN A 1 41  ? -11.113 -5.530  3.690   1.00 17.53 ? 43  GLN A CG  1 
ATOM   306  C  CD  . GLN A 1 41  ? -11.851 -6.873  3.553   1.00 18.75 ? 43  GLN A CD  1 
ATOM   307  O  OE1 . GLN A 1 41  ? -12.095 -7.340  2.435   1.00 25.22 ? 43  GLN A OE1 1 
ATOM   308  N  NE2 . GLN A 1 41  ? -12.158 -7.500  4.671   1.00 23.55 ? 43  GLN A NE2 1 
ATOM   309  N  N   . ALA A 1 42  ? -7.897  -4.703  1.552   1.00 14.65 ? 44  ALA A N   1 
ATOM   310  C  CA  . ALA A 1 42  ? -7.855  -4.533  0.082   1.00 15.22 ? 44  ALA A CA  1 
ATOM   311  C  C   . ALA A 1 42  ? -8.079  -5.915  -0.502  1.00 15.52 ? 44  ALA A C   1 
ATOM   312  O  O   . ALA A 1 42  ? -7.577  -6.898  0.033   1.00 15.35 ? 44  ALA A O   1 
ATOM   313  C  CB  . ALA A 1 42  ? -6.490  -3.987  -0.345  1.00 15.73 ? 44  ALA A CB  1 
ATOM   314  N  N   . ASN A 1 43  ? -8.835  -5.980  -1.584  1.00 15.73 ? 45  ASN A N   1 
ATOM   315  C  CA  . ASN A 1 43  ? -9.024  -7.198  -2.360  1.00 16.05 ? 45  ASN A CA  1 
ATOM   316  C  C   . ASN A 1 43  ? -8.563  -6.970  -3.794  1.00 15.37 ? 45  ASN A C   1 
ATOM   317  O  O   . ASN A 1 43  ? -9.072  -6.082  -4.486  1.00 15.23 ? 45  ASN A O   1 
ATOM   318  C  CB  . ASN A 1 43  ? -10.496 -7.595  -2.315  1.00 17.09 ? 45  ASN A CB  1 
ATOM   319  C  CG  . ASN A 1 43  ? -10.998 -7.673  -0.899  1.00 22.66 ? 45  ASN A CG  1 
ATOM   320  O  OD1 . ASN A 1 43  ? -10.817 -8.703  -0.255  1.00 28.95 ? 45  ASN A OD1 1 
ATOM   321  N  ND2 . ASN A 1 43  ? -11.598 -6.574  -0.381  1.00 27.49 ? 45  ASN A ND2 1 
ATOM   322  N  N   . TYR A 1 44  ? -7.598  -7.773  -4.218  1.00 13.80 ? 46  TYR A N   1 
ATOM   323  C  CA  . TYR A 1 44  ? -7.029  -7.637  -5.564  1.00 14.40 ? 46  TYR A CA  1 
ATOM   324  C  C   . TYR A 1 44  ? -7.392  -8.840  -6.419  1.00 15.23 ? 46  TYR A C   1 
ATOM   325  O  O   . TYR A 1 44  ? -7.366  -9.995  -5.935  1.00 15.40 ? 46  TYR A O   1 
ATOM   326  C  CB  . TYR A 1 44  ? -5.500  -7.544  -5.480  1.00 13.69 ? 46  TYR A CB  1 
ATOM   327  C  CG  . TYR A 1 44  ? -4.997  -6.399  -4.609  1.00 12.14 ? 46  TYR A CG  1 
ATOM   328  C  CD1 . TYR A 1 44  ? -3.936  -6.582  -3.721  1.00 14.93 ? 46  TYR A CD1 1 
ATOM   329  C  CD2 . TYR A 1 44  ? -5.573  -5.133  -4.695  1.00 16.29 ? 46  TYR A CD2 1 
ATOM   330  C  CE1 . TYR A 1 44  ? -3.472  -5.531  -2.912  1.00 14.76 ? 46  TYR A CE1 1 
ATOM   331  C  CE2 . TYR A 1 44  ? -5.093  -4.063  -3.905  1.00 17.13 ? 46  TYR A CE2 1 
ATOM   332  C  CZ  . TYR A 1 44  ? -4.056  -4.284  -3.019  1.00 15.08 ? 46  TYR A CZ  1 
ATOM   333  O  OH  . TYR A 1 44  ? -3.640  -3.201  -2.264  1.00 16.05 ? 46  TYR A OH  1 
ATOM   334  N  N   . SER A 1 45  ? -7.735  -8.578  -7.677  1.00 17.39 ? 47  SER A N   1 
ATOM   335  C  CA  . SER A 1 45  ? -7.892  -9.676  -8.620  1.00 18.83 ? 47  SER A CA  1 
ATOM   336  C  C   . SER A 1 45  ? -7.176  -9.365  -9.929  1.00 21.06 ? 47  SER A C   1 
ATOM   337  O  O   . SER A 1 45  ? -7.151  -8.217  -10.381 1.00 20.41 ? 47  SER A O   1 
ATOM   338  C  CB  . SER A 1 45  ? -9.364  -9.974  -8.903  1.00 19.99 ? 47  SER A CB  1 
ATOM   339  O  OG  . SER A 1 45  ? -10.039 -8.849  -9.428  1.00 19.64 ? 47  SER A OG  1 
ATOM   340  N  N   . LEU A 1 46  ? -6.620  -10.412 -10.530 1.00 23.74 ? 48  LEU A N   1 
ATOM   341  C  CA  . LEU A 1 46  ? -5.844  -10.273 -11.753 1.00 27.70 ? 48  LEU A CA  1 
ATOM   342  C  C   . LEU A 1 46  ? -6.754  -9.921  -12.913 1.00 30.24 ? 48  LEU A C   1 
ATOM   343  O  O   . LEU A 1 46  ? -7.858  -10.452 -13.049 1.00 30.57 ? 48  LEU A O   1 
ATOM   344  C  CB  . LEU A 1 46  ? -5.105  -11.573 -12.064 1.00 28.36 ? 48  LEU A CB  1 
ATOM   345  C  CG  . LEU A 1 46  ? -4.152  -12.071 -11.000 1.00 28.72 ? 48  LEU A CG  1 
ATOM   346  C  CD1 . LEU A 1 46  ? -3.635  -13.466 -11.358 1.00 31.42 ? 48  LEU A CD1 1 
ATOM   347  C  CD2 . LEU A 1 46  ? -3.002  -11.089 -10.825 1.00 30.65 ? 48  LEU A CD2 1 
HETATM 348  N  N   . MSE A 1 47  ? -6.296  -8.984  -13.724 1.00 33.73 ? 49  MSE A N   1 
HETATM 349  C  CA  . MSE A 1 47  ? -6.880  -8.763  -15.012 1.00 38.00 ? 49  MSE A CA  1 
HETATM 350  C  C   . MSE A 1 47  ? -5.837  -9.370  -15.969 1.00 38.46 ? 49  MSE A C   1 
HETATM 351  O  O   . MSE A 1 47  ? -5.481  -10.550 -15.826 1.00 38.89 ? 49  MSE A O   1 
HETATM 352  C  CB  . MSE A 1 47  ? -7.174  -7.270  -15.190 1.00 37.61 ? 49  MSE A CB  1 
HETATM 353  C  CG  . MSE A 1 47  ? -8.140  -6.745  -14.122 1.00 39.43 ? 49  MSE A CG  1 
HETATM 354  SE SE  . MSE A 1 47  ? -8.518  -4.821  -14.102 1.00 44.26 ? 49  MSE A SE  1 
HETATM 355  C  CE  . MSE A 1 47  ? -9.294  -4.652  -15.993 1.00 43.73 ? 49  MSE A CE  1 
ATOM   356  N  N   . GLU A 1 48  ? -5.298  -8.605  -16.903 1.00 39.95 ? 50  GLU A N   1 
ATOM   357  C  CA  . GLU A 1 48  ? -4.192  -9.155  -17.689 1.00 41.14 ? 50  GLU A CA  1 
ATOM   358  C  C   . GLU A 1 48  ? -2.910  -8.369  -17.491 1.00 41.22 ? 50  GLU A C   1 
ATOM   359  O  O   . GLU A 1 48  ? -2.940  -7.153  -17.337 1.00 41.12 ? 50  GLU A O   1 
ATOM   360  C  CB  . GLU A 1 48  ? -4.562  -9.288  -19.171 1.00 41.62 ? 50  GLU A CB  1 
ATOM   361  C  CG  . GLU A 1 48  ? -5.147  -8.039  -19.807 1.00 44.04 ? 50  GLU A CG  1 
ATOM   362  C  CD  . GLU A 1 48  ? -4.120  -6.956  -20.082 1.00 47.55 ? 50  GLU A CD  1 
ATOM   363  O  OE1 . GLU A 1 48  ? -2.917  -7.280  -20.258 1.00 50.48 ? 50  GLU A OE1 1 
ATOM   364  O  OE2 . GLU A 1 48  ? -4.521  -5.773  -20.137 1.00 48.29 ? 50  GLU A OE2 1 
ATOM   365  N  N   . GLY A 1 50  ? -0.241  -7.765  -16.108 1.00 30.22 ? 52  GLY A N   1 
ATOM   366  C  CA  . GLY A 1 50  ? 0.230   -7.210  -14.845 1.00 29.86 ? 52  GLY A CA  1 
ATOM   367  C  C   . GLY A 1 50  ? -0.783  -6.285  -14.165 1.00 30.23 ? 52  GLY A C   1 
ATOM   368  O  O   . GLY A 1 50  ? -0.490  -5.786  -13.057 1.00 31.29 ? 52  GLY A O   1 
ATOM   369  N  N   . LYS A 1 51  ? -1.939  -6.066  -14.814 1.00 29.15 ? 53  LYS A N   1 
ATOM   370  C  CA  . LYS A 1 51  ? -3.100  -5.253  -14.296 1.00 29.72 ? 53  LYS A CA  1 
ATOM   371  C  C   . LYS A 1 51  ? -3.870  -5.921  -13.143 1.00 28.46 ? 53  LYS A C   1 
ATOM   372  O  O   . LYS A 1 51  ? -4.059  -7.142  -13.156 1.00 28.86 ? 53  LYS A O   1 
ATOM   373  C  CB  . LYS A 1 51  ? -4.130  -5.024  -15.402 1.00 29.91 ? 53  LYS A CB  1 
ATOM   374  C  CG  . LYS A 1 51  ? -3.678  -4.186  -16.602 1.00 33.13 ? 53  LYS A CG  1 
ATOM   375  C  CD  . LYS A 1 51  ? -4.316  -2.810  -16.582 1.00 32.21 ? 53  LYS A CD  1 
ATOM   376  C  CE  . LYS A 1 51  ? -5.713  -2.830  -17.134 1.00 35.64 ? 53  LYS A CE  1 
ATOM   377  N  NZ  . LYS A 1 51  ? -6.433  -1.609  -16.740 1.00 34.81 ? 53  LYS A NZ  1 
ATOM   378  N  N   . ILE A 1 52  ? -4.334  -5.115  -12.176 1.00 26.52 ? 54  ILE A N   1 
ATOM   379  C  CA  . ILE A 1 52  ? -5.021  -5.632  -10.974 1.00 23.21 ? 54  ILE A CA  1 
ATOM   380  C  C   . ILE A 1 52  ? -6.301  -4.829  -10.678 1.00 21.21 ? 54  ILE A C   1 
ATOM   381  O  O   . ILE A 1 52  ? -6.260  -3.615  -10.626 1.00 19.59 ? 54  ILE A O   1 
ATOM   382  C  CB  . ILE A 1 52  ? -4.064  -5.548  -9.753  1.00 24.12 ? 54  ILE A CB  1 
ATOM   383  C  CG1 . ILE A 1 52  ? -2.850  -6.471  -9.925  1.00 25.07 ? 54  ILE A CG1 1 
ATOM   384  C  CG2 . ILE A 1 52  ? -4.793  -5.932  -8.500  1.00 23.76 ? 54  ILE A CG2 1 
ATOM   385  C  CD1 . ILE A 1 52  ? -1.660  -5.984  -9.104  1.00 26.67 ? 54  ILE A CD1 1 
ATOM   386  N  N   . LYS A 1 53  ? -7.436  -5.503  -10.482 1.00 19.19 ? 55  LYS A N   1 
ATOM   387  C  CA  . LYS A 1 53  ? -8.680  -4.830  -10.061 1.00 18.60 ? 55  LYS A CA  1 
ATOM   388  C  C   . LYS A 1 53  ? -8.589  -4.692  -8.544  1.00 17.80 ? 55  LYS A C   1 
ATOM   389  O  O   . LYS A 1 53  ? -8.182  -5.634  -7.866  1.00 17.30 ? 55  LYS A O   1 
ATOM   390  C  CB  . LYS A 1 53  ? -9.883  -5.707  -10.403 1.00 19.69 ? 55  LYS A CB  1 
ATOM   391  C  CG  . LYS A 1 53  ? -11.213 -5.122  -10.133 1.00 21.77 ? 55  LYS A CG  1 
ATOM   392  C  CD  . LYS A 1 53  ? -12.274 -6.009  -10.755 1.00 28.11 ? 55  LYS A CD  1 
ATOM   393  C  CE  . LYS A 1 53  ? -13.657 -5.477  -10.517 1.00 30.58 ? 55  LYS A CE  1 
ATOM   394  N  NZ  . LYS A 1 53  ? -14.574 -6.133  -11.504 1.00 32.31 ? 55  LYS A NZ  1 
ATOM   395  N  N   . VAL A 1 54  ? -8.959  -3.537  -8.017  1.00 15.98 ? 56  VAL A N   1 
ATOM   396  C  CA  . VAL A 1 54  ? -8.833  -3.275  -6.559  1.00 15.81 ? 56  VAL A CA  1 
ATOM   397  C  C   . VAL A 1 54  ? -10.194 -2.965  -5.925  1.00 15.04 ? 56  VAL A C   1 
ATOM   398  O  O   . VAL A 1 54  ? -10.958 -2.175  -6.465  1.00 15.46 ? 56  VAL A O   1 
ATOM   399  C  CB  . VAL A 1 54  ? -7.930  -2.041  -6.340  1.00 15.79 ? 56  VAL A CB  1 
ATOM   400  C  CG1 . VAL A 1 54  ? -7.819  -1.679  -4.838  1.00 16.36 ? 56  VAL A CG1 1 
ATOM   401  C  CG2 . VAL A 1 54  ? -6.531  -2.289  -6.941  1.00 16.11 ? 56  VAL A CG2 1 
ATOM   402  N  N   . LEU A 1 55  ? -10.497 -3.581  -4.777  1.00 15.51 ? 57  LEU A N   1 
ATOM   403  C  CA  . LEU A 1 55  ? -11.687 -3.193  -4.009  1.00 14.75 ? 57  LEU A CA  1 
ATOM   404  C  C   . LEU A 1 55  ? -11.169 -2.918  -2.607  1.00 14.27 ? 57  LEU A C   1 
ATOM   405  O  O   . LEU A 1 55  ? -10.663 -3.840  -1.967  1.00 14.00 ? 57  LEU A O   1 
ATOM   406  C  CB  . LEU A 1 55  ? -12.719 -4.334  -3.982  1.00 16.07 ? 57  LEU A CB  1 
ATOM   407  C  CG  . LEU A 1 55  ? -13.878 -4.191  -2.972  1.00 16.75 ? 57  LEU A CG  1 
ATOM   408  C  CD1 . LEU A 1 55  ? -14.751 -3.067  -3.370  1.00 19.93 ? 57  LEU A CD1 1 
ATOM   409  C  CD2 . LEU A 1 55  ? -14.677 -5.505  -2.861  1.00 18.19 ? 57  LEU A CD2 1 
ATOM   410  N  N   . ASN A 1 56  ? -11.227 -1.652  -2.169  1.00 12.82 ? 58  ASN A N   1 
ATOM   411  C  CA  . ASN A 1 56  ? -10.751 -1.281  -0.827  1.00 13.95 ? 58  ASN A CA  1 
ATOM   412  C  C   . ASN A 1 56  ? -11.986 -1.066  0.004   1.00 14.21 ? 58  ASN A C   1 
ATOM   413  O  O   . ASN A 1 56  ? -12.979 -0.490  -0.460  1.00 15.05 ? 58  ASN A O   1 
ATOM   414  C  CB  . ASN A 1 56  ? -9.862  -0.031  -0.809  1.00 14.79 ? 58  ASN A CB  1 
ATOM   415  C  CG  . ASN A 1 56  ? -8.510  -0.235  -1.500  1.00 15.66 ? 58  ASN A CG  1 
ATOM   416  O  OD1 . ASN A 1 56  ? -7.945  -1.322  -1.506  1.00 16.47 ? 58  ASN A OD1 1 
ATOM   417  N  ND2 . ASN A 1 56  ? -7.990  0.846   -2.077  1.00 18.14 ? 58  ASN A ND2 1 
ATOM   418  N  N   . GLN A 1 57  ? -11.966 -1.597  1.219   1.00 14.04 ? 59  GLN A N   1 
ATOM   419  C  CA  . GLN A 1 57  ? -13.150 -1.532  2.072   1.00 14.74 ? 59  GLN A CA  1 
ATOM   420  C  C   . GLN A 1 57  ? -12.738 -1.243  3.507   1.00 15.96 ? 59  GLN A C   1 
ATOM   421  O  O   . GLN A 1 57  ? -11.674 -1.670  3.951   1.00 15.30 ? 59  GLN A O   1 
ATOM   422  C  CB  . GLN A 1 57  ? -13.898 -2.857  2.056   1.00 15.23 ? 59  GLN A CB  1 
ATOM   423  C  CG  . GLN A 1 57  ? -14.609 -3.131  0.773   1.00 18.10 ? 59  GLN A CG  1 
ATOM   424  C  CD  . GLN A 1 57  ? -15.360 -4.449  0.828   1.00 21.25 ? 59  GLN A CD  1 
ATOM   425  O  OE1 . GLN A 1 57  ? -16.568 -4.478  0.656   1.00 26.79 ? 59  GLN A OE1 1 
ATOM   426  N  NE2 . GLN A 1 57  ? -14.651 -5.519  1.093   1.00 20.73 ? 59  GLN A NE2 1 
ATOM   427  N  N   . GLU A 1 58  ? -13.595 -0.515  4.215   1.00 15.77 ? 60  GLU A N   1 
ATOM   428  C  CA  . GLU A 1 58  ? -13.355 -0.269  5.652   1.00 17.29 ? 60  GLU A CA  1 
ATOM   429  C  C   . GLU A 1 58  ? -14.696 -0.189  6.373   1.00 16.11 ? 60  GLU A C   1 
ATOM   430  O  O   . GLU A 1 58  ? -15.723 0.026   5.740   1.00 15.20 ? 60  GLU A O   1 
ATOM   431  C  CB  . GLU A 1 58  ? -12.527 0.994   5.859   1.00 17.31 ? 60  GLU A CB  1 
ATOM   432  C  CG  . GLU A 1 58  ? -13.263 2.257   5.444   1.00 20.42 ? 60  GLU A CG  1 
ATOM   433  C  CD  . GLU A 1 58  ? -12.419 3.520   5.511   1.00 22.53 ? 60  GLU A CD  1 
ATOM   434  O  OE1 . GLU A 1 58  ? -11.170 3.409   5.473   1.00 28.06 ? 60  GLU A OE1 1 
ATOM   435  O  OE2 . GLU A 1 58  ? -13.042 4.621   5.583   1.00 27.26 ? 60  GLU A OE2 1 
ATOM   436  N  N   . LEU A 1 59  ? -14.673 -0.403  7.685   1.00 16.04 ? 61  LEU A N   1 
ATOM   437  C  CA  . LEU A 1 59  ? -15.834 -0.178  8.529   1.00 17.45 ? 61  LEU A CA  1 
ATOM   438  C  C   . LEU A 1 59  ? -15.655 1.156   9.236   1.00 17.83 ? 61  LEU A C   1 
ATOM   439  O  O   . LEU A 1 59  ? -14.558 1.479   9.641   1.00 18.83 ? 61  LEU A O   1 
ATOM   440  C  CB  . LEU A 1 59  ? -15.956 -1.289  9.576   1.00 17.57 ? 61  LEU A CB  1 
ATOM   441  C  CG  . LEU A 1 59  ? -16.732 -2.554  9.242   1.00 19.77 ? 61  LEU A CG  1 
ATOM   442  C  CD1 . LEU A 1 59  ? -16.421 -3.612  10.305  1.00 21.62 ? 61  LEU A CD1 1 
ATOM   443  C  CD2 . LEU A 1 59  ? -18.224 -2.300  9.185   1.00 18.91 ? 61  LEU A CD2 1 
ATOM   444  N  N   . ARG A 1 60  ? -16.720 1.924   9.385   1.00 18.15 ? 62  ARG A N   1 
ATOM   445  C  CA  . ARG A 1 60  ? -16.659 3.153   10.177  1.00 20.58 ? 62  ARG A CA  1 
ATOM   446  C  C   . ARG A 1 60  ? -17.126 2.872   11.594  1.00 20.76 ? 62  ARG A C   1 
ATOM   447  O  O   . ARG A 1 60  ? -17.605 1.790   11.880  1.00 19.72 ? 62  ARG A O   1 
ATOM   448  C  CB  . ARG A 1 60  ? -17.541 4.217   9.529   1.00 19.28 ? 62  ARG A CB  1 
ATOM   449  C  CG  . ARG A 1 60  ? -17.126 4.517   8.087   1.00 23.48 ? 62  ARG A CG  1 
ATOM   450  C  CD  . ARG A 1 60  ? -17.813 5.741   7.486   1.00 25.71 ? 62  ARG A CD  1 
ATOM   451  N  NE  . ARG A 1 60  ? -17.159 6.154   6.236   1.00 36.24 ? 62  ARG A NE  1 
ATOM   452  C  CZ  . ARG A 1 60  ? -17.758 6.802   5.231   1.00 40.18 ? 62  ARG A CZ  1 
ATOM   453  N  NH1 . ARG A 1 60  ? -19.052 7.120   5.287   1.00 42.84 ? 62  ARG A NH1 1 
ATOM   454  N  NH2 . ARG A 1 60  ? -17.054 7.138   4.154   1.00 42.52 ? 62  ARG A NH2 1 
ATOM   455  N  N   . ALA A 1 61  ? -17.031 3.865   12.471  1.00 21.34 ? 63  ALA A N   1 
ATOM   456  C  CA  . ALA A 1 61  ? -17.377 3.672   13.872  1.00 22.04 ? 63  ALA A CA  1 
ATOM   457  C  C   . ALA A 1 61  ? -18.834 3.238   14.048  1.00 22.27 ? 63  ALA A C   1 
ATOM   458  O  O   . ALA A 1 61  ? -19.164 2.469   14.975  1.00 22.51 ? 63  ALA A O   1 
ATOM   459  C  CB  . ALA A 1 61  ? -17.109 4.966   14.638  1.00 22.59 ? 63  ALA A CB  1 
ATOM   460  N  N   . ASP A 1 62  ? -19.704 3.748   13.177  1.00 22.37 ? 64  ASP A N   1 
ATOM   461  C  CA  . ASP A 1 62  ? -21.123 3.409   13.211  1.00 23.67 ? 64  ASP A CA  1 
ATOM   462  C  C   . ASP A 1 62  ? -21.468 2.058   12.599  1.00 23.51 ? 64  ASP A C   1 
ATOM   463  O  O   . ASP A 1 62  ? -22.629 1.644   12.606  1.00 23.72 ? 64  ASP A O   1 
ATOM   464  C  CB  . ASP A 1 62  ? -21.994 4.527   12.597  1.00 24.20 ? 64  ASP A CB  1 
ATOM   465  C  CG  . ASP A 1 62  ? -21.799 4.690   11.101  1.00 25.82 ? 64  ASP A CG  1 
ATOM   466  O  OD1 . ASP A 1 62  ? -21.027 3.931   10.475  1.00 24.97 ? 64  ASP A OD1 1 
ATOM   467  O  OD2 . ASP A 1 62  ? -22.394 5.573   10.451  1.00 29.09 ? 64  ASP A OD2 1 
ATOM   468  N  N   . GLY A 1 63  ? -20.459 1.382   12.067  1.00 22.36 ? 65  GLY A N   1 
ATOM   469  C  CA  . GLY A 1 63  ? -20.641 0.043   11.529  1.00 21.73 ? 65  GLY A CA  1 
ATOM   470  C  C   . GLY A 1 63  ? -21.051 0.019   10.069  1.00 21.66 ? 65  GLY A C   1 
ATOM   471  O  O   . GLY A 1 63  ? -21.346 -1.052  9.540   1.00 22.23 ? 65  GLY A O   1 
ATOM   472  N  N   . THR A 1 64  ? -21.081 1.179   9.422   1.00 20.22 ? 66  THR A N   1 
ATOM   473  C  CA  . THR A 1 64  ? -21.319 1.226   7.967   1.00 20.34 ? 66  THR A CA  1 
ATOM   474  C  C   . THR A 1 64  ? -20.014 0.962   7.234   1.00 19.14 ? 66  THR A C   1 
ATOM   475  O  O   . THR A 1 64  ? -18.934 1.171   7.785   1.00 17.08 ? 66  THR A O   1 
ATOM   476  C  CB  . THR A 1 64  ? -21.846 2.586   7.499   1.00 20.92 ? 66  THR A CB  1 
ATOM   477  O  OG1 . THR A 1 64  ? -20.960 3.600   7.952   1.00 20.98 ? 66  THR A OG1 1 
ATOM   478  C  CG2 . THR A 1 64  ? -23.216 2.945   8.152   1.00 23.39 ? 66  THR A CG2 1 
ATOM   479  N  N   . VAL A 1 65  ? -20.120 0.585   5.968   1.00 18.28 ? 67  VAL A N   1 
ATOM   480  C  CA  . VAL A 1 65  ? -18.938 0.211   5.202   1.00 18.80 ? 67  VAL A CA  1 
ATOM   481  C  C   . VAL A 1 65  ? -18.708 1.235   4.090   1.00 20.56 ? 67  VAL A C   1 
ATOM   482  O  O   . VAL A 1 65  ? -19.653 1.607   3.408   1.00 21.49 ? 67  VAL A O   1 
ATOM   483  C  CB  . VAL A 1 65  ? -19.073 -1.235  4.626   1.00 19.05 ? 67  VAL A CB  1 
ATOM   484  C  CG1 . VAL A 1 65  ? -17.897 -1.565  3.681   1.00 17.52 ? 67  VAL A CG1 1 
ATOM   485  C  CG2 . VAL A 1 65  ? -19.138 -2.243  5.751   1.00 19.87 ? 67  VAL A CG2 1 
ATOM   486  N  N   . ASN A 1 66  ? -17.468 1.716   3.975   1.00 20.58 ? 68  ASN A N   1 
ATOM   487  C  CA  . ASN A 1 66  ? -17.045 2.603   2.889   1.00 22.10 ? 68  ASN A CA  1 
ATOM   488  C  C   . ASN A 1 66  ? -16.206 1.760   1.925   1.00 22.01 ? 68  ASN A C   1 
ATOM   489  O  O   . ASN A 1 66  ? -15.273 1.076   2.347   1.00 21.32 ? 68  ASN A O   1 
ATOM   490  C  CB  . ASN A 1 66  ? -16.203 3.729   3.510   1.00 23.27 ? 68  ASN A CB  1 
ATOM   491  C  CG  . ASN A 1 66  ? -15.661 4.718   2.487   1.00 27.18 ? 68  ASN A CG  1 
ATOM   492  O  OD1 . ASN A 1 66  ? -16.278 4.984   1.453   1.00 32.76 ? 68  ASN A OD1 1 
ATOM   493  N  ND2 . ASN A 1 66  ? -14.504 5.279   2.789   1.00 31.83 ? 68  ASN A ND2 1 
ATOM   494  N  N   . GLN A 1 67  ? -16.542 1.765   0.640   1.00 21.76 ? 69  GLN A N   1 
ATOM   495  C  CA  . GLN A 1 67  ? -15.760 0.969   -0.296  1.00 21.97 ? 69  GLN A CA  1 
ATOM   496  C  C   . GLN A 1 67  ? -15.352 1.872   -1.444  1.00 21.39 ? 69  GLN A C   1 
ATOM   497  O  O   . GLN A 1 67  ? -16.031 2.897   -1.754  1.00 20.25 ? 69  GLN A O   1 
ATOM   498  C  CB  . GLN A 1 67  ? -16.547 -0.251  -0.811  1.00 22.09 ? 69  GLN A CB  1 
ATOM   499  C  CG  . GLN A 1 67  ? -17.734 0.063   -1.757  1.00 25.70 ? 69  GLN A CG  1 
ATOM   500  C  CD  . GLN A 1 67  ? -18.106 -1.110  -2.657  1.00 26.31 ? 69  GLN A CD  1 
ATOM   501  O  OE1 . GLN A 1 67  ? -18.333 -2.226  -2.174  1.00 29.44 ? 69  GLN A OE1 1 
ATOM   502  N  NE2 . GLN A 1 67  ? -18.159 -0.861  -3.979  1.00 31.02 ? 69  GLN A NE2 1 
ATOM   503  N  N   . ILE A 1 68  ? -14.245 1.517   -2.068  1.00 20.23 ? 70  ILE A N   1 
ATOM   504  C  CA  . ILE A 1 68  ? -13.909 2.148   -3.345  1.00 20.79 ? 70  ILE A CA  1 
ATOM   505  C  C   . ILE A 1 68  ? -13.305 1.123   -4.283  1.00 19.11 ? 70  ILE A C   1 
ATOM   506  O  O   . ILE A 1 68  ? -12.565 0.228   -3.840  1.00 17.53 ? 70  ILE A O   1 
ATOM   507  C  CB  . ILE A 1 68  ? -12.996 3.380   -3.154  1.00 20.50 ? 70  ILE A CB  1 
ATOM   508  C  CG1 . ILE A 1 68  ? -13.140 4.316   -4.376  1.00 22.89 ? 70  ILE A CG1 1 
ATOM   509  C  CG2 . ILE A 1 68  ? -11.556 2.977   -2.854  1.00 22.23 ? 70  ILE A CG2 1 
ATOM   510  C  CD1 . ILE A 1 68  ? -12.470 5.701   -4.238  1.00 23.40 ? 70  ILE A CD1 1 
ATOM   511  N  N   . GLU A 1 69  ? -13.610 1.251   -5.579  1.00 19.09 ? 71  GLU A N   1 
ATOM   512  C  CA  . GLU A 1 69  ? -13.058 0.323   -6.569  1.00 18.85 ? 71  GLU A CA  1 
ATOM   513  C  C   . GLU A 1 69  ? -12.118 1.045   -7.524  1.00 17.98 ? 71  GLU A C   1 
ATOM   514  O  O   . GLU A 1 69  ? -12.361 2.189   -7.888  1.00 18.87 ? 71  GLU A O   1 
ATOM   515  C  CB  . GLU A 1 69  ? -14.156 -0.392  -7.373  1.00 19.86 ? 71  GLU A CB  1 
ATOM   516  C  CG  . GLU A 1 69  ? -15.154 -1.122  -6.492  1.00 26.25 ? 71  GLU A CG  1 
ATOM   517  C  CD  . GLU A 1 69  ? -16.058 -2.068  -7.261  1.00 34.29 ? 71  GLU A CD  1 
ATOM   518  O  OE1 . GLU A 1 69  ? -15.553 -2.856  -8.106  1.00 37.23 ? 71  GLU A OE1 1 
ATOM   519  O  OE2 . GLU A 1 69  ? -17.287 -2.030  -7.004  1.00 38.32 ? 71  GLU A OE2 1 
ATOM   520  N  N   . GLY A 1 70  ? -11.055 0.366   -7.913  1.00 16.67 ? 72  GLY A N   1 
ATOM   521  C  CA  . GLY A 1 70  ? -10.113 0.939   -8.878  1.00 17.24 ? 72  GLY A CA  1 
ATOM   522  C  C   . GLY A 1 70  ? -9.373  -0.115  -9.677  1.00 17.05 ? 72  GLY A C   1 
ATOM   523  O  O   . GLY A 1 70  ? -9.708  -1.302  -9.666  1.00 16.30 ? 72  GLY A O   1 
ATOM   524  N  N   . GLU A 1 71  ? -8.333  0.330   -10.379 1.00 17.82 ? 73  GLU A N   1 
ATOM   525  C  CA  . GLU A 1 71  ? -7.513  -0.591  -11.139 1.00 18.83 ? 73  GLU A CA  1 
ATOM   526  C  C   . GLU A 1 71  ? -6.089  -0.148  -10.964 1.00 17.86 ? 73  GLU A C   1 
ATOM   527  O  O   . GLU A 1 71  ? -5.833  1.049   -10.991 1.00 17.95 ? 73  GLU A O   1 
ATOM   528  C  CB  . GLU A 1 71  ? -7.836  -0.491  -12.625 1.00 19.51 ? 73  GLU A CB  1 
ATOM   529  C  CG  . GLU A 1 71  ? -9.235  -0.927  -12.971 1.00 23.11 ? 73  GLU A CG  1 
ATOM   530  C  CD  . GLU A 1 71  ? -9.556  -0.834  -14.464 1.00 24.93 ? 73  GLU A CD  1 
ATOM   531  O  OE1 . GLU A 1 71  ? -8.674  -0.429  -15.272 1.00 30.82 ? 73  GLU A OE1 1 
ATOM   532  O  OE2 . GLU A 1 71  ? -10.717 -1.172  -14.814 1.00 31.22 ? 73  GLU A OE2 1 
ATOM   533  N  N   . ALA A 1 72  ? -5.172  -1.102  -10.834 1.00 17.62 ? 74  ALA A N   1 
ATOM   534  C  CA  . ALA A 1 72  ? -3.741  -0.798  -10.780 1.00 19.02 ? 74  ALA A CA  1 
ATOM   535  C  C   . ALA A 1 72  ? -3.059  -1.338  -12.041 1.00 20.41 ? 74  ALA A C   1 
ATOM   536  O  O   . ALA A 1 72  ? -3.242  -2.507  -12.390 1.00 21.80 ? 74  ALA A O   1 
ATOM   537  C  CB  . ALA A 1 72  ? -3.093  -1.368  -9.534  1.00 19.33 ? 74  ALA A CB  1 
ATOM   538  N  N   . THR A 1 73  ? -2.301  -0.477  -12.707 1.00 21.67 ? 75  THR A N   1 
ATOM   539  C  CA  . THR A 1 73  ? -1.664  -0.766  -14.016 1.00 22.74 ? 75  THR A CA  1 
ATOM   540  C  C   . THR A 1 73  ? -0.134  -0.656  -13.847 1.00 22.46 ? 75  THR A C   1 
ATOM   541  O  O   . THR A 1 73  ? 0.342   0.322   -13.259 1.00 21.57 ? 75  THR A O   1 
ATOM   542  C  CB  . THR A 1 73  ? -2.136  0.311   -15.026 1.00 23.62 ? 75  THR A CB  1 
ATOM   543  O  OG1 . THR A 1 73  ? -3.562  0.239   -15.217 1.00 25.65 ? 75  THR A OG1 1 
ATOM   544  C  CG2 . THR A 1 73  ? -1.568  0.084   -16.449 1.00 24.53 ? 75  THR A CG2 1 
ATOM   545  N  N   . PRO A 1 74  ? 0.664   -1.596  -14.356 1.00 22.78 ? 76  PRO A N   1 
ATOM   546  C  CA  . PRO A 1 74  ? 2.123   -1.394  -14.289 1.00 23.46 ? 76  PRO A CA  1 
ATOM   547  C  C   . PRO A 1 74  ? 2.495   -0.093  -15.008 1.00 23.51 ? 76  PRO A C   1 
ATOM   548  O  O   . PRO A 1 74  ? 1.968   0.194   -16.091 1.00 23.36 ? 76  PRO A O   1 
ATOM   549  C  CB  . PRO A 1 74  ? 2.693   -2.613  -15.017 1.00 23.80 ? 76  PRO A CB  1 
ATOM   550  C  CG  . PRO A 1 74  ? 1.592   -3.630  -14.958 1.00 23.40 ? 76  PRO A CG  1 
ATOM   551  C  CD  . PRO A 1 74  ? 0.309   -2.863  -15.013 1.00 23.70 ? 76  PRO A CD  1 
ATOM   552  N  N   . VAL A 1 75  ? 3.346   0.697   -14.361 1.00 24.76 ? 77  VAL A N   1 
ATOM   553  C  CA  . VAL A 1 75  ? 3.829   1.968   -14.900 1.00 25.53 ? 77  VAL A CA  1 
ATOM   554  C  C   . VAL A 1 75  ? 4.685   1.676   -16.143 1.00 25.50 ? 77  VAL A C   1 
ATOM   555  O  O   . VAL A 1 75  ? 4.632   2.414   -17.128 1.00 26.75 ? 77  VAL A O   1 
ATOM   556  C  CB  . VAL A 1 75  ? 4.660   2.761   -13.830 1.00 25.93 ? 77  VAL A CB  1 
ATOM   557  C  CG1 . VAL A 1 75  ? 5.281   3.996   -14.441 1.00 28.00 ? 77  VAL A CG1 1 
ATOM   558  C  CG2 . VAL A 1 75  ? 3.792   3.177   -12.633 1.00 27.20 ? 77  VAL A CG2 1 
ATOM   559  N  N   . ASN A 1 76  ? 5.457   0.600   -16.106 1.00 24.18 ? 78  ASN A N   1 
ATOM   560  C  CA  . ASN A 1 76  ? 6.354   0.307   -17.203 1.00 24.56 ? 78  ASN A CA  1 
ATOM   561  C  C   . ASN A 1 76  ? 6.648   -1.197  -17.361 1.00 24.42 ? 78  ASN A C   1 
ATOM   562  O  O   . ASN A 1 76  ? 6.283   -2.011  -16.521 1.00 23.78 ? 78  ASN A O   1 
ATOM   563  C  CB  . ASN A 1 76  ? 7.654   1.107   -17.050 1.00 25.47 ? 78  ASN A CB  1 
ATOM   564  C  CG  . ASN A 1 76  ? 8.479   0.666   -15.834 1.00 25.73 ? 78  ASN A CG  1 
ATOM   565  O  OD1 . ASN A 1 76  ? 8.913   -0.466  -15.752 1.00 29.94 ? 78  ASN A OD1 1 
ATOM   566  N  ND2 . ASN A 1 76  ? 8.741   1.588   -14.929 1.00 29.72 ? 78  ASN A ND2 1 
ATOM   567  N  N   . LEU A 1 77  ? 7.341   -1.549  -18.433 1.00 22.57 ? 79  LEU A N   1 
ATOM   568  C  CA  . LEU A 1 77  ? 7.572   -2.949  -18.749 1.00 23.12 ? 79  LEU A CA  1 
ATOM   569  C  C   . LEU A 1 77  ? 8.791   -3.557  -18.066 1.00 22.92 ? 79  LEU A C   1 
ATOM   570  O  O   . LEU A 1 77  ? 9.006   -4.772  -18.146 1.00 25.09 ? 79  LEU A O   1 
ATOM   571  C  CB  . LEU A 1 77  ? 7.624   -3.122  -20.285 1.00 22.98 ? 79  LEU A CB  1 
ATOM   572  C  CG  . LEU A 1 77  ? 6.343   -2.591  -20.950 1.00 24.92 ? 79  LEU A CG  1 
ATOM   573  C  CD1 . LEU A 1 77  ? 6.589   -2.300  -22.444 1.00 30.23 ? 79  LEU A CD1 1 
ATOM   574  C  CD2 . LEU A 1 77  ? 5.142   -3.557  -20.764 1.00 27.11 ? 79  LEU A CD2 1 
ATOM   575  N  N   . THR A 1 78  ? 9.567   -2.746  -17.353 1.00 21.88 ? 80  THR A N   1 
ATOM   576  C  CA  . THR A 1 78  ? 10.814  -3.199  -16.765 1.00 22.15 ? 80  THR A CA  1 
ATOM   577  C  C   . THR A 1 78  ? 10.622  -3.731  -15.334 1.00 22.00 ? 80  THR A C   1 
ATOM   578  O  O   . THR A 1 78  ? 11.300  -4.684  -14.911 1.00 22.20 ? 80  THR A O   1 
ATOM   579  C  CB  . THR A 1 78  ? 11.816  -2.002  -16.736 1.00 22.01 ? 80  THR A CB  1 
ATOM   580  O  OG1 . THR A 1 78  ? 12.119  -1.629  -18.089 1.00 25.22 ? 80  THR A OG1 1 
ATOM   581  C  CG2 . THR A 1 78  ? 13.164  -2.424  -16.165 1.00 24.00 ? 80  THR A CG2 1 
ATOM   582  N  N   . GLU A 1 79  ? 9.734   -3.063  -14.605 1.00 20.94 ? 81  GLU A N   1 
ATOM   583  C  CA  . GLU A 1 79  ? 9.621   -3.220  -13.140 1.00 21.23 ? 81  GLU A CA  1 
ATOM   584  C  C   . GLU A 1 79  ? 8.156   -3.529  -12.806 1.00 19.51 ? 81  GLU A C   1 
ATOM   585  O  O   . GLU A 1 79  ? 7.366   -2.598  -12.626 1.00 19.45 ? 81  GLU A O   1 
ATOM   586  C  CB  . GLU A 1 79  ? 10.034  -1.932  -12.425 1.00 22.67 ? 81  GLU A CB  1 
ATOM   587  C  CG  . GLU A 1 79  ? 11.479  -1.497  -12.612 1.00 28.10 ? 81  GLU A CG  1 
ATOM   588  C  CD  . GLU A 1 79  ? 11.647  0.024   -12.519 1.00 34.64 ? 81  GLU A CD  1 
ATOM   589  O  OE1 . GLU A 1 79  ? 12.310  0.492   -11.572 1.00 36.44 ? 81  GLU A OE1 1 
ATOM   590  O  OE2 . GLU A 1 79  ? 11.106  0.766   -13.380 1.00 37.90 ? 81  GLU A OE2 1 
ATOM   591  N  N   . PRO A 1 80  ? 7.772   -4.809  -12.788 1.00 19.22 ? 82  PRO A N   1 
ATOM   592  C  CA  . PRO A 1 80  ? 6.375   -5.176  -12.581 1.00 18.23 ? 82  PRO A CA  1 
ATOM   593  C  C   . PRO A 1 80  ? 5.847   -4.809  -11.177 1.00 17.63 ? 82  PRO A C   1 
ATOM   594  O  O   . PRO A 1 80  ? 4.623   -4.799  -10.979 1.00 18.67 ? 82  PRO A O   1 
ATOM   595  C  CB  . PRO A 1 80  ? 6.384   -6.692  -12.745 1.00 19.06 ? 82  PRO A CB  1 
ATOM   596  C  CG  . PRO A 1 80  ? 7.770   -7.096  -12.525 1.00 20.48 ? 82  PRO A CG  1 
ATOM   597  C  CD  . PRO A 1 80  ? 8.615   -5.994  -13.028 1.00 19.44 ? 82  PRO A CD  1 
ATOM   598  N  N   . ALA A 1 81  ? 6.752   -4.532  -10.232 1.00 17.50 ? 83  ALA A N   1 
ATOM   599  C  CA  . ALA A 1 81  ? 6.349   -4.067  -8.878  1.00 16.94 ? 83  ALA A CA  1 
ATOM   600  C  C   . ALA A 1 81  ? 6.039   -2.550  -8.815  1.00 16.98 ? 83  ALA A C   1 
ATOM   601  O  O   . ALA A 1 81  ? 5.649   -2.040  -7.760  1.00 17.27 ? 83  ALA A O   1 
ATOM   602  C  CB  . ALA A 1 81  ? 7.418   -4.433  -7.865  1.00 17.70 ? 83  ALA A CB  1 
ATOM   603  N  N   . LYS A 1 82  ? 6.230   -1.828  -9.918  1.00 16.84 ? 84  LYS A N   1 
ATOM   604  C  CA  . LYS A 1 82  ? 5.863   -0.409  -9.952  1.00 17.55 ? 84  LYS A CA  1 
ATOM   605  C  C   . LYS A 1 82  ? 4.557   -0.243  -10.716 1.00 17.58 ? 84  LYS A C   1 
ATOM   606  O  O   . LYS A 1 82  ? 4.520   -0.309  -11.942 1.00 16.23 ? 84  LYS A O   1 
ATOM   607  C  CB  . LYS A 1 82  ? 6.968   0.475   -10.559 1.00 17.63 ? 84  LYS A CB  1 
ATOM   608  C  CG  . LYS A 1 82  ? 8.240   0.545   -9.734  1.00 21.08 ? 84  LYS A CG  1 
ATOM   609  C  CD  . LYS A 1 82  ? 9.243   1.495   -10.390 1.00 20.39 ? 84  LYS A CD  1 
ATOM   610  C  CE  . LYS A 1 82  ? 10.395  1.760   -9.438  1.00 26.44 ? 84  LYS A CE  1 
ATOM   611  N  NZ  . LYS A 1 82  ? 11.451  2.545   -10.168 1.00 29.41 ? 84  LYS A NZ  1 
ATOM   612  N  N   . LEU A 1 83  ? 3.478   -0.044  -9.968  1.00 17.36 ? 85  LEU A N   1 
ATOM   613  C  CA  . LEU A 1 83  ? 2.149   0.133   -10.549 1.00 17.44 ? 85  LEU A CA  1 
ATOM   614  C  C   . LEU A 1 83  ? 1.669   1.549   -10.323 1.00 17.22 ? 85  LEU A C   1 
ATOM   615  O  O   . LEU A 1 83  ? 2.285   2.305   -9.563  1.00 17.77 ? 85  LEU A O   1 
ATOM   616  C  CB  . LEU A 1 83  ? 1.181   -0.837  -9.853  1.00 16.97 ? 85  LEU A CB  1 
ATOM   617  C  CG  . LEU A 1 83  ? 1.554   -2.323  -9.763  1.00 20.18 ? 85  LEU A CG  1 
ATOM   618  C  CD1 . LEU A 1 83  ? 0.614   -3.028  -8.787  1.00 24.82 ? 85  LEU A CD1 1 
ATOM   619  C  CD2 . LEU A 1 83  ? 1.426   -2.946  -11.113 1.00 24.75 ? 85  LEU A CD2 1 
ATOM   620  N  N   . GLU A 1 84  ? 0.592   1.933   -11.001 1.00 18.04 ? 86  GLU A N   1 
ATOM   621  C  CA  . GLU A 1 84  ? -0.163  3.126   -10.604 1.00 18.91 ? 86  GLU A CA  1 
ATOM   622  C  C   . GLU A 1 84  ? -1.633  2.776   -10.491 1.00 18.10 ? 86  GLU A C   1 
ATOM   623  O  O   . GLU A 1 84  ? -2.152  1.982   -11.280 1.00 18.83 ? 86  GLU A O   1 
ATOM   624  C  CB  . GLU A 1 84  ? 0.037   4.274   -11.594 1.00 20.27 ? 86  GLU A CB  1 
ATOM   625  C  CG  . GLU A 1 84  ? -0.303  3.905   -13.014 1.00 24.86 ? 86  GLU A CG  1 
ATOM   626  C  CD  . GLU A 1 84  ? 0.266   4.898   -14.013 1.00 33.37 ? 86  GLU A CD  1 
ATOM   627  O  OE1 . GLU A 1 84  ? -0.141  6.074   -13.990 1.00 35.03 ? 86  GLU A OE1 1 
ATOM   628  O  OE2 . GLU A 1 84  ? 1.123   4.490   -14.825 1.00 38.20 ? 86  GLU A OE2 1 
ATOM   629  N  N   . VAL A 1 85  ? -2.302  3.341   -9.491  1.00 18.00 ? 87  VAL A N   1 
ATOM   630  C  CA  . VAL A 1 85  ? -3.682  2.973   -9.220  1.00 17.66 ? 87  VAL A CA  1 
ATOM   631  C  C   . VAL A 1 85  ? -4.606  4.140   -9.507  1.00 17.54 ? 87  VAL A C   1 
ATOM   632  O  O   . VAL A 1 85  ? -4.277  5.306   -9.261  1.00 16.70 ? 87  VAL A O   1 
ATOM   633  C  CB  . VAL A 1 85  ? -3.869  2.546   -7.748  1.00 17.93 ? 87  VAL A CB  1 
ATOM   634  C  CG1 . VAL A 1 85  ? -5.222  1.932   -7.551  1.00 19.01 ? 87  VAL A CG1 1 
ATOM   635  C  CG2 . VAL A 1 85  ? -2.874  1.502   -7.395  1.00 21.67 ? 87  VAL A CG2 1 
ATOM   636  N  N   . LYS A 1 86  ? -5.775  3.828   -10.035 1.00 18.33 ? 88  LYS A N   1 
ATOM   637  C  CA  . LYS A 1 86  ? -6.752  4.862   -10.323 1.00 19.23 ? 88  LYS A CA  1 
ATOM   638  C  C   . LYS A 1 86  ? -8.089  4.359   -9.813  1.00 20.25 ? 88  LYS A C   1 
ATOM   639  O  O   . LYS A 1 86  ? -8.425  3.204   -10.048 1.00 19.10 ? 88  LYS A O   1 
ATOM   640  C  CB  . LYS A 1 86  ? -6.802  5.145   -11.827 1.00 19.45 ? 88  LYS A CB  1 
ATOM   641  C  CG  . LYS A 1 86  ? -7.683  6.345   -12.230 1.00 21.73 ? 88  LYS A CG  1 
ATOM   642  C  CD  . LYS A 1 86  ? -7.382  6.729   -13.670 1.00 26.15 ? 88  LYS A CD  1 
ATOM   643  C  CE  . LYS A 1 86  ? -8.390  7.754   -14.221 1.00 29.18 ? 88  LYS A CE  1 
ATOM   644  N  NZ  . LYS A 1 86  ? -8.166  9.142   -13.709 1.00 30.63 ? 88  LYS A NZ  1 
ATOM   645  N  N   . PHE A 1 87  ? -8.828  5.220   -9.113  1.00 22.17 ? 89  PHE A N   1 
ATOM   646  C  CA  . PHE A 1 87  ? -10.135 4.858   -8.527  1.00 24.16 ? 89  PHE A CA  1 
ATOM   647  C  C   . PHE A 1 87  ? -11.328 5.618   -9.126  1.00 26.27 ? 89  PHE A C   1 
ATOM   648  O  O   . PHE A 1 87  ? -12.454 5.120   -9.108  1.00 26.72 ? 89  PHE A O   1 
ATOM   649  C  CB  . PHE A 1 87  ? -10.139 5.078   -7.009  1.00 24.95 ? 89  PHE A CB  1 
ATOM   650  C  CG  . PHE A 1 87  ? -9.140  4.242   -6.268  1.00 24.50 ? 89  PHE A CG  1 
ATOM   651  C  CD1 . PHE A 1 87  ? -7.896  4.768   -5.914  1.00 24.86 ? 89  PHE A CD1 1 
ATOM   652  C  CD2 . PHE A 1 87  ? -9.449  2.934   -5.901  1.00 24.41 ? 89  PHE A CD2 1 
ATOM   653  C  CE1 . PHE A 1 87  ? -6.952  3.995   -5.226  1.00 25.34 ? 89  PHE A CE1 1 
ATOM   654  C  CE2 . PHE A 1 87  ? -8.515  2.153   -5.221  1.00 24.35 ? 89  PHE A CE2 1 
ATOM   655  C  CZ  . PHE A 1 87  ? -7.269  2.686   -4.870  1.00 25.94 ? 89  PHE A CZ  1 
ATOM   656  N  N   . SER A 1 88  ? -11.079 6.826   -9.619  1.00 28.57 ? 90  SER A N   1 
ATOM   657  C  CA  . SER A 1 88  ? -12.146 7.707   -10.110 1.00 30.47 ? 90  SER A CA  1 
ATOM   658  C  C   . SER A 1 88  ? -11.681 8.351   -11.385 1.00 31.12 ? 90  SER A C   1 
ATOM   659  O  O   . SER A 1 88  ? -10.482 8.556   -11.590 1.00 31.22 ? 90  SER A O   1 
ATOM   660  C  CB  . SER A 1 88  ? -12.456 8.795   -9.080  1.00 30.64 ? 90  SER A CB  1 
ATOM   661  O  OG  . SER A 1 88  ? -12.623 8.244   -7.774  1.00 34.17 ? 90  SER A OG  1 
ATOM   662  N  N   . TRP A 1 89  ? -12.633 8.682   -12.245 1.00 32.39 ? 91  TRP A N   1 
ATOM   663  C  CA  . TRP A 1 89  ? -12.314 9.282   -13.530 1.00 33.91 ? 91  TRP A CA  1 
ATOM   664  C  C   . TRP A 1 89  ? -11.532 10.575  -13.338 1.00 33.76 ? 91  TRP A C   1 
ATOM   665  O  O   . TRP A 1 89  ? -10.606 10.863  -14.097 1.00 34.24 ? 91  TRP A O   1 
ATOM   666  C  CB  . TRP A 1 89  ? -13.603 9.537   -14.317 1.00 35.15 ? 91  TRP A CB  1 
ATOM   667  C  CG  . TRP A 1 89  ? -14.569 10.476  -13.637 1.00 36.85 ? 91  TRP A CG  1 
ATOM   668  C  CD1 . TRP A 1 89  ? -15.516 10.155  -12.703 1.00 38.02 ? 91  TRP A CD1 1 
ATOM   669  C  CD2 . TRP A 1 89  ? -14.685 11.888  -13.856 1.00 38.35 ? 91  TRP A CD2 1 
ATOM   670  N  NE1 . TRP A 1 89  ? -16.209 11.283  -12.324 1.00 38.68 ? 91  TRP A NE1 1 
ATOM   671  C  CE2 . TRP A 1 89  ? -15.722 12.361  -13.022 1.00 38.63 ? 91  TRP A CE2 1 
ATOM   672  C  CE3 . TRP A 1 89  ? -14.011 12.809  -14.674 1.00 39.60 ? 91  TRP A CE3 1 
ATOM   673  C  CZ2 . TRP A 1 89  ? -16.097 13.715  -12.974 1.00 37.11 ? 91  TRP A CZ2 1 
ATOM   674  C  CZ3 . TRP A 1 89  ? -14.395 14.162  -14.630 1.00 38.61 ? 91  TRP A CZ3 1 
ATOM   675  C  CH2 . TRP A 1 89  ? -15.422 14.594  -13.781 1.00 37.31 ? 91  TRP A CH2 1 
ATOM   676  N  N   . PHE A 1 90  ? -11.908 11.320  -12.293 1.00 33.79 ? 92  PHE A N   1 
ATOM   677  C  CA  . PHE A 1 90  ? -11.418 12.667  -12.008 1.00 33.61 ? 92  PHE A CA  1 
ATOM   678  C  C   . PHE A 1 90  ? -10.071 12.720  -11.282 1.00 33.71 ? 92  PHE A C   1 
ATOM   679  O  O   . PHE A 1 90  ? -9.508  13.803  -11.098 1.00 33.91 ? 92  PHE A O   1 
ATOM   680  C  CB  . PHE A 1 90  ? -12.466 13.455  -11.203 1.00 33.82 ? 92  PHE A CB  1 
ATOM   681  C  CG  . PHE A 1 90  ? -12.862 12.826  -9.866  1.00 33.89 ? 92  PHE A CG  1 
ATOM   682  C  CD1 . PHE A 1 90  ? -12.061 12.975  -8.730  1.00 33.41 ? 92  PHE A CD1 1 
ATOM   683  C  CD2 . PHE A 1 90  ? -14.066 12.134  -9.735  1.00 34.19 ? 92  PHE A CD2 1 
ATOM   684  C  CE1 . PHE A 1 90  ? -12.444 12.418  -7.498  1.00 32.08 ? 92  PHE A CE1 1 
ATOM   685  C  CE2 . PHE A 1 90  ? -14.451 11.581  -8.500  1.00 32.57 ? 92  PHE A CE2 1 
ATOM   686  C  CZ  . PHE A 1 90  ? -13.632 11.733  -7.382  1.00 32.63 ? 92  PHE A CZ  1 
HETATM 687  N  N   . MSE A 1 91  ? -9.571  11.563  -10.860 1.00 32.84 ? 93  MSE A N   1 
HETATM 688  C  CA  . MSE A 1 91  ? -8.367  11.509  -10.050 1.00 33.37 ? 93  MSE A CA  1 
HETATM 689  C  C   . MSE A 1 91  ? -7.217  10.965  -10.897 1.00 32.06 ? 93  MSE A C   1 
HETATM 690  O  O   . MSE A 1 91  ? -7.323  9.861   -11.443 1.00 32.35 ? 93  MSE A O   1 
HETATM 691  C  CB  . MSE A 1 91  ? -8.636  10.647  -8.805  1.00 34.77 ? 93  MSE A CB  1 
HETATM 692  C  CG  . MSE A 1 91  ? -7.417  10.181  -8.024  1.00 38.70 ? 93  MSE A CG  1 
HETATM 693  SE SE  . MSE A 1 91  ? -7.085  8.265   -8.444  1.00 54.89 ? 93  MSE A SE  1 
HETATM 694  C  CE  . MSE A 1 91  ? -5.553  7.822   -7.176  1.00 41.24 ? 93  MSE A CE  1 
ATOM   695  N  N   . PRO A 1 92  ? -6.120  11.719  -11.027 1.00 30.43 ? 94  PRO A N   1 
ATOM   696  C  CA  . PRO A 1 92  ? -4.954  11.204  -11.725 1.00 28.81 ? 94  PRO A CA  1 
ATOM   697  C  C   . PRO A 1 92  ? -4.429  9.988   -10.966 1.00 26.68 ? 94  PRO A C   1 
ATOM   698  O  O   . PRO A 1 92  ? -4.589  9.917   -9.740  1.00 25.83 ? 94  PRO A O   1 
ATOM   699  C  CB  . PRO A 1 92  ? -3.946  12.355  -11.635 1.00 29.25 ? 94  PRO A CB  1 
ATOM   700  C  CG  . PRO A 1 92  ? -4.771  13.556  -11.404 1.00 30.22 ? 94  PRO A CG  1 
ATOM   701  C  CD  . PRO A 1 92  ? -5.887  13.081  -10.508 1.00 31.18 ? 94  PRO A CD  1 
ATOM   702  N  N   . SER A 1 93  ? -3.840  9.044   -11.690 1.00 24.48 ? 95  SER A N   1 
ATOM   703  C  CA  . SER A 1 93  ? -3.212  7.867   -11.096 1.00 23.49 ? 95  SER A CA  1 
ATOM   704  C  C   . SER A 1 93  ? -2.177  8.247   -10.043 1.00 22.49 ? 95  SER A C   1 
ATOM   705  O  O   . SER A 1 93  ? -1.548  9.322   -10.126 1.00 22.91 ? 95  SER A O   1 
ATOM   706  C  CB  . SER A 1 93  ? -2.549  7.012   -12.178 1.00 22.68 ? 95  SER A CB  1 
ATOM   707  O  OG  . SER A 1 93  ? -3.568  6.387   -12.938 1.00 26.94 ? 95  SER A OG  1 
ATOM   708  N  N   . ALA A 1 94  ? -2.074  7.407   -9.022  1.00 20.73 ? 96  ALA A N   1 
ATOM   709  C  CA  . ALA A 1 94  ? -1.094  7.583   -7.946  1.00 19.23 ? 96  ALA A CA  1 
ATOM   710  C  C   . ALA A 1 94  ? -0.186  6.368   -7.943  1.00 18.21 ? 96  ALA A C   1 
ATOM   711  O  O   . ALA A 1 94  ? -0.667  5.256   -8.212  1.00 17.71 ? 96  ALA A O   1 
ATOM   712  C  CB  . ALA A 1 94  ? -1.793  7.667   -6.650  1.00 19.44 ? 96  ALA A CB  1 
ATOM   713  N  N   . PRO A 1 95  ? 1.110   6.540   -7.665  1.00 16.27 ? 97  PRO A N   1 
ATOM   714  C  CA  . PRO A 1 95  ? 2.005   5.363   -7.608  1.00 15.97 ? 97  PRO A CA  1 
ATOM   715  C  C   . PRO A 1 95  ? 1.557   4.324   -6.594  1.00 14.48 ? 97  PRO A C   1 
ATOM   716  O  O   . PRO A 1 95  ? 1.045   4.665   -5.543  1.00 14.24 ? 97  PRO A O   1 
ATOM   717  C  CB  . PRO A 1 95  ? 3.333   5.948   -7.166  1.00 15.65 ? 97  PRO A CB  1 
ATOM   718  C  CG  . PRO A 1 95  ? 3.304   7.371   -7.726  1.00 16.44 ? 97  PRO A CG  1 
ATOM   719  C  CD  . PRO A 1 95  ? 1.854   7.814   -7.501  1.00 17.33 ? 97  PRO A CD  1 
ATOM   720  N  N   . TYR A 1 96  ? 1.778   3.060   -6.934  1.00 14.49 ? 98  TYR A N   1 
ATOM   721  C  CA  . TYR A 1 96  ? 1.603   1.964   -6.003  1.00 13.81 ? 98  TYR A CA  1 
ATOM   722  C  C   . TYR A 1 96  ? 2.829   1.108   -6.188  1.00 13.08 ? 98  TYR A C   1 
ATOM   723  O  O   . TYR A 1 96  ? 2.882   0.288   -7.105  1.00 13.52 ? 98  TYR A O   1 
ATOM   724  C  CB  . TYR A 1 96  ? 0.332   1.173   -6.358  1.00 14.21 ? 98  TYR A CB  1 
ATOM   725  C  CG  . TYR A 1 96  ? -0.020  0.051   -5.433  1.00 13.90 ? 98  TYR A CG  1 
ATOM   726  C  CD1 . TYR A 1 96  ? -1.103  0.176   -4.537  1.00 14.59 ? 98  TYR A CD1 1 
ATOM   727  C  CD2 . TYR A 1 96  ? 0.635   -1.197  -5.514  1.00 15.60 ? 98  TYR A CD2 1 
ATOM   728  C  CE1 . TYR A 1 96  ? -1.461  -0.901  -3.703  1.00 13.63 ? 98  TYR A CE1 1 
ATOM   729  C  CE2 . TYR A 1 96  ? 0.271   -2.267  -4.688  1.00 13.14 ? 98  TYR A CE2 1 
ATOM   730  C  CZ  . TYR A 1 96  ? -0.776  -2.108  -3.793  1.00 14.41 ? 98  TYR A CZ  1 
ATOM   731  O  OH  . TYR A 1 96  ? -1.115  -3.147  -2.954  1.00 13.28 ? 98  TYR A OH  1 
ATOM   732  N  N   . HIS A 1 97  ? 3.856   1.334   -5.384  1.00 12.28 ? 99  HIS A N   1 
ATOM   733  C  CA  . HIS A 1 97  ? 5.104   0.569   -5.571  1.00 12.68 ? 99  HIS A CA  1 
ATOM   734  C  C   . HIS A 1 97  ? 5.223   -0.484  -4.498  1.00 12.87 ? 99  HIS A C   1 
ATOM   735  O  O   . HIS A 1 97  ? 5.196   -0.152  -3.325  1.00 12.86 ? 99  HIS A O   1 
ATOM   736  C  CB  . HIS A 1 97  ? 6.299   1.523   -5.476  1.00 13.71 ? 99  HIS A CB  1 
ATOM   737  C  CG  . HIS A 1 97  ? 6.430   2.451   -6.643  1.00 17.52 ? 99  HIS A CG  1 
ATOM   738  N  ND1 . HIS A 1 97  ? 7.586   3.170   -6.889  1.00 20.26 ? 99  HIS A ND1 1 
ATOM   739  C  CD2 . HIS A 1 97  ? 5.585   2.739   -7.659  1.00 18.13 ? 99  HIS A CD2 1 
ATOM   740  C  CE1 . HIS A 1 97  ? 7.427   3.883   -7.989  1.00 21.05 ? 99  HIS A CE1 1 
ATOM   741  N  NE2 . HIS A 1 97  ? 6.224   3.642   -8.477  1.00 21.45 ? 99  HIS A NE2 1 
ATOM   742  N  N   . ILE A 1 98  ? 5.358   -1.761  -4.890  1.00 12.37 ? 100 ILE A N   1 
ATOM   743  C  CA  . ILE A 1 98  ? 5.519   -2.798  -3.898  1.00 13.24 ? 100 ILE A CA  1 
ATOM   744  C  C   . ILE A 1 98  ? 6.995   -2.929  -3.554  1.00 12.77 ? 100 ILE A C   1 
ATOM   745  O  O   . ILE A 1 98  ? 7.783   -3.497  -4.327  1.00 14.56 ? 100 ILE A O   1 
ATOM   746  C  CB  . ILE A 1 98  ? 4.924   -4.128  -4.396  1.00 13.88 ? 100 ILE A CB  1 
ATOM   747  C  CG1 . ILE A 1 98  ? 3.461   -3.889  -4.775  1.00 14.51 ? 100 ILE A CG1 1 
ATOM   748  C  CG2 . ILE A 1 98  ? 5.045   -5.182  -3.301  1.00 13.39 ? 100 ILE A CG2 1 
ATOM   749  C  CD1 . ILE A 1 98  ? 2.921   -4.861  -5.738  1.00 19.45 ? 100 ILE A CD1 1 
ATOM   750  N  N   . LEU A 1 99  ? 7.356   -2.374  -2.402  1.00 13.03 ? 101 LEU A N   1 
ATOM   751  C  CA  . LEU A 1 99  ? 8.763   -2.322  -1.962  1.00 13.04 ? 101 LEU A CA  1 
ATOM   752  C  C   . LEU A 1 99  ? 9.225   -3.714  -1.547  1.00 13.84 ? 101 LEU A C   1 
ATOM   753  O  O   . LEU A 1 99  ? 10.398  -4.092  -1.736  1.00 15.04 ? 101 LEU A O   1 
ATOM   754  C  CB  . LEU A 1 99  ? 8.962   -1.316  -0.824  1.00 12.95 ? 101 LEU A CB  1 
ATOM   755  C  CG  . LEU A 1 99  ? 8.642   0.140   -1.163  1.00 12.52 ? 101 LEU A CG  1 
ATOM   756  C  CD1 . LEU A 1 99  ? 9.271   1.058   -0.102  1.00 12.95 ? 101 LEU A CD1 1 
ATOM   757  C  CD2 . LEU A 1 99  ? 9.138   0.487   -2.595  1.00 12.96 ? 101 LEU A CD2 1 
ATOM   758  N  N   . ALA A 1 100 ? 8.336   -4.479  -0.920  1.00 14.89 ? 102 ALA A N   1 
ATOM   759  C  CA  . ALA A 1 100 ? 8.730   -5.821  -0.431  1.00 14.87 ? 102 ALA A CA  1 
ATOM   760  C  C   . ALA A 1 100 ? 7.499   -6.633  -0.141  1.00 15.55 ? 102 ALA A C   1 
ATOM   761  O  O   . ALA A 1 100 ? 6.528   -6.110  0.360   1.00 16.75 ? 102 ALA A O   1 
ATOM   762  C  CB  . ALA A 1 100 ? 9.558   -5.726  0.836   1.00 15.69 ? 102 ALA A CB  1 
ATOM   763  N  N   . THR A 1 101 ? 7.541   -7.917  -0.471  1.00 16.24 ? 103 THR A N   1 
ATOM   764  C  CA  . THR A 1 101 ? 6.431   -8.810  -0.102  1.00 15.91 ? 103 THR A CA  1 
ATOM   765  C  C   . THR A 1 101 ? 6.940   -10.230 -0.144  1.00 17.14 ? 103 THR A C   1 
ATOM   766  O  O   . THR A 1 101 ? 7.864   -10.551 -0.925  1.00 16.81 ? 103 THR A O   1 
ATOM   767  C  CB  . THR A 1 101 ? 5.200   -8.636  -1.032  1.00 16.97 ? 103 THR A CB  1 
ATOM   768  O  OG1 . THR A 1 101 ? 4.151   -9.563  -0.659  1.00 15.57 ? 103 THR A OG1 1 
ATOM   769  C  CG2 . THR A 1 101 ? 5.542   -8.989  -2.511  1.00 14.84 ? 103 THR A CG2 1 
ATOM   770  N  N   . ASP A 1 102 ? 6.340   -11.063 0.693   1.00 17.52 ? 104 ASP A N   1 
ATOM   771  C  CA  . ASP A 1 102 ? 6.550   -12.508 0.580   1.00 18.76 ? 104 ASP A CA  1 
ATOM   772  C  C   . ASP A 1 102 ? 5.283   -13.238 0.127   1.00 19.26 ? 104 ASP A C   1 
ATOM   773  O  O   . ASP A 1 102 ? 5.187   -14.483 0.230   1.00 18.99 ? 104 ASP A O   1 
ATOM   774  C  CB  . ASP A 1 102 ? 7.085   -13.054 1.901   1.00 19.47 ? 104 ASP A CB  1 
ATOM   775  C  CG  . ASP A 1 102 ? 6.027   -13.162 2.986   1.00 20.76 ? 104 ASP A CG  1 
ATOM   776  O  OD1 . ASP A 1 102 ? 4.959   -12.507 2.874   1.00 18.89 ? 104 ASP A OD1 1 
ATOM   777  O  OD2 . ASP A 1 102 ? 6.189   -13.878 4.001   1.00 23.52 ? 104 ASP A OD2 1 
ATOM   778  N  N   . TYR A 1 103 ? 4.332   -12.463 -0.399  1.00 18.34 ? 105 TYR A N   1 
ATOM   779  C  CA  . TYR A 1 103 ? 3.042   -12.945 -0.949  1.00 18.96 ? 105 TYR A CA  1 
ATOM   780  C  C   . TYR A 1 103 ? 2.183   -13.801 -0.051  1.00 22.39 ? 105 TYR A C   1 
ATOM   781  O  O   . TYR A 1 103 ? 1.057   -14.125 -0.468  1.00 27.57 ? 105 TYR A O   1 
ATOM   782  C  CB  . TYR A 1 103 ? 3.229   -13.852 -2.187  1.00 18.56 ? 105 TYR A CB  1 
ATOM   783  C  CG  . TYR A 1 103 ? 4.220   -13.276 -3.170  1.00 18.60 ? 105 TYR A CG  1 
ATOM   784  C  CD1 . TYR A 1 103 ? 5.543   -13.708 -3.173  1.00 19.31 ? 105 TYR A CD1 1 
ATOM   785  C  CD2 . TYR A 1 103 ? 3.854   -12.249 -4.018  1.00 17.18 ? 105 TYR A CD2 1 
ATOM   786  C  CE1 . TYR A 1 103 ? 6.447   -13.177 -4.042  1.00 21.47 ? 105 TYR A CE1 1 
ATOM   787  C  CE2 . TYR A 1 103 ? 4.747   -11.706 -4.898  1.00 18.36 ? 105 TYR A CE2 1 
ATOM   788  C  CZ  . TYR A 1 103 ? 6.051   -12.168 -4.898  1.00 20.10 ? 105 TYR A CZ  1 
ATOM   789  O  OH  . TYR A 1 103 ? 6.963   -11.624 -5.759  1.00 18.66 ? 105 TYR A OH  1 
ATOM   790  N  N   . GLU A 1 104 ? 2.660   -14.332 1.004   1.00 19.16 ? 106 GLU A N   1 
ATOM   791  C  CA  . GLU A 1 104 ? 1.858   -15.133 1.941   1.00 19.76 ? 106 GLU A CA  1 
ATOM   792  C  C   . GLU A 1 104 ? 1.672   -14.531 3.311   1.00 17.94 ? 106 GLU A C   1 
ATOM   793  O  O   . GLU A 1 104 ? 0.832   -15.003 4.105   1.00 15.87 ? 106 GLU A O   1 
ATOM   794  C  CB  . GLU A 1 104 ? 2.462   -16.543 2.089   1.00 20.62 ? 106 GLU A CB  1 
ATOM   795  C  CG  . GLU A 1 104 ? 2.275   -17.435 0.881   1.00 23.45 ? 106 GLU A CG  1 
ATOM   796  C  CD  . GLU A 1 104 ? 3.029   -18.751 1.024   1.00 25.96 ? 106 GLU A CD  1 
ATOM   797  O  OE1 . GLU A 1 104 ? 3.182   -19.237 2.176   1.00 34.26 ? 106 GLU A OE1 1 
ATOM   798  O  OE2 . GLU A 1 104 ? 3.498   -19.286 -0.006  1.00 32.84 ? 106 GLU A OE2 1 
ATOM   799  N  N   . ASN A 1 105 ? 2.447   -13.489 3.615   1.00 16.78 ? 107 ASN A N   1 
ATOM   800  C  CA  . ASN A 1 105 ? 2.391   -12.894 4.917   1.00 16.36 ? 107 ASN A CA  1 
ATOM   801  C  C   . ASN A 1 105 ? 2.311   -11.376 4.956   1.00 14.72 ? 107 ASN A C   1 
ATOM   802  O  O   . ASN A 1 105 ? 1.455   -10.841 5.628   1.00 15.92 ? 107 ASN A O   1 
ATOM   803  C  CB  . ASN A 1 105 ? 3.596   -13.323 5.748   1.00 16.52 ? 107 ASN A CB  1 
ATOM   804  C  CG  . ASN A 1 105 ? 3.522   -14.793 6.129   1.00 20.52 ? 107 ASN A CG  1 
ATOM   805  O  OD1 . ASN A 1 105 ? 2.796   -15.168 7.052   1.00 24.15 ? 107 ASN A OD1 1 
ATOM   806  N  ND2 . ASN A 1 105 ? 4.250   -15.620 5.396   1.00 20.11 ? 107 ASN A ND2 1 
ATOM   807  N  N   . TYR A 1 106 ? 3.190   -10.693 4.225   1.00 14.51 ? 108 TYR A N   1 
ATOM   808  C  CA  . TYR A 1 106 ? 3.257   -9.227  4.361   1.00 13.08 ? 108 TYR A CA  1 
ATOM   809  C  C   . TYR A 1 106 ? 3.493   -8.572  3.001   1.00 12.99 ? 108 TYR A C   1 
ATOM   810  O  O   . TYR A 1 106 ? 3.950   -9.227  2.052   1.00 12.95 ? 108 TYR A O   1 
ATOM   811  C  CB  . TYR A 1 106 ? 4.363   -8.794  5.320   1.00 14.51 ? 108 TYR A CB  1 
ATOM   812  C  CG  . TYR A 1 106 ? 5.750   -9.214  4.819   1.00 13.96 ? 108 TYR A CG  1 
ATOM   813  C  CD1 . TYR A 1 106 ? 6.446   -8.433  3.888   1.00 16.12 ? 108 TYR A CD1 1 
ATOM   814  C  CD2 . TYR A 1 106 ? 6.328   -10.406 5.256   1.00 18.17 ? 108 TYR A CD2 1 
ATOM   815  C  CE1 . TYR A 1 106 ? 7.675   -8.825  3.396   1.00 17.31 ? 108 TYR A CE1 1 
ATOM   816  C  CE2 . TYR A 1 106 ? 7.573   -10.822 4.776   1.00 17.53 ? 108 TYR A CE2 1 
ATOM   817  C  CZ  . TYR A 1 106 ? 8.244   -10.023 3.857   1.00 19.47 ? 108 TYR A CZ  1 
ATOM   818  O  OH  . TYR A 1 106 ? 9.462   -10.435 3.390   1.00 19.57 ? 108 TYR A OH  1 
ATOM   819  N  N   . ALA A 1 107 ? 3.210   -7.270  2.941   1.00 12.24 ? 109 ALA A N   1 
ATOM   820  C  CA  . ALA A 1 107 ? 3.574   -6.469  1.779   1.00 12.41 ? 109 ALA A CA  1 
ATOM   821  C  C   . ALA A 1 107 ? 3.792   -5.054  2.284   1.00 12.37 ? 109 ALA A C   1 
ATOM   822  O  O   . ALA A 1 107 ? 3.093   -4.588  3.186   1.00 14.64 ? 109 ALA A O   1 
ATOM   823  C  CB  . ALA A 1 107 ? 2.478   -6.505  0.672   1.00 12.92 ? 109 ALA A CB  1 
ATOM   824  N  N   . LEU A 1 108 ? 4.813   -4.403  1.746   1.00 11.52 ? 110 LEU A N   1 
ATOM   825  C  CA  . LEU A 1 108 ? 5.045   -2.990  2.004   1.00 11.64 ? 110 LEU A CA  1 
ATOM   826  C  C   . LEU A 1 108 ? 4.819   -2.234  0.710   1.00 11.49 ? 110 LEU A C   1 
ATOM   827  O  O   . LEU A 1 108 ? 5.460   -2.534  -0.316  1.00 12.20 ? 110 LEU A O   1 
ATOM   828  C  CB  . LEU A 1 108 ? 6.490   -2.778  2.507   1.00 11.37 ? 110 LEU A CB  1 
ATOM   829  C  CG  . LEU A 1 108 ? 6.970   -1.314  2.641   1.00 11.18 ? 110 LEU A CG  1 
ATOM   830  C  CD1 . LEU A 1 108 ? 6.102   -0.490  3.596   1.00 12.97 ? 110 LEU A CD1 1 
ATOM   831  C  CD2 . LEU A 1 108 ? 8.455   -1.277  3.080   1.00 13.88 ? 110 LEU A CD2 1 
ATOM   832  N  N   . VAL A 1 109 ? 3.947   -1.229  0.752   1.00 11.34 ? 111 VAL A N   1 
ATOM   833  C  CA  . VAL A 1 109 ? 3.569   -0.466  -0.463  1.00 10.69 ? 111 VAL A CA  1 
ATOM   834  C  C   . VAL A 1 109 ? 3.926   0.984   -0.192  1.00 10.26 ? 111 VAL A C   1 
ATOM   835  O  O   . VAL A 1 109 ? 3.726   1.475   0.919   1.00 10.44 ? 111 VAL A O   1 
ATOM   836  C  CB  . VAL A 1 109 ? 2.055   -0.595  -0.797  1.00 10.68 ? 111 VAL A CB  1 
ATOM   837  C  CG1 . VAL A 1 109 ? 1.668   0.296   -2.028  1.00 11.00 ? 111 VAL A CG1 1 
ATOM   838  C  CG2 . VAL A 1 109 ? 1.657   -2.138  -1.055  1.00 11.49 ? 111 VAL A CG2 1 
ATOM   839  N  N   . TYR A 1 110 ? 4.478   1.643   -1.205  1.00 9.60  ? 112 TYR A N   1 
ATOM   840  C  CA  . TYR A 1 110 ? 4.906   3.040   -1.097  1.00 11.08 ? 112 TYR A CA  1 
ATOM   841  C  C   . TYR A 1 110 ? 4.335   3.905   -2.227  1.00 11.24 ? 112 TYR A C   1 
ATOM   842  O  O   . TYR A 1 110 ? 4.183   3.432   -3.344  1.00 11.88 ? 112 TYR A O   1 
ATOM   843  C  CB  . TYR A 1 110 ? 6.450   3.071   -1.159  1.00 11.46 ? 112 TYR A CB  1 
ATOM   844  C  CG  . TYR A 1 110 ? 7.015   4.465   -1.093  1.00 10.91 ? 112 TYR A CG  1 
ATOM   845  C  CD1 . TYR A 1 110 ? 6.873   5.247   0.066   1.00 12.14 ? 112 TYR A CD1 1 
ATOM   846  C  CD2 . TYR A 1 110 ? 7.712   5.010   -2.179  1.00 15.92 ? 112 TYR A CD2 1 
ATOM   847  C  CE1 . TYR A 1 110 ? 7.413   6.581   0.129   1.00 13.80 ? 112 TYR A CE1 1 
ATOM   848  C  CE2 . TYR A 1 110 ? 8.257   6.315   -2.112  1.00 13.61 ? 112 TYR A CE2 1 
ATOM   849  C  CZ  . TYR A 1 110 ? 8.091   7.078   -0.959  1.00 14.24 ? 112 TYR A CZ  1 
ATOM   850  O  OH  . TYR A 1 110 ? 8.604   8.377   -0.897  1.00 15.63 ? 112 TYR A OH  1 
ATOM   851  N  N   . SER A 1 111 ? 4.008   5.174   -1.944  1.00 12.48 ? 113 SER A N   1 
ATOM   852  C  CA  . SER A 1 111 ? 3.511   6.054   -3.002  1.00 13.58 ? 113 SER A CA  1 
ATOM   853  C  C   . SER A 1 111 ? 4.033   7.450   -2.724  1.00 13.83 ? 113 SER A C   1 
ATOM   854  O  O   . SER A 1 111 ? 3.938   7.917   -1.588  1.00 14.56 ? 113 SER A O   1 
ATOM   855  C  CB  . SER A 1 111 ? 1.981   6.085   -3.005  1.00 14.69 ? 113 SER A CB  1 
ATOM   856  O  OG  . SER A 1 111 ? 1.476   6.863   -4.099  1.00 13.73 ? 113 SER A OG  1 
ATOM   857  N  N   . CYS A 1 112 ? 4.597   8.097   -3.744  1.00 14.50 ? 114 CYS A N   1 
ATOM   858  C  CA  . CYS A 1 112 ? 5.103   9.479   -3.597  1.00 14.43 ? 114 CYS A CA  1 
ATOM   859  C  C   . CYS A 1 112 ? 4.693   10.334  -4.789  1.00 14.59 ? 114 CYS A C   1 
ATOM   860  O  O   . CYS A 1 112 ? 4.710   9.863   -5.936  1.00 14.27 ? 114 CYS A O   1 
ATOM   861  C  CB  . CYS A 1 112 ? 6.623   9.460   -3.454  1.00 14.16 ? 114 CYS A CB  1 
ATOM   862  S  SG  . CYS A 1 112 ? 7.328   11.075  -3.022  1.00 17.54 ? 114 CYS A SG  1 
ATOM   863  N  N   . THR A 1 113 ? 4.340   11.587  -4.496  1.00 14.43 ? 115 THR A N   1 
ATOM   864  C  CA  . THR A 1 113 ? 3.841   12.564  -5.469  1.00 16.11 ? 115 THR A CA  1 
ATOM   865  C  C   . THR A 1 113 ? 4.618   13.867  -5.265  1.00 16.42 ? 115 THR A C   1 
ATOM   866  O  O   . THR A 1 113 ? 4.733   14.360  -4.151  1.00 16.84 ? 115 THR A O   1 
ATOM   867  C  CB  . THR A 1 113 ? 2.337   12.830  -5.225  1.00 15.59 ? 115 THR A CB  1 
ATOM   868  O  OG1 . THR A 1 113 ? 1.606   11.645  -5.572  1.00 17.87 ? 115 THR A OG1 1 
ATOM   869  C  CG2 . THR A 1 113 ? 1.792   13.878  -6.198  1.00 17.29 ? 115 THR A CG2 1 
ATOM   870  N  N   . SER A 1 114 ? 5.150   14.397  -6.350  1.00 17.62 ? 116 SER A N   1 
ATOM   871  C  CA  . SER A 1 114 ? 5.857   15.668  -6.278  1.00 19.44 ? 116 SER A CA  1 
ATOM   872  C  C   . SER A 1 114 ? 4.876   16.834  -6.129  1.00 19.76 ? 116 SER A C   1 
ATOM   873  O  O   . SER A 1 114 ? 3.693   16.780  -6.534  1.00 21.10 ? 116 SER A O   1 
ATOM   874  C  CB  . SER A 1 114 ? 6.713   15.859  -7.528  1.00 20.73 ? 116 SER A CB  1 
ATOM   875  O  OG  . SER A 1 114 ? 5.871   15.891  -8.654  1.00 22.10 ? 116 SER A OG  1 
ATOM   876  N  N   . ILE A 1 115 ? 5.357   17.877  -5.487  1.00 20.60 ? 117 ILE A N   1 
ATOM   877  C  CA  . ILE A 1 115 ? 4.684   19.182  -5.511  1.00 21.57 ? 117 ILE A CA  1 
ATOM   878  C  C   . ILE A 1 115 ? 5.756   20.144  -6.003  1.00 22.02 ? 117 ILE A C   1 
ATOM   879  O  O   . ILE A 1 115 ? 6.396   20.833  -5.189  1.00 23.86 ? 117 ILE A O   1 
ATOM   880  C  CB  . ILE A 1 115 ? 4.233   19.589  -4.100  1.00 21.78 ? 117 ILE A CB  1 
ATOM   881  C  CG1 . ILE A 1 115 ? 3.313   18.540  -3.495  1.00 21.15 ? 117 ILE A CG1 1 
ATOM   882  C  CG2 . ILE A 1 115 ? 3.562   21.003  -4.142  1.00 21.94 ? 117 ILE A CG2 1 
ATOM   883  C  CD1 . ILE A 1 115 ? 3.119   18.731  -1.991  1.00 25.00 ? 117 ILE A CD1 1 
ATOM   884  N  N   . SER A 1 116 ? 5.935   20.186  -7.320  1.00 22.66 ? 118 SER A N   1 
ATOM   885  C  CA  . SER A 1 116 ? 7.098   20.758  -8.008  1.00 23.77 ? 118 SER A CA  1 
ATOM   886  C  C   . SER A 1 116 ? 8.298   19.867  -7.748  1.00 24.25 ? 118 SER A C   1 
ATOM   887  O  O   . SER A 1 116 ? 8.204   18.924  -6.950  1.00 23.38 ? 118 SER A O   1 
ATOM   888  C  CB  . SER A 1 116 ? 7.399   22.186  -7.566  1.00 24.36 ? 118 SER A CB  1 
ATOM   889  O  OG  . SER A 1 116 ? 8.202   22.190  -6.405  1.00 24.92 ? 118 SER A OG  1 
ATOM   890  N  N   . GLN A 1 117 ? 9.430   20.149  -8.390  1.00 25.18 ? 119 GLN A N   1 
ATOM   891  C  CA  . GLN A 1 117 ? 10.610  19.318  -8.136  1.00 27.32 ? 119 GLN A CA  1 
ATOM   892  C  C   . GLN A 1 117 ? 11.234  19.642  -6.765  1.00 25.48 ? 119 GLN A C   1 
ATOM   893  O  O   . GLN A 1 117 ? 12.202  19.008  -6.341  1.00 26.91 ? 119 GLN A O   1 
ATOM   894  C  CB  . GLN A 1 117 ? 11.641  19.434  -9.265  1.00 27.73 ? 119 GLN A CB  1 
ATOM   895  C  CG  . GLN A 1 117 ? 11.069  19.203  -10.689 1.00 31.89 ? 119 GLN A CG  1 
ATOM   896  C  CD  . GLN A 1 117 ? 12.141  19.309  -11.773 1.00 31.89 ? 119 GLN A CD  1 
ATOM   897  O  OE1 . GLN A 1 117 ? 12.641  20.412  -12.079 1.00 39.55 ? 119 GLN A OE1 1 
ATOM   898  N  NE2 . GLN A 1 117 ? 12.511  18.165  -12.347 1.00 35.55 ? 119 GLN A NE2 1 
ATOM   899  N  N   . SER A 1 118 ? 10.672  20.611  -6.051  1.00 23.03 ? 120 SER A N   1 
ATOM   900  C  CA  . SER A 1 118 ? 11.272  20.987  -4.782  1.00 20.69 ? 120 SER A CA  1 
ATOM   901  C  C   . SER A 1 118 ? 10.632  20.359  -3.545  1.00 18.74 ? 120 SER A C   1 
ATOM   902  O  O   . SER A 1 118 ? 11.223  20.407  -2.488  1.00 17.68 ? 120 SER A O   1 
ATOM   903  C  CB  . SER A 1 118 ? 11.293  22.493  -4.630  1.00 21.53 ? 120 SER A CB  1 
ATOM   904  O  OG  . SER A 1 118 ? 12.120  23.033  -5.653  1.00 22.65 ? 120 SER A OG  1 
ATOM   905  N  N   . PHE A 1 119 ? 9.425   19.818  -3.663  1.00 16.99 ? 121 PHE A N   1 
ATOM   906  C  CA  . PHE A 1 119 ? 8.770   19.230  -2.488  1.00 17.34 ? 121 PHE A CA  1 
ATOM   907  C  C   . PHE A 1 119 ? 8.037   17.978  -2.895  1.00 16.42 ? 121 PHE A C   1 
ATOM   908  O  O   . PHE A 1 119 ? 7.729   17.795  -4.077  1.00 16.75 ? 121 PHE A O   1 
ATOM   909  C  CB  . PHE A 1 119 ? 7.756   20.197  -1.886  1.00 17.50 ? 121 PHE A CB  1 
ATOM   910  C  CG  . PHE A 1 119 ? 8.338   21.537  -1.543  1.00 20.24 ? 121 PHE A CG  1 
ATOM   911  C  CD1 . PHE A 1 119 ? 8.240   22.599  -2.445  1.00 23.46 ? 121 PHE A CD1 1 
ATOM   912  C  CD2 . PHE A 1 119 ? 9.026   21.716  -0.343  1.00 21.39 ? 121 PHE A CD2 1 
ATOM   913  C  CE1 . PHE A 1 119 ? 8.814   23.859  -2.136  1.00 25.50 ? 121 PHE A CE1 1 
ATOM   914  C  CE2 . PHE A 1 119 ? 9.602   22.964  -0.029  1.00 23.63 ? 121 PHE A CE2 1 
ATOM   915  C  CZ  . PHE A 1 119 ? 9.495   24.025  -0.929  1.00 22.30 ? 121 PHE A CZ  1 
ATOM   916  N  N   . HIS A 1 120 ? 7.708   17.156  -1.899  1.00 16.33 ? 122 HIS A N   1 
ATOM   917  C  CA  . HIS A 1 120 ? 6.925   15.949  -2.175  1.00 14.86 ? 122 HIS A CA  1 
ATOM   918  C  C   . HIS A 1 120 ? 6.074   15.547  -0.982  1.00 13.73 ? 122 HIS A C   1 
ATOM   919  O  O   . HIS A 1 120 ? 6.303   15.983  0.162   1.00 13.61 ? 122 HIS A O   1 
ATOM   920  C  CB  . HIS A 1 120 ? 7.834   14.791  -2.610  1.00 14.22 ? 122 HIS A CB  1 
ATOM   921  C  CG  . HIS A 1 120 ? 8.769   14.303  -1.537  1.00 15.58 ? 122 HIS A CG  1 
ATOM   922  N  ND1 . HIS A 1 120 ? 10.022  14.844  -1.330  1.00 16.64 ? 122 HIS A ND1 1 
ATOM   923  C  CD2 . HIS A 1 120 ? 8.626   13.320  -0.612  1.00 13.73 ? 122 HIS A CD2 1 
ATOM   924  C  CE1 . HIS A 1 120 ? 10.610  14.215  -0.314  1.00 13.39 ? 122 HIS A CE1 1 
ATOM   925  N  NE2 . HIS A 1 120 ? 9.779   13.292  0.143   1.00 13.07 ? 122 HIS A NE2 1 
ATOM   926  N  N   . VAL A 1 121 ? 5.088   14.699  -1.250  1.00 13.49 ? 123 VAL A N   1 
ATOM   927  C  CA  . VAL A 1 121 ? 4.315   14.079  -0.150  1.00 15.01 ? 123 VAL A CA  1 
ATOM   928  C  C   . VAL A 1 121 ? 4.363   12.586  -0.430  1.00 15.09 ? 123 VAL A C   1 
ATOM   929  O  O   . VAL A 1 121 ? 4.301   12.147  -1.601  1.00 16.92 ? 123 VAL A O   1 
ATOM   930  C  CB  . VAL A 1 121 ? 2.847   14.566  -0.071  1.00 16.04 ? 123 VAL A CB  1 
ATOM   931  C  CG1 . VAL A 1 121 ? 2.779   16.043  0.281   1.00 18.46 ? 123 VAL A CG1 1 
ATOM   932  C  CG2 . VAL A 1 121 ? 2.143   14.310  -1.355  1.00 18.68 ? 123 VAL A CG2 1 
ATOM   933  N  N   . ASP A 1 122 ? 4.508   11.804  0.617   1.00 14.41 ? 124 ASP A N   1 
ATOM   934  C  CA  . ASP A 1 122 ? 4.539   10.367  0.426   1.00 13.54 ? 124 ASP A CA  1 
ATOM   935  C  C   . ASP A 1 122 ? 3.729   9.627   1.476   1.00 13.81 ? 124 ASP A C   1 
ATOM   936  O  O   . ASP A 1 122 ? 3.341   10.209  2.515   1.00 13.59 ? 124 ASP A O   1 
ATOM   937  C  CB  . ASP A 1 122 ? 5.967   9.836   0.299   1.00 14.38 ? 124 ASP A CB  1 
ATOM   938  C  CG  . ASP A 1 122 ? 6.818   10.016  1.560   1.00 14.62 ? 124 ASP A CG  1 
ATOM   939  O  OD1 . ASP A 1 122 ? 6.345   10.517  2.602   1.00 16.98 ? 124 ASP A OD1 1 
ATOM   940  O  OD2 . ASP A 1 122 ? 8.024   9.692   1.550   1.00 18.34 ? 124 ASP A OD2 1 
ATOM   941  N  N   . PHE A 1 123 ? 3.479   8.356   1.163   1.00 13.46 ? 125 PHE A N   1 
ATOM   942  C  CA  . PHE A 1 123 ? 2.594   7.506   1.923   1.00 14.02 ? 125 PHE A CA  1 
ATOM   943  C  C   . PHE A 1 123 ? 3.134   6.099   1.837   1.00 12.97 ? 125 PHE A C   1 
ATOM   944  O  O   . PHE A 1 123 ? 3.847   5.763   0.891   1.00 12.29 ? 125 PHE A O   1 
ATOM   945  C  CB  . PHE A 1 123 ? 1.172   7.598   1.335   1.00 15.97 ? 125 PHE A CB  1 
ATOM   946  C  CG  . PHE A 1 123 ? 0.593   8.983   1.489   1.00 18.58 ? 125 PHE A CG  1 
ATOM   947  C  CD1 . PHE A 1 123 ? 0.592   9.857   0.421   1.00 23.30 ? 125 PHE A CD1 1 
ATOM   948  C  CD2 . PHE A 1 123 ? 0.190   9.428   2.741   1.00 23.34 ? 125 PHE A CD2 1 
ATOM   949  C  CE1 . PHE A 1 123 ? 0.115   11.173  0.573   1.00 23.49 ? 125 PHE A CE1 1 
ATOM   950  C  CE2 . PHE A 1 123 ? -0.281  10.744  2.918   1.00 23.15 ? 125 PHE A CE2 1 
ATOM   951  C  CZ  . PHE A 1 123 ? -0.326  11.594  1.827   1.00 23.50 ? 125 PHE A CZ  1 
ATOM   952  N  N   . ALA A 1 124 ? 2.768   5.289   2.826   1.00 11.96 ? 126 ALA A N   1 
ATOM   953  C  CA  . ALA A 1 124 ? 3.193   3.886   2.829   1.00 11.90 ? 126 ALA A CA  1 
ATOM   954  C  C   . ALA A 1 124 ? 2.191   3.108   3.667   1.00 12.08 ? 126 ALA A C   1 
ATOM   955  O  O   . ALA A 1 124 ? 1.592   3.652   4.595   1.00 11.65 ? 126 ALA A O   1 
ATOM   956  C  CB  . ALA A 1 124 ? 4.609   3.735   3.384   1.00 12.06 ? 126 ALA A CB  1 
ATOM   957  N  N   . TRP A 1 125 ? 2.047   1.837   3.313   1.00 12.28 ? 127 TRP A N   1 
ATOM   958  C  CA  . TRP A 1 125 ? 1.132   0.940   3.974   1.00 11.79 ? 127 TRP A CA  1 
ATOM   959  C  C   . TRP A 1 125 ? 1.887   -0.384  4.201   1.00 11.92 ? 127 TRP A C   1 
ATOM   960  O  O   . TRP A 1 125 ? 2.547   -0.876  3.304   1.00 12.27 ? 127 TRP A O   1 
ATOM   961  C  CB  . TRP A 1 125 ? -0.070  0.684   3.043   1.00 12.39 ? 127 TRP A CB  1 
ATOM   962  C  CG  . TRP A 1 125 ? -0.844  1.918   2.660   1.00 14.70 ? 127 TRP A CG  1 
ATOM   963  C  CD1 . TRP A 1 125 ? -2.011  2.361   3.237   1.00 15.96 ? 127 TRP A CD1 1 
ATOM   964  C  CD2 . TRP A 1 125 ? -0.558  2.827   1.592   1.00 14.37 ? 127 TRP A CD2 1 
ATOM   965  N  NE1 . TRP A 1 125 ? -2.438  3.513   2.620   1.00 16.12 ? 127 TRP A NE1 1 
ATOM   966  C  CE2 . TRP A 1 125 ? -1.574  3.820   1.601   1.00 15.99 ? 127 TRP A CE2 1 
ATOM   967  C  CE3 . TRP A 1 125 ? 0.477   2.927   0.627   1.00 14.47 ? 127 TRP A CE3 1 
ATOM   968  C  CZ2 . TRP A 1 125 ? -1.598  4.889   0.688   1.00 15.65 ? 127 TRP A CZ2 1 
ATOM   969  C  CZ3 . TRP A 1 125 ? 0.434   3.980   -0.298  1.00 15.61 ? 127 TRP A CZ3 1 
ATOM   970  C  CH2 . TRP A 1 125 ? -0.587  4.954   -0.248  1.00 15.35 ? 127 TRP A CH2 1 
ATOM   971  N  N   . ILE A 1 126 ? 1.757   -0.937  5.404   1.00 11.83 ? 128 ILE A N   1 
ATOM   972  C  CA  . ILE A 1 126 ? 2.174   -2.310  5.670   1.00 13.14 ? 128 ILE A CA  1 
ATOM   973  C  C   . ILE A 1 126 ? 0.900   -3.127  5.638   1.00 12.73 ? 128 ILE A C   1 
ATOM   974  O  O   . ILE A 1 126 ? -0.060  -2.864  6.389   1.00 12.64 ? 128 ILE A O   1 
ATOM   975  C  CB  . ILE A 1 126 ? 2.871   -2.401  7.026   1.00 13.12 ? 128 ILE A CB  1 
ATOM   976  C  CG1 . ILE A 1 126 ? 4.217   -1.653  6.907   1.00 14.38 ? 128 ILE A CG1 1 
ATOM   977  C  CG2 . ILE A 1 126 ? 3.069   -3.899  7.396   1.00 13.48 ? 128 ILE A CG2 1 
ATOM   978  C  CD1 . ILE A 1 126 ? 4.971   -1.407  8.242   1.00 14.93 ? 128 ILE A CD1 1 
ATOM   979  N  N   . LEU A 1 127 ? 0.880   -4.106  4.750   1.00 12.89 ? 129 LEU A N   1 
ATOM   980  C  CA  . LEU A 1 127 ? -0.296  -4.989  4.614   1.00 12.02 ? 129 LEU A CA  1 
ATOM   981  C  C   . LEU A 1 127 ? 0.053   -6.410  5.044   1.00 13.16 ? 129 LEU A C   1 
ATOM   982  O  O   . LEU A 1 127 ? 1.229   -6.813  5.018   1.00 13.02 ? 129 LEU A O   1 
ATOM   983  C  CB  . LEU A 1 127 ? -0.695  -5.050  3.143   1.00 13.89 ? 129 LEU A CB  1 
ATOM   984  C  CG  . LEU A 1 127 ? -0.905  -3.718  2.399   1.00 12.48 ? 129 LEU A CG  1 
ATOM   985  C  CD1 . LEU A 1 127 ? -1.310  -3.952  0.946   1.00 13.59 ? 129 LEU A CD1 1 
ATOM   986  C  CD2 . LEU A 1 127 ? -1.894  -2.842  3.114   1.00 11.58 ? 129 LEU A CD2 1 
ATOM   987  N  N   . ALA A 1 128 ? -0.964  -7.196  5.402   1.00 13.18 ? 130 ALA A N   1 
ATOM   988  C  CA  . ALA A 1 128 ? -0.721  -8.604  5.766   1.00 13.11 ? 130 ALA A CA  1 
ATOM   989  C  C   . ALA A 1 128 ? -1.864  -9.519  5.340   1.00 14.14 ? 130 ALA A C   1 
ATOM   990  O  O   . ALA A 1 128 ? -3.005  -9.071  5.154   1.00 13.63 ? 130 ALA A O   1 
ATOM   991  C  CB  . ALA A 1 128 ? -0.523  -8.737  7.283   1.00 13.04 ? 130 ALA A CB  1 
ATOM   992  N  N   . ARG A 1 129 ? -1.556  -10.813 5.204   1.00 15.10 ? 131 ARG A N   1 
ATOM   993  C  CA  . ARG A 1 129 ? -2.601  -11.787 4.885   1.00 15.87 ? 131 ARG A CA  1 
ATOM   994  C  C   . ARG A 1 129 ? -3.492  -12.046 6.113   1.00 16.96 ? 131 ARG A C   1 
ATOM   995  O  O   . ARG A 1 129 ? -4.693  -12.312 5.985   1.00 16.92 ? 131 ARG A O   1 
ATOM   996  C  CB  . ARG A 1 129 ? -1.976  -13.073 4.351   1.00 15.80 ? 131 ARG A CB  1 
ATOM   997  C  CG  . ARG A 1 129 ? -1.271  -12.896 3.011   1.00 17.46 ? 131 ARG A CG  1 
ATOM   998  C  CD  . ARG A 1 129 ? -2.232  -12.448 1.914   1.00 15.16 ? 131 ARG A CD  1 
ATOM   999  N  NE  . ARG A 1 129 ? -1.672  -12.614 0.584   1.00 15.13 ? 131 ARG A NE  1 
ATOM   1000 C  CZ  . ARG A 1 129 ? -2.316  -12.388 -0.545  1.00 12.43 ? 131 ARG A CZ  1 
ATOM   1001 N  NH1 . ARG A 1 129 ? -3.598  -11.981 -0.546  1.00 15.38 ? 131 ARG A NH1 1 
ATOM   1002 N  NH2 . ARG A 1 129 ? -1.678  -12.578 -1.693  1.00 15.47 ? 131 ARG A NH2 1 
ATOM   1003 N  N   . ASN A 1 130 ? -2.889  -11.931 7.290   1.00 17.51 ? 132 ASN A N   1 
ATOM   1004 C  CA  . ASN A 1 130 ? -3.592  -12.036 8.567   1.00 20.43 ? 132 ASN A CA  1 
ATOM   1005 C  C   . ASN A 1 130 ? -3.858  -10.650 9.125   1.00 20.13 ? 132 ASN A C   1 
ATOM   1006 O  O   . ASN A 1 130 ? -3.346  -9.639  8.587   1.00 19.64 ? 132 ASN A O   1 
ATOM   1007 C  CB  . ASN A 1 130 ? -2.741  -12.836 9.582   1.00 22.15 ? 132 ASN A CB  1 
ATOM   1008 C  CG  . ASN A 1 130 ? -2.632  -14.303 9.236   1.00 28.21 ? 132 ASN A CG  1 
ATOM   1009 O  OD1 . ASN A 1 130 ? -3.588  -14.924 8.740   1.00 35.78 ? 132 ASN A OD1 1 
ATOM   1010 N  ND2 . ASN A 1 130 ? -1.459  -14.890 9.518   1.00 34.34 ? 132 ASN A ND2 1 
ATOM   1011 N  N   . VAL A 1 131 ? -4.606  -10.590 10.232  1.00 19.46 ? 133 VAL A N   1 
ATOM   1012 C  CA  . VAL A 1 131 ? -4.973  -9.301  10.844  1.00 19.89 ? 133 VAL A CA  1 
ATOM   1013 C  C   . VAL A 1 131 ? -3.867  -8.684  11.727  1.00 20.00 ? 133 VAL A C   1 
ATOM   1014 O  O   . VAL A 1 131 ? -4.042  -7.611  12.286  1.00 20.83 ? 133 VAL A O   1 
ATOM   1015 C  CB  . VAL A 1 131 ? -6.321  -9.359  11.591  1.00 20.29 ? 133 VAL A CB  1 
ATOM   1016 C  CG1 . VAL A 1 131 ? -7.441  -9.783  10.642  1.00 21.39 ? 133 VAL A CG1 1 
ATOM   1017 C  CG2 . VAL A 1 131 ? -6.255  -10.284 12.807  1.00 21.43 ? 133 VAL A CG2 1 
ATOM   1018 N  N   . ALA A 1 132 ? -2.739  -9.368  11.832  1.00 20.40 ? 134 ALA A N   1 
ATOM   1019 C  CA  . ALA A 1 132 ? -1.593  -8.905  12.624  1.00 21.21 ? 134 ALA A CA  1 
ATOM   1020 C  C   . ALA A 1 132 ? -0.314  -9.473  12.041  1.00 20.93 ? 134 ALA A C   1 
ATOM   1021 O  O   . ALA A 1 132 ? -0.371  -10.448 11.310  1.00 21.43 ? 134 ALA A O   1 
ATOM   1022 C  CB  . ALA A 1 132 ? -1.732  -9.343  14.097  1.00 20.93 ? 134 ALA A CB  1 
ATOM   1023 N  N   . LEU A 1 133 ? 0.819   -8.831  12.355  1.00 21.05 ? 135 LEU A N   1 
ATOM   1024 C  CA  . LEU A 1 133 ? 2.155   -9.264  11.943  1.00 21.09 ? 135 LEU A CA  1 
ATOM   1025 C  C   . LEU A 1 133 ? 3.066   -9.301  13.159  1.00 21.61 ? 135 LEU A C   1 
ATOM   1026 O  O   . LEU A 1 133 ? 2.821   -8.571  14.113  1.00 21.75 ? 135 LEU A O   1 
ATOM   1027 C  CB  . LEU A 1 133 ? 2.775   -8.269  10.935  1.00 21.14 ? 135 LEU A CB  1 
ATOM   1028 C  CG  . LEU A 1 133 ? 2.303   -8.407  9.492   1.00 19.61 ? 135 LEU A CG  1 
ATOM   1029 C  CD1 . LEU A 1 133 ? 2.797   -7.186  8.671   1.00 18.91 ? 135 LEU A CD1 1 
ATOM   1030 C  CD2 . LEU A 1 133 ? 2.705   -9.747  8.851   1.00 19.90 ? 135 LEU A CD2 1 
ATOM   1031 N  N   . PRO A 1 134 ? 4.113   -10.128 13.140  1.00 22.95 ? 136 PRO A N   1 
ATOM   1032 C  CA  . PRO A 1 134 ? 5.124   -10.082 14.218  1.00 24.31 ? 136 PRO A CA  1 
ATOM   1033 C  C   . PRO A 1 134 ? 5.783   -8.705  14.265  1.00 24.65 ? 136 PRO A C   1 
ATOM   1034 O  O   . PRO A 1 134 ? 6.113   -8.157  13.200  1.00 24.26 ? 136 PRO A O   1 
ATOM   1035 C  CB  . PRO A 1 134 ? 6.166   -11.129 13.788  1.00 23.88 ? 136 PRO A CB  1 
ATOM   1036 C  CG  . PRO A 1 134 ? 5.523   -11.966 12.762  1.00 24.72 ? 136 PRO A CG  1 
ATOM   1037 C  CD  . PRO A 1 134 ? 4.414   -11.162 12.136  1.00 22.71 ? 136 PRO A CD  1 
ATOM   1038 N  N   . PRO A 1 135 ? 5.949   -8.129  15.466  1.00 26.53 ? 137 PRO A N   1 
ATOM   1039 C  CA  . PRO A 1 135 ? 6.632   -6.824  15.617  1.00 26.83 ? 137 PRO A CA  1 
ATOM   1040 C  C   . PRO A 1 135 ? 7.959   -6.770  14.858  1.00 26.89 ? 137 PRO A C   1 
ATOM   1041 O  O   . PRO A 1 135 ? 8.303   -5.730  14.309  1.00 27.07 ? 137 PRO A O   1 
ATOM   1042 C  CB  . PRO A 1 135 ? 6.874   -6.711  17.137  1.00 27.42 ? 137 PRO A CB  1 
ATOM   1043 C  CG  . PRO A 1 135 ? 5.891   -7.639  17.779  1.00 28.28 ? 137 PRO A CG  1 
ATOM   1044 C  CD  . PRO A 1 135 ? 5.455   -8.662  16.759  1.00 26.65 ? 137 PRO A CD  1 
ATOM   1045 N  N   . GLU A 1 136 ? 8.688   -7.884  14.809  1.00 26.57 ? 138 GLU A N   1 
ATOM   1046 C  CA  . GLU A 1 136 ? 9.936   -7.970  14.051  1.00 26.79 ? 138 GLU A CA  1 
ATOM   1047 C  C   . GLU A 1 136 ? 9.767   -7.736  12.544  1.00 25.95 ? 138 GLU A C   1 
ATOM   1048 O  O   . GLU A 1 136 ? 10.651  -7.148  11.906  1.00 24.83 ? 138 GLU A O   1 
ATOM   1049 C  CB  . GLU A 1 136 ? 10.668  -9.307  14.257  1.00 27.97 ? 138 GLU A CB  1 
ATOM   1050 C  CG  . GLU A 1 136 ? 9.796   -10.510 14.606  1.00 32.16 ? 138 GLU A CG  1 
ATOM   1051 C  CD  . GLU A 1 136 ? 9.412   -10.532 16.066  1.00 34.92 ? 138 GLU A CD  1 
ATOM   1052 O  OE1 . GLU A 1 136 ? 10.285  -10.858 16.929  1.00 40.19 ? 138 GLU A OE1 1 
ATOM   1053 O  OE2 . GLU A 1 136 ? 8.249   -10.207 16.360  1.00 34.03 ? 138 GLU A OE2 1 
ATOM   1054 N  N   . THR A 1 137 ? 8.663   -8.225  11.975  1.00 24.10 ? 139 THR A N   1 
ATOM   1055 C  CA  . THR A 1 137 ? 8.386   -7.997  10.557  1.00 22.56 ? 139 THR A CA  1 
ATOM   1056 C  C   . THR A 1 137 ? 8.057   -6.531  10.274  1.00 21.91 ? 139 THR A C   1 
ATOM   1057 O  O   . THR A 1 137 ? 8.609   -5.945  9.339   1.00 21.39 ? 139 THR A O   1 
ATOM   1058 C  CB  . THR A 1 137 ? 7.255   -8.929  10.076  1.00 22.88 ? 139 THR A CB  1 
ATOM   1059 O  OG1 . THR A 1 137 ? 7.676   -10.290 10.258  1.00 24.00 ? 139 THR A OG1 1 
ATOM   1060 C  CG2 . THR A 1 137 ? 7.046   -8.813  8.572   1.00 21.79 ? 139 THR A CG2 1 
ATOM   1061 N  N   . VAL A 1 138 ? 7.186   -5.955  11.098  1.00 21.63 ? 140 VAL A N   1 
ATOM   1062 C  CA  . VAL A 1 138 ? 6.798   -4.536  10.998  1.00 21.75 ? 140 VAL A CA  1 
ATOM   1063 C  C   . VAL A 1 138 ? 8.022   -3.615  11.140  1.00 21.80 ? 140 VAL A C   1 
ATOM   1064 O  O   . VAL A 1 138 ? 8.201   -2.662  10.364  1.00 20.38 ? 140 VAL A O   1 
ATOM   1065 C  CB  . VAL A 1 138 ? 5.718   -4.184  12.033  1.00 22.21 ? 140 VAL A CB  1 
ATOM   1066 C  CG1 . VAL A 1 138 ? 5.402   -2.677  12.031  1.00 22.44 ? 140 VAL A CG1 1 
ATOM   1067 C  CG2 . VAL A 1 138 ? 4.436   -4.998  11.773  1.00 22.31 ? 140 VAL A CG2 1 
ATOM   1068 N  N   . ASP A 1 139 ? 8.880   -3.911  12.119  1.00 22.21 ? 141 ASP A N   1 
ATOM   1069 C  CA  . ASP A 1 139 ? 10.153  -3.182  12.278  1.00 22.81 ? 141 ASP A CA  1 
ATOM   1070 C  C   . ASP A 1 139 ? 11.065  -3.296  11.070  1.00 21.37 ? 141 ASP A C   1 
ATOM   1071 O  O   . ASP A 1 139 ? 11.635  -2.300  10.631  1.00 21.27 ? 141 ASP A O   1 
ATOM   1072 C  CB  . ASP A 1 139 ? 10.905  -3.679  13.506  1.00 23.96 ? 141 ASP A CB  1 
ATOM   1073 C  CG  . ASP A 1 139 ? 10.233  -3.271  14.803  1.00 28.81 ? 141 ASP A CG  1 
ATOM   1074 O  OD1 . ASP A 1 139 ? 9.280   -2.461  14.777  1.00 36.80 ? 141 ASP A OD1 1 
ATOM   1075 O  OD2 . ASP A 1 139 ? 10.585  -3.721  15.913  1.00 36.45 ? 141 ASP A OD2 1 
ATOM   1076 N  N   . SER A 1 140 ? 11.218  -4.506  10.539  1.00 20.31 ? 142 SER A N   1 
ATOM   1077 C  CA  . SER A 1 140 ? 12.033  -4.706  9.354   1.00 20.55 ? 142 SER A CA  1 
ATOM   1078 C  C   . SER A 1 140 ? 11.516  -3.906  8.182   1.00 19.48 ? 142 SER A C   1 
ATOM   1079 O  O   . SER A 1 140 ? 12.290  -3.351  7.409   1.00 19.57 ? 142 SER A O   1 
ATOM   1080 C  CB  . SER A 1 140 ? 12.104  -6.179  8.991   1.00 21.19 ? 142 SER A CB  1 
ATOM   1081 O  OG  . SER A 1 140 ? 12.981  -6.869  9.887   1.00 25.00 ? 142 SER A OG  1 
ATOM   1082 N  N   . LEU A 1 141 ? 10.195  -3.851  8.039   1.00 17.55 ? 143 LEU A N   1 
ATOM   1083 C  CA  . LEU A 1 141 ? 9.607   -3.113  6.920   1.00 16.42 ? 143 LEU A CA  1 
ATOM   1084 C  C   . LEU A 1 141 ? 9.753   -1.600  7.108   1.00 16.14 ? 143 LEU A C   1 
ATOM   1085 O  O   . LEU A 1 141 ? 10.083  -0.875  6.161   1.00 16.43 ? 143 LEU A O   1 
ATOM   1086 C  CB  . LEU A 1 141 ? 8.136   -3.514  6.710   1.00 15.85 ? 143 LEU A CB  1 
ATOM   1087 C  CG  . LEU A 1 141 ? 7.939   -4.983  6.275   1.00 16.48 ? 143 LEU A CG  1 
ATOM   1088 C  CD1 . LEU A 1 141 ? 6.468   -5.363  6.324   1.00 15.42 ? 143 LEU A CD1 1 
ATOM   1089 C  CD2 . LEU A 1 141 ? 8.503   -5.276  4.889   1.00 16.80 ? 143 LEU A CD2 1 
ATOM   1090 N  N   . LYS A 1 142 ? 9.533   -1.121  8.319   1.00 17.24 ? 144 LYS A N   1 
ATOM   1091 C  CA  . LYS A 1 142 ? 9.778   0.287   8.617   1.00 18.53 ? 144 LYS A CA  1 
ATOM   1092 C  C   . LYS A 1 142 ? 11.243  0.641   8.362   1.00 19.45 ? 144 LYS A C   1 
ATOM   1093 O  O   . LYS A 1 142 ? 11.546  1.753   7.934   1.00 19.31 ? 144 LYS A O   1 
ATOM   1094 C  CB  . LYS A 1 142 ? 9.368   0.623   10.042  1.00 19.16 ? 144 LYS A CB  1 
ATOM   1095 C  CG  . LYS A 1 142 ? 7.858   0.577   10.274  1.00 16.94 ? 144 LYS A CG  1 
ATOM   1096 C  CD  . LYS A 1 142 ? 7.492   0.968   11.694  1.00 22.29 ? 144 LYS A CD  1 
ATOM   1097 C  CE  . LYS A 1 142 ? 5.993   1.108   11.794  1.00 21.02 ? 144 LYS A CE  1 
ATOM   1098 N  NZ  . LYS A 1 142 ? 5.530   1.621   13.105  1.00 23.26 ? 144 LYS A NZ  1 
ATOM   1099 N  N   . ASN A 1 143 ? 12.151  -0.304  8.611   1.00 19.94 ? 145 ASN A N   1 
ATOM   1100 C  CA  . ASN A 1 143 ? 13.570  -0.074  8.342   1.00 20.88 ? 145 ASN A CA  1 
ATOM   1101 C  C   . ASN A 1 143 ? 13.863  0.174   6.865   1.00 20.15 ? 145 ASN A C   1 
ATOM   1102 O  O   . ASN A 1 143 ? 14.747  0.966   6.547   1.00 20.64 ? 145 ASN A O   1 
ATOM   1103 C  CB  . ASN A 1 143 ? 14.450  -1.219  8.906   1.00 21.54 ? 145 ASN A CB  1 
ATOM   1104 C  CG  . ASN A 1 143 ? 14.543  -1.198  10.433  1.00 27.09 ? 145 ASN A CG  1 
ATOM   1105 O  OD1 . ASN A 1 143 ? 14.086  -0.252  11.088  1.00 30.77 ? 145 ASN A OD1 1 
ATOM   1106 N  ND2 . ASN A 1 143 ? 15.152  -2.241  11.008  1.00 30.22 ? 145 ASN A ND2 1 
ATOM   1107 N  N   . ILE A 1 144 ? 13.115  -0.472  5.961   1.00 18.55 ? 146 ILE A N   1 
ATOM   1108 C  CA  . ILE A 1 144 ? 13.263  -0.236  4.536   1.00 17.91 ? 146 ILE A CA  1 
ATOM   1109 C  C   . ILE A 1 144 ? 12.916  1.234   4.221   1.00 16.44 ? 146 ILE A C   1 
ATOM   1110 O  O   . ILE A 1 144 ? 13.621  1.890   3.446   1.00 16.65 ? 146 ILE A O   1 
ATOM   1111 C  CB  . ILE A 1 144 ? 12.349  -1.191  3.686   1.00 17.98 ? 146 ILE A CB  1 
ATOM   1112 C  CG1 . ILE A 1 144 ? 12.746  -2.655  3.907   1.00 18.20 ? 146 ILE A CG1 1 
ATOM   1113 C  CG2 . ILE A 1 144 ? 12.410  -0.820  2.176   1.00 18.63 ? 146 ILE A CG2 1 
ATOM   1114 C  CD1 . ILE A 1 144 ? 11.899  -3.668  3.089   1.00 18.64 ? 146 ILE A CD1 1 
ATOM   1115 N  N   . LEU A 1 145 ? 11.803  1.703   4.770   1.00 15.26 ? 147 LEU A N   1 
ATOM   1116 C  CA  . LEU A 1 145 ? 11.381  3.100   4.573   1.00 15.87 ? 147 LEU A CA  1 
ATOM   1117 C  C   . LEU A 1 145 ? 12.457  4.043   5.132   1.00 17.28 ? 147 LEU A C   1 
ATOM   1118 O  O   . LEU A 1 145 ? 12.984  4.900   4.417   1.00 16.98 ? 147 LEU A O   1 
ATOM   1119 C  CB  . LEU A 1 145 ? 10.025  3.382   5.252   1.00 16.60 ? 147 LEU A CB  1 
ATOM   1120 C  CG  . LEU A 1 145 ? 8.866   2.520   4.703   1.00 14.44 ? 147 LEU A CG  1 
ATOM   1121 C  CD1 . LEU A 1 145 ? 7.571   2.702   5.534   1.00 13.74 ? 147 LEU A CD1 1 
ATOM   1122 C  CD2 . LEU A 1 145 ? 8.666   2.781   3.201   1.00 14.52 ? 147 LEU A CD2 1 
ATOM   1123 N  N   . THR A 1 146 ? 12.780  3.873   6.406   1.00 18.67 ? 148 THR A N   1 
ATOM   1124 C  CA  . THR A 1 146 ? 13.774  4.737   7.068   1.00 20.68 ? 148 THR A CA  1 
ATOM   1125 C  C   . THR A 1 146 ? 15.119  4.813   6.319   1.00 21.05 ? 148 THR A C   1 
ATOM   1126 O  O   . THR A 1 146 ? 15.707  5.919   6.161   1.00 21.03 ? 148 THR A O   1 
ATOM   1127 C  CB  . THR A 1 146 ? 13.931  4.277   8.531   1.00 20.15 ? 148 THR A CB  1 
ATOM   1128 O  OG1 . THR A 1 146 ? 12.701  4.571   9.218   1.00 21.46 ? 148 THR A OG1 1 
ATOM   1129 C  CG2 . THR A 1 146 ? 14.971  5.137   9.280   1.00 23.48 ? 148 THR A CG2 1 
ATOM   1130 N  N   . SER A 1 147 ? 15.595  3.670   5.832   1.00 21.51 ? 149 SER A N   1 
ATOM   1131 C  CA  . SER A 1 147 ? 16.887  3.628   5.141   1.00 22.42 ? 149 SER A CA  1 
ATOM   1132 C  C   . SER A 1 147 ? 16.824  4.227   3.724   1.00 22.22 ? 149 SER A C   1 
ATOM   1133 O  O   . SER A 1 147 ? 17.843  4.391   3.068   1.00 21.87 ? 149 SER A O   1 
ATOM   1134 C  CB  . SER A 1 147 ? 17.418  2.192   5.122   1.00 22.88 ? 149 SER A CB  1 
ATOM   1135 O  OG  . SER A 1 147 ? 16.741  1.436   4.127   1.00 27.12 ? 149 SER A OG  1 
ATOM   1136 N  N   . ASN A 1 148 ? 15.611  4.539   3.253   1.00 21.70 ? 150 ASN A N   1 
ATOM   1137 C  CA  . ASN A 1 148 ? 15.418  5.208   1.971   1.00 21.45 ? 150 ASN A CA  1 
ATOM   1138 C  C   . ASN A 1 148 ? 14.917  6.648   2.164   1.00 22.08 ? 150 ASN A C   1 
ATOM   1139 O  O   . ASN A 1 148 ? 14.341  7.252   1.261   1.00 22.06 ? 150 ASN A O   1 
ATOM   1140 C  CB  . ASN A 1 148 ? 14.506  4.371   1.059   1.00 20.95 ? 150 ASN A CB  1 
ATOM   1141 C  CG  . ASN A 1 148 ? 15.223  3.190   0.457   1.00 21.43 ? 150 ASN A CG  1 
ATOM   1142 O  OD1 . ASN A 1 148 ? 16.010  3.341   -0.484  1.00 23.39 ? 150 ASN A OD1 1 
ATOM   1143 N  ND2 . ASN A 1 148 ? 14.967  2.001   0.991   1.00 19.92 ? 150 ASN A ND2 1 
ATOM   1144 N  N   . ASN A 1 149 ? 15.176  7.189   3.356   1.00 21.94 ? 151 ASN A N   1 
ATOM   1145 C  CA  . ASN A 1 149 ? 14.845  8.581   3.704   1.00 22.28 ? 151 ASN A CA  1 
ATOM   1146 C  C   . ASN A 1 149 ? 13.356  8.891   3.717   1.00 22.13 ? 151 ASN A C   1 
ATOM   1147 O  O   . ASN A 1 149 ? 12.947  10.035  3.487   1.00 22.45 ? 151 ASN A O   1 
ATOM   1148 C  CB  . ASN A 1 149 ? 15.600  9.559   2.803   1.00 23.55 ? 151 ASN A CB  1 
ATOM   1149 C  CG  . ASN A 1 149 ? 17.093  9.480   3.017   1.00 24.09 ? 151 ASN A CG  1 
ATOM   1150 O  OD1 . ASN A 1 149 ? 17.583  9.704   4.133   1.00 26.16 ? 151 ASN A OD1 1 
ATOM   1151 N  ND2 . ASN A 1 149 ? 17.824  9.140   1.957   1.00 24.95 ? 151 ASN A ND2 1 
ATOM   1152 N  N   . ILE A 1 150 ? 12.560  7.874   4.024   1.00 20.11 ? 152 ILE A N   1 
ATOM   1153 C  CA  . ILE A 1 150 ? 11.128  8.051   4.184   1.00 20.19 ? 152 ILE A CA  1 
ATOM   1154 C  C   . ILE A 1 150 ? 10.809  8.026   5.693   1.00 20.79 ? 152 ILE A C   1 
ATOM   1155 O  O   . ILE A 1 150 ? 11.160  7.059   6.412   1.00 21.11 ? 152 ILE A O   1 
ATOM   1156 C  CB  . ILE A 1 150 ? 10.388  6.935   3.408   1.00 18.63 ? 152 ILE A CB  1 
ATOM   1157 C  CG1 . ILE A 1 150 ? 10.677  7.043   1.903   1.00 19.28 ? 152 ILE A CG1 1 
ATOM   1158 C  CG2 . ILE A 1 150 ? 8.891   6.927   3.735   1.00 19.41 ? 152 ILE A CG2 1 
ATOM   1159 C  CD1 . ILE A 1 150 ? 10.658  5.693   1.179   1.00 21.13 ? 152 ILE A CD1 1 
ATOM   1160 N  N   . ASP A 1 151 ? 10.123  9.067   6.158   1.00 20.97 ? 153 ASP A N   1 
ATOM   1161 C  CA  . ASP A 1 151 ? 9.787   9.227   7.576   1.00 22.45 ? 153 ASP A CA  1 
ATOM   1162 C  C   . ASP A 1 151 ? 8.662   8.256   7.946   1.00 22.63 ? 153 ASP A C   1 
ATOM   1163 O  O   . ASP A 1 151 ? 7.625   8.226   7.270   1.00 22.60 ? 153 ASP A O   1 
ATOM   1164 C  CB  . ASP A 1 151 ? 9.360   10.677  7.842   1.00 23.11 ? 153 ASP A CB  1 
ATOM   1165 C  CG  . ASP A 1 151 ? 9.085   10.975  9.320   1.00 25.78 ? 153 ASP A CG  1 
ATOM   1166 O  OD1 . ASP A 1 151 ? 9.428   10.166  10.218  1.00 29.44 ? 153 ASP A OD1 1 
ATOM   1167 O  OD2 . ASP A 1 151 ? 8.537   12.048  9.681   1.00 32.25 ? 153 ASP A OD2 1 
ATOM   1168 N  N   . VAL A 1 152 ? 8.881   7.473   9.010   1.00 22.70 ? 154 VAL A N   1 
ATOM   1169 C  CA  . VAL A 1 152 ? 7.896   6.479   9.495   1.00 23.49 ? 154 VAL A CA  1 
ATOM   1170 C  C   . VAL A 1 152 ? 7.223   6.915   10.797  1.00 23.99 ? 154 VAL A C   1 
ATOM   1171 O  O   . VAL A 1 152 ? 6.347   6.228   11.312  1.00 22.81 ? 154 VAL A O   1 
ATOM   1172 C  CB  . VAL A 1 152 ? 8.525   5.070   9.723   1.00 23.12 ? 154 VAL A CB  1 
ATOM   1173 C  CG1 . VAL A 1 152 ? 9.173   4.523   8.471   1.00 21.85 ? 154 VAL A CG1 1 
ATOM   1174 C  CG2 . VAL A 1 152 ? 9.536   5.090   10.862  1.00 24.56 ? 154 VAL A CG2 1 
ATOM   1175 N  N   . LYS A 1 153 ? 7.649   8.050   11.340  1.00 25.09 ? 155 LYS A N   1 
ATOM   1176 C  CA  . LYS A 1 153 ? 7.205   8.465   12.669  1.00 27.10 ? 155 LYS A CA  1 
ATOM   1177 C  C   . LYS A 1 153 ? 5.724   8.848   12.766  1.00 26.21 ? 155 LYS A C   1 
ATOM   1178 O  O   . LYS A 1 153 ? 5.143   8.844   13.854  1.00 27.41 ? 155 LYS A O   1 
ATOM   1179 C  CB  . LYS A 1 153 ? 8.143   9.549   13.225  1.00 27.19 ? 155 LYS A CB  1 
ATOM   1180 C  CG  . LYS A 1 153 ? 9.448   8.932   13.731  1.00 29.31 ? 155 LYS A CG  1 
ATOM   1181 C  CD  . LYS A 1 153 ? 10.457  9.962   14.265  1.00 30.35 ? 155 LYS A CD  1 
ATOM   1182 C  CE  . LYS A 1 153 ? 11.522  10.282  13.223  1.00 36.35 ? 155 LYS A CE  1 
ATOM   1183 N  NZ  . LYS A 1 153 ? 10.998  11.190  12.162  1.00 40.01 ? 155 LYS A NZ  1 
ATOM   1184 N  N   . LYS A 1 154 ? 5.099   9.160   11.642  1.00 25.55 ? 156 LYS A N   1 
ATOM   1185 C  CA  . LYS A 1 154 ? 3.683   9.502   11.677  1.00 25.85 ? 156 LYS A CA  1 
ATOM   1186 C  C   . LYS A 1 154 ? 2.803   8.270   11.442  1.00 24.92 ? 156 LYS A C   1 
ATOM   1187 O  O   . LYS A 1 154 ? 1.593   8.373   11.448  1.00 25.43 ? 156 LYS A O   1 
ATOM   1188 C  CB  . LYS A 1 154 ? 3.354   10.588  10.661  1.00 26.78 ? 156 LYS A CB  1 
ATOM   1189 C  CG  . LYS A 1 154 ? 4.262   11.823  10.777  1.00 30.19 ? 156 LYS A CG  1 
ATOM   1190 C  CD  . LYS A 1 154 ? 3.452   13.105  10.717  1.00 34.90 ? 156 LYS A CD  1 
ATOM   1191 C  CE  . LYS A 1 154 ? 4.347   14.338  10.760  1.00 36.99 ? 156 LYS A CE  1 
ATOM   1192 N  NZ  . LYS A 1 154 ? 3.574   15.585  10.466  1.00 41.20 ? 156 LYS A NZ  1 
HETATM 1193 N  N   . MSE A 1 155 ? 3.419   7.114   11.231  1.00 23.52 ? 157 MSE A N   1 
HETATM 1194 C  CA  . MSE A 1 155 ? 2.657   5.900   10.925  1.00 23.58 ? 157 MSE A CA  1 
HETATM 1195 C  C   . MSE A 1 155 ? 1.762   5.516   12.090  1.00 22.74 ? 157 MSE A C   1 
HETATM 1196 O  O   . MSE A 1 155 ? 2.147   5.656   13.249  1.00 22.98 ? 157 MSE A O   1 
HETATM 1197 C  CB  . MSE A 1 155 ? 3.567   4.749   10.524  1.00 21.90 ? 157 MSE A CB  1 
HETATM 1198 C  CG  . MSE A 1 155 ? 4.197   5.001   9.160   1.00 23.33 ? 157 MSE A CG  1 
HETATM 1199 SE SE  . MSE A 1 155 ? 5.153   3.471   8.492   1.00 28.36 ? 157 MSE A SE  1 
HETATM 1200 C  CE  . MSE A 1 155 ? 3.609   2.584   7.536   1.00 22.06 ? 157 MSE A CE  1 
ATOM   1201 N  N   . THR A 1 156 ? 0.544   5.111   11.764  1.00 21.24 ? 158 THR A N   1 
ATOM   1202 C  CA  . THR A 1 156 ? -0.431  4.679   12.760  1.00 20.12 ? 158 THR A CA  1 
ATOM   1203 C  C   . THR A 1 156 ? -0.834  3.232   12.592  1.00 19.36 ? 158 THR A C   1 
ATOM   1204 O  O   . THR A 1 156 ? -0.786  2.700   11.494  1.00 16.52 ? 158 THR A O   1 
ATOM   1205 C  CB  . THR A 1 156 ? -1.675  5.542   12.707  1.00 20.12 ? 158 THR A CB  1 
ATOM   1206 O  OG1 . THR A 1 156 ? -2.283  5.447   11.419  1.00 20.47 ? 158 THR A OG1 1 
ATOM   1207 C  CG2 . THR A 1 156 ? -1.301  7.013   12.857  1.00 20.48 ? 158 THR A CG2 1 
ATOM   1208 N  N   . VAL A 1 157 ? -1.250  2.620   13.707  1.00 18.35 ? 159 VAL A N   1 
ATOM   1209 C  CA  . VAL A 1 157 ? -1.704  1.236   13.723  1.00 18.46 ? 159 VAL A CA  1 
ATOM   1210 C  C   . VAL A 1 157 ? -3.192  1.170   13.433  1.00 17.82 ? 159 VAL A C   1 
ATOM   1211 O  O   . VAL A 1 157 ? -4.017  1.762   14.152  1.00 17.52 ? 159 VAL A O   1 
ATOM   1212 C  CB  . VAL A 1 157 ? -1.397  0.544   15.096  1.00 18.94 ? 159 VAL A CB  1 
ATOM   1213 C  CG1 . VAL A 1 157 ? -1.903  -0.922  15.084  1.00 19.29 ? 159 VAL A CG1 1 
ATOM   1214 C  CG2 . VAL A 1 157 ? 0.076   0.610   15.393  1.00 18.91 ? 159 VAL A CG2 1 
ATOM   1215 N  N   . THR A 1 158 ? -3.548  0.461   12.360  1.00 16.01 ? 160 THR A N   1 
ATOM   1216 C  CA  . THR A 1 158 ? -4.932  0.334   11.958  1.00 16.04 ? 160 THR A CA  1 
ATOM   1217 C  C   . THR A 1 158 ? -5.658  -0.606  12.956  1.00 16.12 ? 160 THR A C   1 
ATOM   1218 O  O   . THR A 1 158 ? -5.078  -1.598  13.414  1.00 17.01 ? 160 THR A O   1 
ATOM   1219 C  CB  . THR A 1 158 ? -4.965  -0.238  10.549  1.00 16.38 ? 160 THR A CB  1 
ATOM   1220 O  OG1 . THR A 1 158 ? -4.270  0.671   9.686   1.00 18.01 ? 160 THR A OG1 1 
ATOM   1221 C  CG2 . THR A 1 158 ? -6.402  -0.308  10.004  1.00 15.92 ? 160 THR A CG2 1 
ATOM   1222 N  N   . ASP A 1 159 ? -6.893  -0.259  13.300  1.00 16.39 ? 161 ASP A N   1 
ATOM   1223 C  CA  . ASP A 1 159 ? -7.680  -1.101  14.228  1.00 17.02 ? 161 ASP A CA  1 
ATOM   1224 C  C   . ASP A 1 159 ? -8.198  -2.333  13.457  1.00 16.31 ? 161 ASP A C   1 
ATOM   1225 O  O   . ASP A 1 159 ? -9.106  -2.213  12.633  1.00 17.38 ? 161 ASP A O   1 
ATOM   1226 C  CB  . ASP A 1 159 ? -8.820  -0.261  14.798  1.00 17.31 ? 161 ASP A CB  1 
ATOM   1227 C  CG  . ASP A 1 159 ? -9.772  -1.050  15.682  1.00 19.39 ? 161 ASP A CG  1 
ATOM   1228 O  OD1 . ASP A 1 159 ? -9.528  -2.233  15.975  1.00 20.47 ? 161 ASP A OD1 1 
ATOM   1229 O  OD2 . ASP A 1 159 ? -10.813 -0.529  16.109  1.00 22.91 ? 161 ASP A OD2 1 
ATOM   1230 N  N   . GLN A 1 160 ? -7.568  -3.485  13.691  1.00 16.60 ? 162 GLN A N   1 
ATOM   1231 C  CA  . GLN A 1 160 ? -8.034  -4.741  13.156  1.00 16.97 ? 162 GLN A CA  1 
ATOM   1232 C  C   . GLN A 1 160 ? -8.616  -5.598  14.279  1.00 18.86 ? 162 GLN A C   1 
ATOM   1233 O  O   . GLN A 1 160 ? -8.989  -6.744  14.058  1.00 20.32 ? 162 GLN A O   1 
ATOM   1234 C  CB  . GLN A 1 160 ? -6.895  -5.507  12.488  1.00 16.99 ? 162 GLN A CB  1 
ATOM   1235 C  CG  . GLN A 1 160 ? -6.328  -4.854  11.245  1.00 16.31 ? 162 GLN A CG  1 
ATOM   1236 C  CD  . GLN A 1 160 ? -7.319  -4.791  10.096  1.00 16.29 ? 162 GLN A CD  1 
ATOM   1237 O  OE1 . GLN A 1 160 ? -8.365  -5.437  10.137  1.00 17.60 ? 162 GLN A OE1 1 
ATOM   1238 N  NE2 . GLN A 1 160 ? -7.002  -4.005  9.082   1.00 13.81 ? 162 GLN A NE2 1 
ATOM   1239 N  N   . VAL A 1 161 ? -8.708  -5.012  15.473  1.00 20.05 ? 163 VAL A N   1 
ATOM   1240 C  CA  . VAL A 1 161 ? -9.259  -5.712  16.644  1.00 20.61 ? 163 VAL A CA  1 
ATOM   1241 C  C   . VAL A 1 161 ? -10.800 -5.613  16.737  1.00 21.10 ? 163 VAL A C   1 
ATOM   1242 O  O   . VAL A 1 161 ? -11.487 -6.621  16.986  1.00 21.40 ? 163 VAL A O   1 
ATOM   1243 C  CB  . VAL A 1 161 ? -8.542  -5.195  17.939  1.00 21.25 ? 163 VAL A CB  1 
ATOM   1244 C  CG1 . VAL A 1 161 ? -9.285  -5.621  19.241  1.00 21.19 ? 163 VAL A CG1 1 
ATOM   1245 C  CG2 . VAL A 1 161 ? -7.109  -5.687  17.963  1.00 21.60 ? 163 VAL A CG2 1 
ATOM   1246 N  N   . ASN A 1 162 ? -11.350 -4.415  16.544  1.00 21.82 ? 164 ASN A N   1 
ATOM   1247 C  CA  . ASN A 1 162 ? -12.788 -4.225  16.713  1.00 23.11 ? 164 ASN A CA  1 
ATOM   1248 C  C   . ASN A 1 162 ? -13.543 -4.543  15.432  1.00 23.03 ? 164 ASN A C   1 
ATOM   1249 O  O   . ASN A 1 162 ? -14.224 -3.706  14.853  1.00 23.34 ? 164 ASN A O   1 
ATOM   1250 C  CB  . ASN A 1 162 ? -13.073 -2.821  17.209  1.00 23.44 ? 164 ASN A CB  1 
ATOM   1251 C  CG  . ASN A 1 162 ? -12.504 -2.584  18.577  1.00 26.54 ? 164 ASN A CG  1 
ATOM   1252 O  OD1 . ASN A 1 162 ? -12.632 -3.420  19.476  1.00 28.57 ? 164 ASN A OD1 1 
ATOM   1253 N  ND2 . ASN A 1 162 ? -11.854 -1.460  18.743  1.00 28.76 ? 164 ASN A ND2 1 
ATOM   1254 N  N   . CYS A 1 163 ? -13.413 -5.789  15.008  1.00 24.12 ? 165 CYS A N   1 
ATOM   1255 C  CA  . CYS A 1 163 ? -13.691 -6.171  13.632  1.00 24.99 ? 165 CYS A CA  1 
ATOM   1256 C  C   . CYS A 1 163 ? -14.365 -7.524  13.582  1.00 25.72 ? 165 CYS A C   1 
ATOM   1257 O  O   . CYS A 1 163 ? -14.195 -8.322  14.486  1.00 24.97 ? 165 CYS A O   1 
ATOM   1258 C  CB  . CYS A 1 163 ? -12.351 -6.258  12.863  1.00 24.86 ? 165 CYS A CB  1 
ATOM   1259 S  SG  . CYS A 1 163 ? -11.633 -4.631  12.669  1.00 24.52 ? 165 CYS A SG  1 
ATOM   1260 N  N   . PRO A 1 164 ? -15.101 -7.786  12.506  1.00 27.13 ? 166 PRO A N   1 
ATOM   1261 C  CA  . PRO A 1 164 ? -15.676 -9.096  12.292  1.00 29.04 ? 166 PRO A CA  1 
ATOM   1262 C  C   . PRO A 1 164 ? -14.587 -10.115 12.017  1.00 30.83 ? 166 PRO A C   1 
ATOM   1263 O  O   . PRO A 1 164 ? -13.506 -9.751  11.523  1.00 30.29 ? 166 PRO A O   1 
ATOM   1264 C  CB  . PRO A 1 164 ? -16.544 -8.893  11.045  1.00 28.77 ? 166 PRO A CB  1 
ATOM   1265 C  CG  . PRO A 1 164 ? -15.884 -7.770  10.318  1.00 28.72 ? 166 PRO A CG  1 
ATOM   1266 C  CD  . PRO A 1 164 ? -15.438 -6.849  11.417  1.00 26.97 ? 166 PRO A CD  1 
ATOM   1267 N  N   . LYS A 1 165 ? -14.859 -11.374 12.349  1.00 32.86 ? 167 LYS A N   1 
ATOM   1268 C  CA  . LYS A 1 165 ? -13.981 -12.475 11.970  1.00 35.81 ? 167 LYS A CA  1 
ATOM   1269 C  C   . LYS A 1 165 ? -14.295 -12.894 10.522  1.00 36.59 ? 167 LYS A C   1 
ATOM   1270 O  O   . LYS A 1 165 ? -15.412 -13.338 10.220  1.00 37.25 ? 167 LYS A O   1 
ATOM   1271 C  CB  . LYS A 1 165 ? -14.141 -13.657 12.935  1.00 36.25 ? 167 LYS A CB  1 
ATOM   1272 C  CG  . LYS A 1 165 ? -13.132 -14.782 12.696  1.00 37.02 ? 167 LYS A CG  1 
ATOM   1273 C  CD  . LYS A 1 165 ? -13.475 -16.027 13.508  1.00 38.10 ? 167 LYS A CD  1 
ATOM   1274 C  CE  . LYS A 1 165 ? -12.249 -16.958 13.601  1.00 40.74 ? 167 LYS A CE  1 
ATOM   1275 N  NZ  . LYS A 1 165 ? -12.129 -17.666 14.932  1.00 42.25 ? 167 LYS A NZ  1 
ATOM   1276 N  N   . LEU A 1 166 ? -13.310 -12.743 9.638   1.00 37.05 ? 168 LEU A N   1 
ATOM   1277 C  CA  . LEU A 1 166 ? -13.517 -12.917 8.203   1.00 37.77 ? 168 LEU A CA  1 
ATOM   1278 C  C   . LEU A 1 166 ? -12.747 -14.084 7.605   1.00 38.44 ? 168 LEU A C   1 
ATOM   1279 O  O   . LEU A 1 166 ? -12.158 -14.885 8.342   1.00 38.59 ? 168 LEU A O   1 
ATOM   1280 C  CB  . LEU A 1 166 ? -13.170 -11.619 7.463   1.00 37.69 ? 168 LEU A CB  1 
ATOM   1281 C  CG  . LEU A 1 166 ? -14.097 -10.432 7.749   1.00 37.30 ? 168 LEU A CG  1 
ATOM   1282 C  CD1 . LEU A 1 166 ? -13.630 -9.211  6.988   1.00 36.77 ? 168 LEU A CD1 1 
ATOM   1283 C  CD2 . LEU A 1 166 ? -15.556 -10.746 7.410   1.00 35.97 ? 168 LEU A CD2 1 
HETATM 1284 O  O   . HOH B 2 .   ? -5.256  -1.142  -1.930  1.00 17.69 ? 177 HOH A O   1 
HETATM 1285 O  O   . HOH B 2 .   ? -2.901  -3.221  12.755  1.00 19.00 ? 178 HOH A O   1 
HETATM 1286 O  O   . HOH B 2 .   ? -2.798  -5.534  13.610  1.00 23.18 ? 179 HOH A O   1 
HETATM 1287 O  O   . HOH B 2 .   ? -4.057  -5.955  15.941  1.00 38.70 ? 180 HOH A O   1 
HETATM 1288 O  O   . HOH B 2 .   ? -4.975  0.067   2.548   1.00 24.09 ? 181 HOH A O   1 
HETATM 1289 O  O   . HOH B 2 .   ? 0.091   -12.147 7.586   1.00 19.08 ? 182 HOH A O   1 
HETATM 1290 O  O   . HOH B 2 .   ? 2.707   -6.404  -12.123 1.00 24.47 ? 183 HOH A O   1 
HETATM 1291 O  O   . HOH B 2 .   ? -3.976  3.374   10.592  1.00 21.03 ? 184 HOH A O   1 
HETATM 1292 O  O   . HOH B 2 .   ? 6.288   4.324   13.260  1.00 23.19 ? 185 HOH A O   1 
HETATM 1293 O  O   . HOH B 2 .   ? 1.485   9.506   -3.779  1.00 23.55 ? 186 HOH A O   1 
HETATM 1294 O  O   . HOH B 2 .   ? -8.047  2.283   12.400  1.00 21.01 ? 187 HOH A O   1 
HETATM 1295 O  O   . HOH B 2 .   ? 10.564  -9.201  1.481   1.00 32.89 ? 188 HOH A O   1 
HETATM 1296 O  O   . HOH B 2 .   ? -6.284  3.244   4.419   1.00 24.76 ? 189 HOH A O   1 
HETATM 1297 O  O   . HOH B 2 .   ? 12.023  17.485  4.493   1.00 29.61 ? 190 HOH A O   1 
HETATM 1298 O  O   . HOH B 2 .   ? 19.605  8.824   5.248   1.00 25.02 ? 191 HOH A O   1 
HETATM 1299 O  O   . HOH B 2 .   ? -7.857  -0.635  1.790   1.00 28.29 ? 192 HOH A O   1 
HETATM 1300 O  O   . HOH B 2 .   ? -6.895  -14.007 -0.253  1.00 27.85 ? 193 HOH A O   1 
HETATM 1301 O  O   . HOH B 2 .   ? 4.705   12.979  -8.928  1.00 25.38 ? 194 HOH A O   1 
HETATM 1302 O  O   . HOH B 2 .   ? 6.124   6.368   -5.657  1.00 25.78 ? 195 HOH A O   1 
HETATM 1303 O  O   . HOH B 2 .   ? 14.718  -4.170  6.713   1.00 31.07 ? 196 HOH A O   1 
HETATM 1304 O  O   . HOH B 2 .   ? 10.094  11.325  2.039   1.00 23.35 ? 197 HOH A O   1 
HETATM 1305 O  O   . HOH B 2 .   ? -18.896 3.426   0.016   1.00 29.18 ? 198 HOH A O   1 
HETATM 1306 O  O   . HOH B 2 .   ? -19.128 6.300   12.192  1.00 27.69 ? 199 HOH A O   1 
HETATM 1307 O  O   . HOH B 2 .   ? 4.983   18.372  -9.369  1.00 27.10 ? 200 HOH A O   1 
HETATM 1308 O  O   . HOH B 2 .   ? -6.133  -12.377 3.645   1.00 22.72 ? 201 HOH A O   1 
HETATM 1309 O  O   . HOH B 2 .   ? 0.255   -6.264  13.943  1.00 28.26 ? 202 HOH A O   1 
HETATM 1310 O  O   . HOH B 2 .   ? 5.568   9.021   8.847   1.00 27.68 ? 203 HOH A O   1 
HETATM 1311 O  O   . HOH B 2 .   ? -4.921  4.882   2.901   1.00 26.61 ? 204 HOH A O   1 
HETATM 1312 O  O   . HOH B 2 .   ? 9.082   -10.643 -12.046 1.00 30.76 ? 205 HOH A O   1 
HETATM 1313 O  O   . HOH B 2 .   ? 13.602  -7.061  -3.333  1.00 31.33 ? 206 HOH A O   1 
HETATM 1314 O  O   . HOH B 2 .   ? 10.297  3.501   -5.764  1.00 27.59 ? 207 HOH A O   1 
HETATM 1315 O  O   . HOH B 2 .   ? -5.369  -3.465  15.689  1.00 22.44 ? 208 HOH A O   1 
HETATM 1316 O  O   . HOH B 2 .   ? -22.756 0.445   4.977   1.00 25.92 ? 209 HOH A O   1 
HETATM 1317 O  O   . HOH B 2 .   ? -10.276 -8.949  -12.345 1.00 30.39 ? 210 HOH A O   1 
HETATM 1318 O  O   . HOH B 2 .   ? 10.070  14.051  -7.404  1.00 27.34 ? 211 HOH A O   1 
HETATM 1319 O  O   . HOH B 2 .   ? -0.140  5.938   3.804   1.00 27.04 ? 212 HOH A O   1 
HETATM 1320 O  O   . HOH B 2 .   ? 1.910   -3.103  14.263  1.00 36.55 ? 213 HOH A O   1 
HETATM 1321 O  O   . HOH B 2 .   ? -8.309  -12.539 -6.256  1.00 34.19 ? 214 HOH A O   1 
HETATM 1322 O  O   . HOH B 2 .   ? 9.143   11.031  4.112   1.00 29.66 ? 215 HOH A O   1 
HETATM 1323 O  O   . HOH B 2 .   ? -13.400 -4.012  -7.526  1.00 34.17 ? 216 HOH A O   1 
HETATM 1324 O  O   . HOH B 2 .   ? -4.836  1.994   -13.439 1.00 21.76 ? 217 HOH A O   1 
HETATM 1325 O  O   . HOH B 2 .   ? -18.710 8.165   9.815   1.00 42.49 ? 218 HOH A O   1 
HETATM 1326 O  O   . HOH B 2 .   ? 6.779   10.097  5.282   1.00 30.68 ? 219 HOH A O   1 
HETATM 1327 O  O   . HOH B 2 .   ? 5.853   -11.987 8.900   1.00 26.80 ? 220 HOH A O   1 
HETATM 1328 O  O   . HOH B 2 .   ? 9.449   -12.303 -5.276  1.00 30.93 ? 221 HOH A O   1 
HETATM 1329 O  O   . HOH B 2 .   ? -5.630  -13.103 10.640  1.00 34.27 ? 222 HOH A O   1 
HETATM 1330 O  O   . HOH B 2 .   ? -7.200  -13.022 -9.237  1.00 22.71 ? 223 HOH A O   1 
HETATM 1331 O  O   . HOH B 2 .   ? 10.549  -6.982  -9.540  1.00 29.14 ? 224 HOH A O   1 
HETATM 1332 O  O   . HOH B 2 .   ? 9.747   -4.830  -10.198 1.00 23.86 ? 225 HOH A O   1 
HETATM 1333 O  O   . HOH B 2 .   ? 3.638   -13.476 9.481   1.00 33.03 ? 226 HOH A O   1 
HETATM 1334 O  O   . HOH B 2 .   ? 1.002   -12.598 10.391  1.00 32.26 ? 227 HOH A O   1 
HETATM 1335 O  O   . HOH B 2 .   ? -7.424  2.475   -15.015 1.00 36.96 ? 228 HOH A O   1 
HETATM 1336 O  O   . HOH B 2 .   ? 14.346  13.827  -1.270  1.00 28.75 ? 229 HOH A O   1 
HETATM 1337 O  O   . HOH B 2 .   ? 13.586  -1.394  -10.240 1.00 37.00 ? 230 HOH A O   1 
HETATM 1338 O  O   . HOH B 2 .   ? -4.539  1.629   -17.952 1.00 37.36 ? 231 HOH A O   1 
HETATM 1339 O  O   . HOH B 2 .   ? -6.404  -14.292 7.143   1.00 38.66 ? 232 HOH A O   1 
HETATM 1340 O  O   . HOH B 2 .   ? 6.879   13.254  8.343   1.00 34.87 ? 233 HOH A O   1 
HETATM 1341 O  O   . HOH B 2 .   ? 6.100   -4.758  -15.874 1.00 31.76 ? 234 HOH A O   1 
HETATM 1342 O  O   . HOH B 2 .   ? 12.754  -2.466  -1.336  1.00 38.53 ? 235 HOH A O   1 
HETATM 1343 O  O   . HOH B 2 .   ? -8.837  3.449   -0.497  1.00 32.30 ? 236 HOH A O   1 
HETATM 1344 O  O   . HOH B 2 .   ? 5.345   -1.629  -14.129 1.00 39.62 ? 237 HOH A O   1 
HETATM 1345 O  O   . HOH B 2 .   ? -15.885 3.090   -6.404  1.00 35.20 ? 238 HOH A O   1 
HETATM 1346 O  O   . HOH B 2 .   ? 9.033   6.749   -5.632  1.00 37.42 ? 239 HOH A O   1 
HETATM 1347 O  O   . HOH B 2 .   ? 6.847   -16.606 0.043   1.00 32.33 ? 240 HOH A O   1 
HETATM 1348 O  O   . HOH B 2 .   ? -5.290  1.385   16.476  1.00 41.59 ? 241 HOH A O   1 
HETATM 1349 O  O   . HOH B 2 .   ? 14.233  -1.440  -7.801  1.00 31.66 ? 242 HOH A O   1 
HETATM 1350 O  O   . HOH B 2 .   ? -4.476  6.783   11.369  1.00 39.66 ? 243 HOH A O   1 
HETATM 1351 O  O   . HOH B 2 .   ? 2.621   3.119   14.492  1.00 36.78 ? 244 HOH A O   1 
HETATM 1352 O  O   . HOH B 2 .   ? -12.505 -1.745  -10.905 1.00 35.57 ? 245 HOH A O   1 
HETATM 1353 O  O   . HOH B 2 .   ? -7.951  4.482   9.511   1.00 32.06 ? 246 HOH A O   1 
HETATM 1354 O  O   . HOH B 2 .   ? 13.340  1.904   -7.572  1.00 33.02 ? 247 HOH A O   1 
HETATM 1355 O  O   . HOH B 2 .   ? 15.245  10.678  -4.364  1.00 36.19 ? 248 HOH A O   1 
HETATM 1356 O  O   . HOH B 2 .   ? 4.994   -10.294 -12.065 1.00 25.05 ? 249 HOH A O   1 
HETATM 1357 O  O   . HOH B 2 .   ? -15.597 6.168   11.657  1.00 33.70 ? 250 HOH A O   1 
HETATM 1358 O  O   . HOH B 2 .   ? 12.508  11.047  -7.472  1.00 39.13 ? 251 HOH A O   1 
HETATM 1359 O  O   . HOH B 2 .   ? 13.497  15.537  2.863   1.00 34.27 ? 252 HOH A O   1 
HETATM 1360 O  O   . HOH B 2 .   ? 9.630   16.666  -5.882  1.00 33.23 ? 253 HOH A O   1 
HETATM 1361 O  O   . HOH B 2 .   ? -1.398  4.354   -4.045  1.00 36.75 ? 254 HOH A O   1 
HETATM 1362 O  O   . HOH B 2 .   ? -13.859 3.020   -10.183 1.00 35.15 ? 255 HOH A O   1 
HETATM 1363 O  O   . HOH B 2 .   ? 6.703   -16.492 4.028   1.00 31.52 ? 256 HOH A O   1 
HETATM 1364 O  O   . HOH B 2 .   ? 13.153  -6.316  13.038  1.00 35.28 ? 257 HOH A O   1 
HETATM 1365 O  O   . HOH B 2 .   ? 2.346   16.024  -8.949  1.00 25.96 ? 258 HOH A O   1 
HETATM 1366 O  O   . HOH B 2 .   ? 10.222  4.974   -10.387 1.00 37.35 ? 259 HOH A O   1 
HETATM 1367 O  O   . HOH B 2 .   ? -8.901  4.046   4.472   1.00 39.70 ? 260 HOH A O   1 
HETATM 1368 O  O   . HOH B 2 .   ? 12.248  -9.498  10.348  1.00 36.90 ? 261 HOH A O   1 
HETATM 1369 O  O   . HOH B 2 .   ? 10.111  -12.324 -0.683  1.00 38.56 ? 262 HOH A O   1 
HETATM 1370 O  O   . HOH B 2 .   ? -18.702 -4.736  -3.680  1.00 36.19 ? 263 HOH A O   1 
HETATM 1371 O  O   . HOH B 2 .   ? -20.501 0.010   1.173   1.00 35.72 ? 264 HOH A O   1 
HETATM 1372 O  O   . HOH B 2 .   ? -12.096 -2.642  -13.473 1.00 38.48 ? 265 HOH A O   1 
HETATM 1373 O  O   . HOH B 2 .   ? 9.946   -10.930 11.131  1.00 34.70 ? 266 HOH A O   1 
HETATM 1374 O  O   . HOH B 2 .   ? 13.938  -8.253  -10.083 1.00 37.43 ? 267 HOH A O   1 
HETATM 1375 O  O   . HOH B 2 .   ? 3.649   10.486  -8.594  1.00 34.94 ? 268 HOH A O   1 
HETATM 1376 O  O   . HOH B 2 .   ? -0.094  11.175  -7.466  1.00 37.45 ? 269 HOH A O   1 
HETATM 1377 O  O   . HOH B 2 .   ? -10.420 -11.567 9.823   1.00 41.13 ? 270 HOH A O   1 
HETATM 1378 O  O   . HOH B 2 .   ? -24.820 0.481   11.486  1.00 38.61 ? 271 HOH A O   1 
HETATM 1379 O  O   . HOH B 2 .   ? -11.091 2.041   15.922  1.00 41.63 ? 272 HOH A O   1 
HETATM 1380 O  O   . HOH B 2 .   ? 0.146   -16.056 -2.755  1.00 34.05 ? 273 HOH A O   1 
HETATM 1381 O  O   . HOH B 2 .   ? -10.379 1.544   2.713   1.00 41.27 ? 274 HOH A O   1 
HETATM 1382 O  O   . HOH B 2 .   ? -11.828 -6.335  7.189   1.00 23.86 ? 275 HOH A O   1 
HETATM 1383 O  O   . HOH B 2 .   ? 13.435  -4.502  -12.777 1.00 38.42 ? 276 HOH A O   1 
HETATM 1384 O  O   . HOH B 2 .   ? 13.978  12.171  0.617   1.00 42.45 ? 277 HOH A O   1 
HETATM 1385 O  O   . HOH B 2 .   ? 18.423  1.922   -0.470  1.00 39.54 ? 278 HOH A O   1 
HETATM 1386 O  O   . HOH B 2 .   ? 15.881  -4.400  9.081   1.00 38.94 ? 279 HOH A O   1 
HETATM 1387 O  O   . HOH B 2 .   ? 7.426   -16.550 -8.344  1.00 42.48 ? 280 HOH A O   1 
HETATM 1388 O  O   . HOH B 2 .   ? -9.839  -7.441  10.751  1.00 35.13 ? 281 HOH A O   1 
HETATM 1389 O  O   . HOH B 2 .   ? 12.094  12.568  4.589   1.00 37.42 ? 282 HOH A O   1 
HETATM 1390 O  O   . HOH B 2 .   ? -3.576  4.134   -14.249 1.00 36.99 ? 283 HOH A O   1 
HETATM 1391 O  O   . HOH B 2 .   ? -9.411  -12.780 -11.182 1.00 38.01 ? 284 HOH A O   1 
HETATM 1392 O  O   . HOH B 2 .   ? -10.083 2.884   -12.380 1.00 41.91 ? 285 HOH A O   1 
HETATM 1393 O  O   . HOH B 2 .   ? -13.527 -10.538 16.494  1.00 40.12 ? 286 HOH A O   1 
HETATM 1394 O  O   . HOH B 2 .   ? -15.287 6.902   -12.018 1.00 41.15 ? 287 HOH A O   1 
HETATM 1395 O  O   . HOH B 2 .   ? -12.366 2.179   1.653   1.00 40.58 ? 288 HOH A O   1 
HETATM 1396 O  O   . HOH B 2 .   ? -4.348  9.283   -14.919 1.00 35.46 ? 289 HOH A O   1 
HETATM 1397 O  O   . HOH B 2 .   ? -9.846  -10.363 -2.307  1.00 25.04 ? 290 HOH A O   1 
HETATM 1398 O  O   . HOH B 2 .   ? 16.847  10.343  6.616   1.00 34.97 ? 291 HOH A O   1 
HETATM 1399 O  O   . HOH B 2 .   ? -5.694  4.172   12.460  1.00 38.58 ? 292 HOH A O   1 
HETATM 1400 O  O   . HOH B 2 .   ? -10.373 8.736   -6.385  1.00 42.35 ? 293 HOH A O   1 
HETATM 1401 O  O   . HOH B 2 .   ? 9.964   -8.290  -15.457 1.00 45.01 ? 294 HOH A O   1 
HETATM 1402 O  O   . HOH B 2 .   ? 3.875   12.578  4.021   1.00 38.33 ? 295 HOH A O   1 
HETATM 1403 O  O   . HOH B 2 .   ? 14.619  18.589  -6.888  1.00 40.42 ? 296 HOH A O   1 
HETATM 1404 O  O   . HOH B 2 .   ? -19.321 -2.513  0.221   1.00 31.57 ? 297 HOH A O   1 
HETATM 1405 O  O   . HOH B 2 .   ? 17.223  4.961   -1.789  1.00 42.09 ? 298 HOH A O   1 
HETATM 1406 O  O   . HOH B 2 .   ? -10.673 -9.096  17.205  1.00 42.92 ? 299 HOH A O   1 
HETATM 1407 O  O   . HOH B 2 .   ? 15.191  8.247   7.617   1.00 30.70 ? 300 HOH A O   1 
HETATM 1408 O  O   . HOH B 2 .   ? -3.258  -16.338 -8.862  1.00 41.50 ? 301 HOH A O   1 
HETATM 1409 O  O   . HOH B 2 .   ? 7.116   18.600  -10.979 1.00 41.72 ? 302 HOH A O   1 
HETATM 1410 O  O   . HOH B 2 .   ? -11.113 4.567   13.528  1.00 40.24 ? 303 HOH A O   1 
HETATM 1411 O  O   . HOH B 2 .   ? 8.035   -6.775  -16.542 1.00 40.15 ? 304 HOH A O   1 
HETATM 1412 O  O   . HOH B 2 .   ? -3.224  -9.189  -14.536 1.00 40.78 ? 305 HOH A O   1 
HETATM 1413 O  O   . HOH B 2 .   ? 2.772   5.291   -16.548 1.00 40.15 ? 306 HOH A O   1 
HETATM 1414 O  O   . HOH B 2 .   ? 8.169   12.287  -8.726  1.00 37.95 ? 307 HOH A O   1 
HETATM 1415 O  O   . HOH B 2 .   ? 17.246  9.689   -1.071  1.00 43.87 ? 308 HOH A O   1 
HETATM 1416 O  O   . HOH B 2 .   ? -25.002 -1.580  9.516   1.00 38.18 ? 309 HOH A O   1 
HETATM 1417 O  O   . HOH B 2 .   ? -0.070  -14.742 7.276   1.00 40.47 ? 310 HOH A O   1 
HETATM 1418 O  O   . HOH B 2 .   ? -3.018  2.810   -2.777  1.00 33.17 ? 311 HOH A O   1 
HETATM 1419 O  O   . HOH B 2 .   ? 3.429   -8.425  -13.955 1.00 37.91 ? 312 HOH A O   1 
HETATM 1420 O  O   . HOH B 2 .   ? -2.421  8.188   -1.598  1.00 41.69 ? 313 HOH A O   1 
HETATM 1421 O  O   . HOH B 2 .   ? -9.189  3.416   14.553  1.00 37.73 ? 314 HOH A O   1 
HETATM 1422 O  O   . HOH B 2 .   ? -5.057  -15.135 1.781   1.00 40.62 ? 315 HOH A O   1 
HETATM 1423 O  O   . HOH B 2 .   ? 5.118   11.194  7.184   1.00 35.83 ? 316 HOH A O   1 
HETATM 1424 O  O   . HOH B 2 .   ? 11.107  16.073  -9.089  1.00 40.04 ? 317 HOH A O   1 
HETATM 1425 O  O   . HOH B 2 .   ? -7.352  -14.723 -5.097  1.00 39.32 ? 318 HOH A O   1 
HETATM 1426 O  O   . HOH B 2 .   ? -4.119  -13.569 13.498  1.00 38.78 ? 319 HOH A O   1 
HETATM 1427 O  O   . HOH B 2 .   ? 12.053  -3.907  -10.590 1.00 24.16 ? 320 HOH A O   1 
HETATM 1428 O  O   . HOH B 2 .   ? 9.123   -14.890 -0.142  1.00 34.00 ? 321 HOH A O   1 
HETATM 1429 O  O   . HOH B 2 .   ? 14.422  -3.803  -6.990  1.00 42.53 ? 322 HOH A O   1 
HETATM 1430 O  O   . HOH B 2 .   ? -0.771  16.283  -7.793  1.00 34.46 ? 323 HOH A O   1 
HETATM 1431 O  O   . HOH B 2 .   ? -26.399 -0.229  13.672  1.00 43.71 ? 324 HOH A O   1 
HETATM 1432 O  O   . HOH B 2 .   ? -13.629 2.798   15.034  1.00 46.00 ? 325 HOH A O   1 
HETATM 1433 O  O   . HOH B 2 .   ? -6.121  -6.163  -17.984 1.00 43.28 ? 326 HOH A O   1 
HETATM 1434 O  O   . HOH B 2 .   ? 3.453   6.759   -11.448 1.00 39.20 ? 327 HOH A O   1 
HETATM 1435 O  O   . HOH B 2 .   ? 9.089   -15.094 -2.325  1.00 40.87 ? 328 HOH A O   1 
# 
